data_6JJO
#
_entry.id   6JJO
#
_cell.length_a   217.148
_cell.length_b   123.518
_cell.length_c   140.558
_cell.angle_alpha   90.000
_cell.angle_beta   118.000
_cell.angle_gamma   90.000
#
_symmetry.space_group_name_H-M   'C 1 2 1'
#
loop_
_entity.id
_entity.type
_entity.pdbx_description
1 polymer 'Periplasmic serine endoprotease DegP'
2 polymer 'TMB-CYRKL modulator'
#
loop_
_entity_poly.entity_id
_entity_poly.type
_entity_poly.pdbx_seq_one_letter_code
_entity_poly.pdbx_strand_id
1 'polypeptide(L)'
;MGSSHHHHHHSSGLVPRGSHMAETSSATTAQQMPSLAPMLEKVMPSVVSINVEGSTTVNTPRMPRNFQQFFGDDSPFCQE
GSPFQSSPFCQGGQGGNGGGQQQKFMALGSGVIIDADKGYVVTNNHVVDNATVIKVQLSDGRKFDAKMVGKDPRSDIALI
QIQNPKNLTAIKMADSDALRVGDYTVAIGNPFGLGETVTSGIVSALGRSGLNAENYENFIQTDAAINRGNAGGALVNLNG
ELIGINTAILAPDGGNIGIGFAIPSNMVKNLTSQMVEYGQVKRGELGIMGTELNSELAKAMKVDAQRGAFVSQVLPNSSA
AKAGIKAGDVITSLNGKPISSFAALRAQVGTMPVGSKLTLGLLRDGKQVNVNLELQQSSQNQVDSSSIFNGIEGAEMSNK
GKDQGVVVNNVKTGTPAAQIGLKKGDVIIGANQQAVKNIAELRKVLDSKPSVLALNIQRGDSTIYLLMQ
;
A,B,C,D,E,F
2 'polypeptide(L)' CYRKL G,M,H,N,I,O,J,P,K,Q,L,R
#
# COMPACT_ATOMS: atom_id res chain seq x y z
N ALA A 30 13.18 60.23 -3.25
CA ALA A 30 13.36 60.74 -1.89
C ALA A 30 12.03 61.21 -1.30
N GLN A 31 11.30 60.28 -0.68
CA GLN A 31 10.03 60.61 -0.06
C GLN A 31 9.74 59.60 1.06
N GLN A 32 8.54 59.05 1.11
CA GLN A 32 8.09 58.25 2.25
C GLN A 32 7.03 57.28 1.79
N MET A 33 7.26 55.98 1.97
CA MET A 33 6.44 54.85 1.56
C MET A 33 5.74 54.21 2.76
N PRO A 34 4.45 53.92 2.63
CA PRO A 34 3.74 53.22 3.70
C PRO A 34 4.20 51.78 3.81
N SER A 35 4.37 51.31 5.04
CA SER A 35 4.91 49.98 5.28
C SER A 35 4.37 49.44 6.60
N LEU A 36 4.30 48.11 6.66
CA LEU A 36 3.89 47.40 7.87
C LEU A 36 5.05 46.88 8.70
N ALA A 37 6.28 47.01 8.20
CA ALA A 37 7.45 46.58 8.96
C ALA A 37 7.52 47.16 10.36
N PRO A 38 7.17 48.43 10.62
CA PRO A 38 7.12 48.89 12.02
C PRO A 38 6.19 48.05 12.88
N MET A 39 5.01 47.71 12.35
CA MET A 39 4.07 46.90 13.10
C MET A 39 4.54 45.46 13.23
N LEU A 40 5.06 44.88 12.14
CA LEU A 40 5.43 43.47 12.17
C LEU A 40 6.64 43.22 13.08
N GLU A 41 7.65 44.09 13.00
CA GLU A 41 8.86 43.88 13.79
C GLU A 41 8.56 43.80 15.28
N LYS A 42 7.43 44.35 15.73
CA LYS A 42 7.03 44.21 17.12
C LYS A 42 6.29 42.90 17.37
N VAL A 43 5.46 42.47 16.43
CA VAL A 43 4.47 41.44 16.67
C VAL A 43 4.95 40.07 16.23
N MET A 44 5.66 39.98 15.10
CA MET A 44 6.13 38.69 14.57
C MET A 44 6.72 37.76 15.63
N PRO A 45 7.65 38.18 16.52
CA PRO A 45 8.20 37.23 17.49
C PRO A 45 7.14 36.53 18.34
N SER A 46 5.96 37.14 18.45
CA SER A 46 4.88 36.54 19.23
C SER A 46 4.25 35.34 18.57
N VAL A 47 4.55 35.07 17.30
CA VAL A 47 3.99 33.94 16.57
C VAL A 47 5.10 32.92 16.32
N VAL A 48 4.80 31.65 16.61
CA VAL A 48 5.80 30.60 16.54
C VAL A 48 5.32 29.52 15.58
N SER A 49 6.27 28.71 15.14
CA SER A 49 6.00 27.54 14.33
C SER A 49 6.11 26.28 15.17
N ILE A 50 5.23 25.32 14.93
CA ILE A 50 5.07 24.15 15.78
C ILE A 50 5.41 22.90 14.96
N ASN A 51 6.31 22.07 15.49
CA ASN A 51 6.65 20.78 14.90
C ASN A 51 6.28 19.69 15.89
N VAL A 52 5.51 18.70 15.41
CA VAL A 52 4.93 17.68 16.26
C VAL A 52 5.18 16.31 15.63
N GLU A 53 5.40 15.31 16.48
CA GLU A 53 5.57 13.93 16.00
C GLU A 53 4.50 13.01 16.59
N GLN A 103 1.40 3.44 13.33
CA GLN A 103 1.44 4.51 12.34
C GLN A 103 1.78 5.84 13.00
N LYS A 104 3.07 6.10 13.20
CA LYS A 104 3.51 7.37 13.74
C LYS A 104 3.64 8.40 12.62
N PHE A 105 3.50 9.68 12.98
CA PHE A 105 3.36 10.73 11.98
C PHE A 105 3.94 12.04 12.49
N MET A 106 4.22 12.95 11.55
CA MET A 106 4.76 14.27 11.83
C MET A 106 3.96 15.31 11.06
N ALA A 107 3.63 16.42 11.74
CA ALA A 107 2.89 17.53 11.13
C ALA A 107 3.42 18.84 11.70
N LEU A 108 3.00 19.94 11.09
CA LEU A 108 3.50 21.25 11.52
C LEU A 108 2.46 22.31 11.26
N GLY A 109 2.44 23.32 12.12
CA GLY A 109 1.53 24.44 11.98
C GLY A 109 2.14 25.68 12.61
N SER A 110 1.31 26.48 13.26
CA SER A 110 1.77 27.71 13.90
C SER A 110 1.06 27.89 15.24
N GLY A 111 1.65 28.74 16.09
CA GLY A 111 1.09 29.04 17.38
C GLY A 111 1.24 30.51 17.71
N VAL A 112 0.49 30.93 18.74
CA VAL A 112 0.47 32.32 19.18
C VAL A 112 0.68 32.37 20.69
N ILE A 113 1.62 33.20 21.13
CA ILE A 113 1.86 33.42 22.55
C ILE A 113 0.78 34.34 23.10
N ILE A 114 0.04 33.87 24.10
CA ILE A 114 -0.98 34.66 24.77
C ILE A 114 -0.43 35.34 26.02
N ASP A 115 0.25 34.57 26.88
CA ASP A 115 0.90 35.07 28.08
C ASP A 115 2.37 34.69 28.01
N ALA A 116 3.23 35.71 27.86
CA ALA A 116 4.66 35.45 27.66
C ALA A 116 5.28 34.79 28.89
N ASP A 117 4.83 35.18 30.08
CA ASP A 117 5.42 34.68 31.32
C ASP A 117 5.28 33.16 31.43
N LYS A 118 4.05 32.67 31.33
CA LYS A 118 3.77 31.25 31.48
C LYS A 118 4.15 30.44 30.25
N GLY A 119 4.47 31.09 29.13
CA GLY A 119 4.77 30.36 27.91
C GLY A 119 3.55 29.69 27.33
N TYR A 120 2.39 30.35 27.41
CA TYR A 120 1.15 29.80 26.87
C TYR A 120 1.07 30.12 25.38
N VAL A 121 1.01 29.07 24.56
CA VAL A 121 0.94 29.19 23.11
C VAL A 121 -0.34 28.52 22.64
N VAL A 122 -1.23 29.30 22.02
CA VAL A 122 -2.47 28.77 21.48
C VAL A 122 -2.24 28.29 20.06
N THR A 123 -2.96 27.24 19.68
CA THR A 123 -2.90 26.70 18.33
C THR A 123 -4.24 26.03 18.04
N ASN A 124 -4.35 25.45 16.84
CA ASN A 124 -5.55 24.72 16.49
C ASN A 124 -5.46 23.29 17.03
N ASN A 125 -6.57 22.78 17.55
CA ASN A 125 -6.57 21.44 18.13
C ASN A 125 -6.21 20.39 17.10
N HIS A 126 -6.59 20.57 15.85
CA HIS A 126 -6.25 19.63 14.79
C HIS A 126 -4.78 19.68 14.42
N VAL A 127 -3.95 20.46 15.13
CA VAL A 127 -2.53 20.52 14.87
C VAL A 127 -1.78 19.65 15.87
N VAL A 128 -2.31 19.57 17.10
CA VAL A 128 -1.63 18.93 18.22
C VAL A 128 -2.42 17.75 18.77
N ASP A 129 -3.41 17.27 18.03
CA ASP A 129 -4.17 16.10 18.49
C ASP A 129 -3.30 14.84 18.45
N ASN A 130 -3.42 14.02 19.49
CA ASN A 130 -2.63 12.79 19.62
C ASN A 130 -1.14 13.07 19.43
N ALA A 131 -0.68 14.17 20.01
CA ALA A 131 0.71 14.60 19.88
C ALA A 131 1.56 13.95 20.95
N THR A 132 2.52 13.12 20.53
CA THR A 132 3.47 12.56 21.47
C THR A 132 4.59 13.56 21.78
N VAL A 133 5.12 14.21 20.74
CA VAL A 133 6.17 15.21 20.88
C VAL A 133 5.60 16.55 20.45
N ILE A 134 5.85 17.58 21.26
CA ILE A 134 5.46 18.95 20.94
C ILE A 134 6.70 19.81 21.03
N LYS A 135 7.23 20.23 19.89
CA LYS A 135 8.36 21.14 19.82
C LYS A 135 7.89 22.46 19.25
N VAL A 136 8.43 23.56 19.77
CA VAL A 136 8.07 24.91 19.36
C VAL A 136 9.32 25.63 18.91
N GLN A 137 9.27 26.21 17.71
CA GLN A 137 10.40 26.92 17.11
C GLN A 137 10.04 28.39 16.99
N LEU A 138 10.88 29.26 17.57
CA LEU A 138 10.58 30.68 17.64
C LEU A 138 10.90 31.38 16.32
N SER A 139 10.67 32.70 16.30
CA SER A 139 10.98 33.49 15.12
C SER A 139 12.50 33.62 14.92
N ASP A 140 13.26 33.60 16.01
CA ASP A 140 14.71 33.74 15.95
C ASP A 140 15.45 32.41 15.85
N GLY A 141 14.72 31.29 15.76
CA GLY A 141 15.33 29.99 15.55
C GLY A 141 15.47 29.13 16.79
N ARG A 142 15.17 29.67 17.96
CA ARG A 142 15.29 28.90 19.20
C ARG A 142 14.28 27.75 19.22
N LYS A 143 14.72 26.61 19.72
CA LYS A 143 13.87 25.44 19.87
C LYS A 143 13.51 25.24 21.34
N PHE A 144 12.26 24.88 21.58
CA PHE A 144 11.76 24.59 22.92
C PHE A 144 10.87 23.37 22.87
N ASP A 145 10.51 22.87 24.06
CA ASP A 145 9.59 21.77 24.19
C ASP A 145 8.33 22.28 24.89
N ALA A 146 7.19 21.73 24.51
CA ALA A 146 5.92 22.11 25.11
C ALA A 146 5.14 20.84 25.43
N LYS A 147 4.21 20.98 26.37
CA LYS A 147 3.34 19.88 26.75
C LYS A 147 1.90 20.31 26.56
N MET A 148 1.04 19.33 26.33
CA MET A 148 -0.38 19.61 26.11
C MET A 148 -1.01 20.17 27.38
N VAL A 149 -1.85 21.19 27.22
CA VAL A 149 -2.56 21.82 28.33
C VAL A 149 -4.07 21.66 28.19
N GLY A 150 -4.63 22.06 27.05
CA GLY A 150 -6.06 21.97 26.82
C GLY A 150 -6.36 21.70 25.36
N LYS A 151 -7.57 21.19 25.13
CA LYS A 151 -7.99 20.87 23.77
C LYS A 151 -9.50 20.93 23.70
N ASP A 152 -10.01 21.34 22.54
CA ASP A 152 -11.46 21.52 22.34
C ASP A 152 -11.77 21.24 20.87
N PRO A 153 -12.01 19.98 20.51
CA PRO A 153 -12.27 19.68 19.09
C PRO A 153 -13.53 20.34 18.55
N ARG A 154 -14.50 20.65 19.39
CA ARG A 154 -15.73 21.29 18.91
C ARG A 154 -15.45 22.65 18.29
N SER A 155 -14.42 23.34 18.78
CA SER A 155 -14.01 24.63 18.25
C SER A 155 -12.63 24.62 17.64
N ASP A 156 -11.88 23.52 17.77
CA ASP A 156 -10.57 23.37 17.15
C ASP A 156 -9.57 24.40 17.69
N ILE A 157 -9.68 24.70 18.99
CA ILE A 157 -8.73 25.55 19.69
C ILE A 157 -8.06 24.72 20.77
N ALA A 158 -6.73 24.74 20.81
CA ALA A 158 -5.96 24.04 21.82
C ALA A 158 -4.90 24.97 22.39
N LEU A 159 -4.47 24.67 23.61
CA LEU A 159 -3.46 25.47 24.31
C LEU A 159 -2.34 24.56 24.77
N ILE A 160 -1.11 24.96 24.52
CA ILE A 160 0.07 24.27 25.01
C ILE A 160 0.88 25.25 25.86
N GLN A 161 1.73 24.69 26.72
CA GLN A 161 2.64 25.47 27.54
C GLN A 161 4.08 25.12 27.19
N ILE A 162 4.89 26.14 26.94
CA ILE A 162 6.31 25.91 26.63
C ILE A 162 7.04 25.48 27.89
N GLN A 163 7.84 24.43 27.78
CA GLN A 163 8.77 24.08 28.85
C GLN A 163 9.95 25.04 28.81
N ASN A 164 10.31 25.60 29.97
CA ASN A 164 11.34 26.61 30.13
C ASN A 164 10.99 27.91 29.39
N PRO A 165 9.95 28.63 29.81
CA PRO A 165 9.65 29.92 29.18
C PRO A 165 10.71 30.96 29.57
N LYS A 166 11.39 31.50 28.56
CA LYS A 166 12.53 32.38 28.82
C LYS A 166 12.56 33.50 27.78
N ASN A 167 12.28 34.72 28.21
CA ASN A 167 12.42 35.93 27.39
C ASN A 167 11.57 35.85 26.13
N LEU A 168 10.25 35.78 26.33
CA LEU A 168 9.28 35.71 25.26
C LEU A 168 8.54 37.04 25.13
N THR A 169 7.73 37.14 24.08
CA THR A 169 6.87 38.30 23.86
C THR A 169 5.48 37.82 23.51
N ALA A 170 4.51 38.16 24.35
CA ALA A 170 3.12 37.83 24.07
C ALA A 170 2.47 38.93 23.24
N ILE A 171 1.40 38.56 22.56
CA ILE A 171 0.63 39.50 21.77
C ILE A 171 -0.57 39.95 22.56
N LYS A 172 -0.96 41.20 22.35
CA LYS A 172 -2.19 41.74 22.94
C LYS A 172 -3.35 41.46 21.98
N MET A 173 -4.44 40.94 22.52
CA MET A 173 -5.61 40.63 21.71
C MET A 173 -6.56 41.81 21.63
N ALA A 174 -7.25 41.91 20.51
CA ALA A 174 -8.23 42.96 20.27
C ALA A 174 -9.64 42.39 20.34
N ASP A 175 -10.62 43.30 20.36
CA ASP A 175 -12.02 42.93 20.50
C ASP A 175 -12.58 42.68 19.10
N SER A 176 -12.72 41.40 18.74
CA SER A 176 -13.16 41.03 17.39
C SER A 176 -14.57 41.49 17.08
N ASP A 177 -15.39 41.72 18.10
CA ASP A 177 -16.79 42.10 17.88
C ASP A 177 -16.93 43.47 17.25
N ALA A 178 -15.87 44.27 17.21
CA ALA A 178 -15.90 45.58 16.57
C ALA A 178 -15.34 45.56 15.15
N LEU A 179 -14.86 44.42 14.69
CA LEU A 179 -14.35 44.34 13.32
C LEU A 179 -15.47 44.53 12.32
N ARG A 180 -15.15 45.19 11.22
CA ARG A 180 -16.11 45.50 10.19
C ARG A 180 -15.59 44.94 8.87
N VAL A 181 -16.50 44.36 8.07
CA VAL A 181 -16.12 43.83 6.77
C VAL A 181 -15.55 44.98 5.96
N GLY A 182 -14.24 44.97 5.75
CA GLY A 182 -13.58 46.07 5.09
C GLY A 182 -12.28 46.45 5.77
N ASP A 183 -12.13 46.05 7.03
CA ASP A 183 -10.88 46.26 7.74
C ASP A 183 -9.77 45.43 7.11
N TYR A 184 -8.59 46.03 6.96
CA TYR A 184 -7.46 45.31 6.39
C TYR A 184 -6.96 44.28 7.40
N THR A 185 -6.54 43.12 6.89
CA THR A 185 -6.08 42.02 7.75
C THR A 185 -4.70 41.56 7.34
N VAL A 186 -3.97 41.00 8.31
CA VAL A 186 -2.61 40.50 8.12
C VAL A 186 -2.52 39.10 8.71
N ALA A 187 -2.13 38.14 7.88
CA ALA A 187 -2.02 36.75 8.32
C ALA A 187 -0.55 36.38 8.51
N ILE A 188 -0.27 35.63 9.58
CA ILE A 188 1.07 35.15 9.89
C ILE A 188 1.00 33.67 10.22
N GLY A 189 1.88 32.89 9.60
CA GLY A 189 1.95 31.48 9.89
C GLY A 189 3.20 30.87 9.29
N ASN A 190 3.24 29.55 9.27
CA ASN A 190 4.37 28.80 8.72
C ASN A 190 3.87 27.91 7.59
N PRO A 191 3.60 28.47 6.42
CA PRO A 191 3.21 27.62 5.28
C PRO A 191 4.38 26.75 4.81
N PHE A 192 4.15 25.44 4.83
CA PHE A 192 5.10 24.45 4.32
C PHE A 192 6.42 24.47 5.09
N GLY A 193 6.39 24.88 6.35
CA GLY A 193 7.58 24.85 7.17
C GLY A 193 8.70 25.75 6.68
N LEU A 194 8.40 26.59 5.68
CA LEU A 194 9.40 27.50 5.12
C LEU A 194 9.89 28.49 6.17
N GLY A 195 9.09 28.75 7.19
CA GLY A 195 9.39 29.76 8.17
C GLY A 195 8.27 30.79 8.27
N GLU A 196 8.47 31.71 9.21
CA GLU A 196 7.50 32.77 9.47
C GLU A 196 7.16 33.52 8.19
N THR A 197 5.96 33.28 7.66
CA THR A 197 5.52 33.88 6.41
C THR A 197 4.34 34.79 6.68
N VAL A 198 4.42 36.02 6.19
CA VAL A 198 3.39 37.03 6.36
C VAL A 198 2.70 37.26 5.02
N THR A 199 1.37 37.31 5.05
CA THR A 199 0.57 37.71 3.90
C THR A 199 -0.46 38.74 4.33
N SER A 200 -1.13 39.34 3.34
CA SER A 200 -2.05 40.44 3.60
C SER A 200 -3.42 40.12 3.04
N GLY A 201 -4.42 40.82 3.58
CA GLY A 201 -5.78 40.66 3.11
C GLY A 201 -6.70 41.67 3.76
N ILE A 202 -8.00 41.36 3.70
CA ILE A 202 -9.04 42.17 4.33
C ILE A 202 -10.09 41.24 4.94
N VAL A 203 -11.00 41.83 5.69
CA VAL A 203 -12.14 41.10 6.22
C VAL A 203 -13.08 40.81 5.06
N SER A 204 -13.03 39.58 4.54
CA SER A 204 -13.95 39.20 3.47
C SER A 204 -15.39 39.17 3.98
N ALA A 205 -15.64 38.51 5.11
CA ALA A 205 -16.97 38.48 5.69
C ALA A 205 -16.85 38.06 7.15
N LEU A 206 -17.95 38.23 7.88
CA LEU A 206 -18.03 37.87 9.29
C LEU A 206 -19.17 36.87 9.49
N GLY A 207 -19.11 36.17 10.62
CA GLY A 207 -20.16 35.22 10.94
C GLY A 207 -20.24 34.05 10.00
N ARG A 208 -19.16 33.73 9.29
CA ARG A 208 -19.20 32.65 8.31
C ARG A 208 -19.17 31.30 8.99
N SER A 209 -20.02 30.40 8.51
CA SER A 209 -20.21 29.09 9.11
C SER A 209 -20.94 28.22 8.11
N GLY A 210 -20.92 26.92 8.34
CA GLY A 210 -21.58 25.96 7.48
C GLY A 210 -20.66 24.96 6.83
N LEU A 211 -19.34 25.17 6.87
CA LEU A 211 -18.40 24.18 6.35
C LEU A 211 -18.52 22.86 7.09
N ASN A 212 -18.85 22.90 8.38
CA ASN A 212 -19.16 21.71 9.16
C ASN A 212 -20.26 22.11 10.15
N ALA A 213 -21.49 21.67 9.88
CA ALA A 213 -22.64 22.12 10.66
C ALA A 213 -22.56 21.72 12.13
N GLU A 214 -21.70 20.76 12.48
CA GLU A 214 -21.59 20.30 13.86
C GLU A 214 -20.52 21.03 14.65
N ASN A 215 -19.68 21.83 14.00
CA ASN A 215 -18.66 22.60 14.69
C ASN A 215 -19.20 23.94 15.15
N TYR A 216 -18.66 24.41 16.27
CA TYR A 216 -18.96 25.75 16.76
C TYR A 216 -18.10 26.72 15.97
N GLU A 217 -18.70 27.31 14.94
CA GLU A 217 -17.99 28.08 13.93
C GLU A 217 -18.69 29.42 13.75
N ASN A 218 -17.94 30.49 14.03
CA ASN A 218 -18.35 31.87 13.77
C ASN A 218 -17.25 32.57 12.99
N PHE A 219 -16.79 31.92 11.92
CA PHE A 219 -15.52 32.28 11.31
C PHE A 219 -15.55 33.70 10.73
N ILE A 220 -14.40 34.35 10.81
CA ILE A 220 -14.10 35.55 10.04
C ILE A 220 -13.48 35.11 8.73
N GLN A 221 -13.98 35.67 7.62
CA GLN A 221 -13.47 35.33 6.30
C GLN A 221 -12.47 36.37 5.85
N THR A 222 -11.39 35.92 5.24
CA THR A 222 -10.34 36.81 4.73
C THR A 222 -9.78 36.27 3.43
N ASP A 223 -9.38 37.18 2.56
CA ASP A 223 -8.64 36.83 1.35
C ASP A 223 -7.13 36.82 1.57
N ALA A 224 -6.69 36.95 2.82
CA ALA A 224 -5.26 36.86 3.11
C ALA A 224 -4.77 35.46 2.79
N ALA A 225 -3.65 35.39 2.07
CA ALA A 225 -3.11 34.12 1.61
C ALA A 225 -2.79 33.22 2.79
N ILE A 226 -3.40 32.04 2.80
CA ILE A 226 -3.29 31.09 3.90
C ILE A 226 -3.21 29.69 3.31
N ASN A 227 -2.15 28.96 3.65
CA ASN A 227 -1.98 27.60 3.16
C ASN A 227 -1.72 26.63 4.32
N ARG A 228 -1.39 25.38 3.99
CA ARG A 228 -1.17 24.37 5.00
C ARG A 228 0.04 24.74 5.84
N GLY A 229 -0.16 24.81 7.17
CA GLY A 229 0.81 25.35 8.10
C GLY A 229 0.36 26.63 8.76
N ASN A 230 -0.51 27.39 8.09
CA ASN A 230 -1.06 28.61 8.67
C ASN A 230 -2.06 28.31 9.79
N ALA A 231 -2.43 27.05 9.97
CA ALA A 231 -3.33 26.70 11.06
C ALA A 231 -2.68 27.01 12.40
N GLY A 232 -3.47 27.58 13.31
CA GLY A 232 -2.94 28.09 14.55
C GLY A 232 -2.17 29.38 14.41
N GLY A 233 -2.08 29.94 13.21
CA GLY A 233 -1.40 31.19 13.01
C GLY A 233 -2.25 32.36 13.47
N ALA A 234 -1.66 33.54 13.34
CA ALA A 234 -2.27 34.76 13.86
C ALA A 234 -2.86 35.60 12.73
N LEU A 235 -4.05 36.13 12.98
CA LEU A 235 -4.68 37.11 12.11
C LEU A 235 -4.86 38.38 12.94
N VAL A 236 -4.25 39.47 12.51
CA VAL A 236 -4.20 40.70 13.29
C VAL A 236 -4.67 41.87 12.44
N ASN A 237 -5.05 42.95 13.12
CA ASN A 237 -5.34 44.20 12.44
C ASN A 237 -4.06 44.99 12.24
N LEU A 238 -4.19 46.19 11.66
CA LEU A 238 -3.02 46.98 11.30
C LEU A 238 -2.25 47.46 12.52
N ASN A 239 -2.86 47.46 13.70
CA ASN A 239 -2.20 47.87 14.92
C ASN A 239 -1.46 46.73 15.60
N GLY A 240 -1.39 45.57 14.97
CA GLY A 240 -0.70 44.44 15.55
C GLY A 240 -1.46 43.72 16.63
N GLU A 241 -2.74 44.01 16.80
CA GLU A 241 -3.55 43.38 17.85
C GLU A 241 -4.25 42.15 17.29
N LEU A 242 -4.17 41.05 18.04
CA LEU A 242 -4.69 39.77 17.55
C LEU A 242 -6.20 39.82 17.43
N ILE A 243 -6.71 39.41 16.27
CA ILE A 243 -8.14 39.40 16.02
C ILE A 243 -8.68 38.02 15.64
N GLY A 244 -7.83 37.10 15.19
CA GLY A 244 -8.31 35.78 14.82
C GLY A 244 -7.21 34.76 14.76
N ILE A 245 -7.59 33.50 14.88
CA ILE A 245 -6.68 32.36 14.76
C ILE A 245 -7.01 31.65 13.46
N ASN A 246 -6.14 31.78 12.46
CA ASN A 246 -6.34 31.09 11.19
C ASN A 246 -6.53 29.60 11.42
N THR A 247 -7.62 29.06 10.86
CA THR A 247 -8.01 27.68 11.13
C THR A 247 -8.02 26.83 9.87
N ALA A 248 -8.85 27.17 8.89
CA ALA A 248 -9.06 26.33 7.71
C ALA A 248 -9.25 27.21 6.49
N ILE A 249 -9.11 26.60 5.31
CA ILE A 249 -9.28 27.29 4.03
C ILE A 249 -10.27 26.50 3.17
N LEU A 250 -10.71 27.13 2.10
CA LEU A 250 -11.56 26.49 1.11
C LEU A 250 -10.72 26.36 -0.17
N ALA A 251 -10.21 25.16 -0.41
CA ALA A 251 -9.35 24.89 -1.56
C ALA A 251 -9.69 23.53 -2.15
N PRO A 252 -10.18 23.50 -3.40
CA PRO A 252 -10.44 22.22 -4.07
C PRO A 252 -9.18 21.51 -4.50
N ASP A 253 -8.04 22.20 -4.57
CA ASP A 253 -6.78 21.63 -5.01
C ASP A 253 -5.75 21.57 -3.90
N GLY A 254 -6.07 22.06 -2.70
CA GLY A 254 -5.11 22.12 -1.62
C GLY A 254 -4.21 23.33 -1.62
N GLY A 255 -4.42 24.27 -2.53
CA GLY A 255 -3.65 25.51 -2.57
C GLY A 255 -4.57 26.69 -2.38
N ASN A 256 -4.07 27.72 -1.69
CA ASN A 256 -4.89 28.87 -1.35
C ASN A 256 -5.44 29.54 -2.60
N ILE A 257 -6.72 29.92 -2.53
CA ILE A 257 -7.39 30.62 -3.63
C ILE A 257 -8.03 31.89 -3.10
N GLY A 258 -7.63 32.31 -1.91
CA GLY A 258 -8.08 33.57 -1.36
C GLY A 258 -9.30 33.48 -0.46
N ILE A 259 -9.56 32.32 0.13
CA ILE A 259 -10.64 32.15 1.08
C ILE A 259 -10.07 31.41 2.29
N GLY A 260 -9.73 32.16 3.33
CA GLY A 260 -9.35 31.58 4.60
C GLY A 260 -10.34 31.94 5.69
N PHE A 261 -10.37 31.15 6.75
CA PHE A 261 -11.25 31.41 7.87
C PHE A 261 -10.46 31.36 9.17
N ALA A 262 -10.76 32.28 10.08
CA ALA A 262 -10.10 32.36 11.36
C ALA A 262 -11.15 32.43 12.47
N ILE A 263 -10.78 31.91 13.63
CA ILE A 263 -11.67 31.96 14.79
C ILE A 263 -11.52 33.31 15.47
N PRO A 264 -12.61 34.05 15.71
CA PRO A 264 -12.50 35.39 16.27
C PRO A 264 -11.77 35.39 17.61
N SER A 265 -11.05 36.48 17.87
CA SER A 265 -10.23 36.57 19.08
C SER A 265 -11.07 36.38 20.33
N ASN A 266 -12.24 37.02 20.38
CA ASN A 266 -13.09 36.93 21.57
C ASN A 266 -13.39 35.48 21.92
N MET A 267 -13.63 34.64 20.90
CA MET A 267 -13.89 33.24 21.17
C MET A 267 -12.63 32.51 21.63
N VAL A 268 -11.45 32.92 21.15
CA VAL A 268 -10.23 32.29 21.61
C VAL A 268 -9.91 32.72 23.04
N LYS A 269 -10.20 33.97 23.38
CA LYS A 269 -10.05 34.41 24.77
C LYS A 269 -10.89 33.54 25.71
N ASN A 270 -12.14 33.27 25.31
CA ASN A 270 -13.01 32.46 26.16
C ASN A 270 -12.54 31.01 26.22
N LEU A 271 -12.11 30.45 25.09
CA LEU A 271 -11.71 29.06 25.04
C LEU A 271 -10.39 28.83 25.78
N THR A 272 -9.48 29.79 25.74
CA THR A 272 -8.22 29.63 26.47
C THR A 272 -8.45 29.69 27.97
N SER A 273 -9.23 30.68 28.43
CA SER A 273 -9.39 30.91 29.87
C SER A 273 -9.93 29.69 30.60
N GLN A 274 -10.76 28.88 29.92
CA GLN A 274 -11.21 27.64 30.55
C GLN A 274 -10.09 26.61 30.60
N MET A 275 -9.31 26.50 29.52
CA MET A 275 -8.15 25.62 29.55
C MET A 275 -7.10 26.10 30.53
N VAL A 276 -7.04 27.42 30.77
CA VAL A 276 -6.11 27.96 31.76
C VAL A 276 -6.48 27.51 33.16
N GLU A 277 -7.77 27.63 33.52
CA GLU A 277 -8.19 27.32 34.88
C GLU A 277 -8.48 25.84 35.11
N TYR A 278 -9.04 25.15 34.13
CA TYR A 278 -9.51 23.78 34.34
C TYR A 278 -8.85 22.73 33.46
N GLY A 279 -8.04 23.13 32.48
CA GLY A 279 -7.45 22.19 31.55
C GLY A 279 -8.39 21.59 30.55
N GLN A 280 -9.70 21.81 30.71
CA GLN A 280 -10.72 21.40 29.76
C GLN A 280 -11.78 22.48 29.73
N VAL A 281 -12.82 22.28 28.94
CA VAL A 281 -13.89 23.27 28.80
C VAL A 281 -15.18 22.66 29.34
N LYS A 282 -15.75 23.31 30.36
CA LYS A 282 -17.05 22.92 30.90
C LYS A 282 -18.11 23.52 29.99
N ARG A 283 -18.61 22.71 29.07
CA ARG A 283 -19.58 23.16 28.08
C ARG A 283 -20.92 23.44 28.76
N GLY A 284 -21.40 24.67 28.64
CA GLY A 284 -22.68 25.05 29.22
C GLY A 284 -23.75 25.28 28.18
N GLU A 285 -25.02 25.18 28.57
CA GLU A 285 -26.13 25.34 27.63
C GLU A 285 -27.19 26.24 28.25
N LEU A 286 -27.97 26.88 27.38
CA LEU A 286 -29.10 27.68 27.82
C LEU A 286 -30.36 26.86 27.97
N GLY A 287 -30.51 25.81 27.17
CA GLY A 287 -31.70 25.00 27.19
C GLY A 287 -32.79 25.50 26.26
N ILE A 288 -32.41 25.88 25.04
CA ILE A 288 -33.36 26.33 24.02
C ILE A 288 -33.02 25.65 22.70
N MET A 289 -34.05 25.28 21.95
CA MET A 289 -33.93 24.78 20.60
C MET A 289 -34.32 25.86 19.60
N GLY A 290 -33.78 25.76 18.39
CA GLY A 290 -34.10 26.76 17.39
C GLY A 290 -33.42 26.46 16.08
N THR A 291 -33.62 27.39 15.14
CA THR A 291 -33.06 27.27 13.80
C THR A 291 -32.90 28.67 13.22
N GLU A 292 -32.12 28.74 12.15
CA GLU A 292 -31.81 30.03 11.52
C GLU A 292 -33.07 30.72 11.03
N LEU A 293 -33.02 32.04 11.00
CA LEU A 293 -34.14 32.86 10.53
C LEU A 293 -33.79 33.36 9.14
N ASN A 294 -34.40 32.76 8.12
CA ASN A 294 -34.24 33.23 6.75
C ASN A 294 -35.32 34.26 6.44
N SER A 295 -35.28 34.80 5.22
CA SER A 295 -36.28 35.79 4.82
C SER A 295 -37.65 35.15 4.61
N GLU A 296 -37.68 33.88 4.21
CA GLU A 296 -38.94 33.18 4.03
C GLU A 296 -39.72 33.15 5.34
N LEU A 297 -39.06 32.75 6.43
CA LEU A 297 -39.73 32.57 7.71
C LEU A 297 -40.05 33.92 8.37
N ALA A 298 -39.20 34.93 8.19
CA ALA A 298 -39.42 36.22 8.83
C ALA A 298 -40.74 36.84 8.39
N LYS A 299 -41.12 36.63 7.13
CA LYS A 299 -42.41 37.11 6.65
C LYS A 299 -43.56 36.36 7.33
N ALA A 300 -43.40 35.05 7.54
CA ALA A 300 -44.50 34.23 8.04
C ALA A 300 -44.86 34.59 9.48
N MET A 301 -43.87 34.94 10.30
CA MET A 301 -44.11 35.25 11.70
C MET A 301 -44.25 36.74 11.95
N LYS A 302 -44.39 37.55 10.90
CA LYS A 302 -44.57 39.00 11.03
C LYS A 302 -43.44 39.63 11.84
N VAL A 303 -42.20 39.25 11.50
CA VAL A 303 -41.01 39.70 12.20
C VAL A 303 -40.21 40.61 11.28
N ASP A 304 -39.73 41.73 11.83
CA ASP A 304 -39.06 42.74 11.00
C ASP A 304 -37.69 42.26 10.56
N ALA A 305 -36.82 41.93 11.50
CA ALA A 305 -35.47 41.53 11.17
C ALA A 305 -35.46 40.23 10.36
N GLN A 306 -34.59 40.16 9.35
CA GLN A 306 -34.51 39.00 8.48
C GLN A 306 -33.41 38.03 8.89
N ARG A 307 -32.84 38.18 10.08
CA ARG A 307 -31.73 37.32 10.47
C ARG A 307 -31.63 37.30 11.99
N GLY A 308 -31.32 36.12 12.53
CA GLY A 308 -31.20 35.94 13.95
C GLY A 308 -31.50 34.50 14.32
N ALA A 309 -31.87 34.30 15.58
CA ALA A 309 -32.22 32.99 16.11
C ALA A 309 -33.72 32.91 16.33
N PHE A 310 -34.34 31.86 15.79
CA PHE A 310 -35.77 31.61 15.94
C PHE A 310 -35.98 30.51 16.96
N VAL A 311 -36.79 30.77 17.97
CA VAL A 311 -36.96 29.86 19.10
C VAL A 311 -37.97 28.77 18.72
N SER A 312 -37.48 27.55 18.54
CA SER A 312 -38.39 26.42 18.32
C SER A 312 -39.12 26.05 19.59
N GLN A 313 -38.40 26.00 20.71
CA GLN A 313 -38.96 25.54 21.98
C GLN A 313 -37.96 25.84 23.09
N VAL A 314 -38.48 25.99 24.31
CA VAL A 314 -37.65 26.15 25.51
C VAL A 314 -37.90 24.95 26.42
N LEU A 315 -36.82 24.37 26.95
CA LEU A 315 -36.99 23.20 27.80
C LEU A 315 -37.37 23.62 29.22
N PRO A 316 -38.20 22.84 29.90
CA PRO A 316 -38.41 23.07 31.33
C PRO A 316 -37.13 22.80 32.10
N ASN A 317 -37.03 23.41 33.28
CA ASN A 317 -35.83 23.36 34.12
C ASN A 317 -34.60 23.93 33.41
N SER A 318 -34.80 24.72 32.37
CA SER A 318 -33.71 25.44 31.72
C SER A 318 -33.60 26.83 32.31
N SER A 319 -32.37 27.35 32.35
CA SER A 319 -32.16 28.72 32.75
C SER A 319 -33.09 29.66 31.98
N ALA A 320 -33.24 29.43 30.67
CA ALA A 320 -34.16 30.23 29.89
C ALA A 320 -35.60 30.07 30.38
N ALA A 321 -36.01 28.84 30.70
CA ALA A 321 -37.34 28.65 31.27
C ALA A 321 -37.45 29.33 32.62
N LYS A 322 -36.41 29.23 33.45
CA LYS A 322 -36.38 29.91 34.73
C LYS A 322 -36.28 31.42 34.58
N ALA A 323 -36.02 31.92 33.36
CA ALA A 323 -35.86 33.35 33.12
C ALA A 323 -37.09 33.99 32.48
N GLY A 324 -37.98 33.20 31.90
CA GLY A 324 -39.16 33.73 31.24
C GLY A 324 -39.06 33.83 29.75
N ILE A 325 -38.26 32.98 29.10
CA ILE A 325 -38.15 32.98 27.64
C ILE A 325 -39.17 31.99 27.09
N LYS A 326 -39.88 32.41 26.05
CA LYS A 326 -40.92 31.61 25.42
C LYS A 326 -40.57 31.33 23.97
N ALA A 327 -41.23 30.33 23.39
CA ALA A 327 -40.98 29.95 22.01
C ALA A 327 -41.53 31.00 21.06
N GLY A 328 -41.12 30.90 19.80
CA GLY A 328 -41.46 31.90 18.81
C GLY A 328 -40.72 33.21 18.94
N ASP A 329 -39.92 33.39 19.98
CA ASP A 329 -39.12 34.59 20.13
C ASP A 329 -38.00 34.59 19.08
N VAL A 330 -37.39 35.75 18.91
CA VAL A 330 -36.29 35.93 17.98
C VAL A 330 -35.16 36.65 18.70
N ILE A 331 -33.97 36.06 18.69
CA ILE A 331 -32.81 36.68 19.30
C ILE A 331 -32.12 37.55 18.27
N THR A 332 -31.86 38.80 18.64
CA THR A 332 -31.24 39.76 17.74
C THR A 332 -29.88 40.25 18.20
N SER A 333 -29.59 40.24 19.50
CA SER A 333 -28.37 40.82 20.02
C SER A 333 -27.82 39.98 21.14
N LEU A 334 -26.49 40.02 21.29
CA LEU A 334 -25.78 39.40 22.40
C LEU A 334 -24.95 40.49 23.08
N ASN A 335 -25.29 40.78 24.34
CA ASN A 335 -24.61 41.83 25.11
C ASN A 335 -24.70 43.18 24.41
N GLY A 336 -25.80 43.43 23.70
CA GLY A 336 -25.97 44.62 22.91
C GLY A 336 -25.47 44.49 21.49
N LYS A 337 -24.46 43.67 21.27
CA LYS A 337 -23.92 43.46 19.93
C LYS A 337 -24.89 42.60 19.13
N PRO A 338 -25.35 43.04 17.97
CA PRO A 338 -26.28 42.23 17.18
C PRO A 338 -25.67 40.88 16.84
N ILE A 339 -26.54 39.93 16.53
CA ILE A 339 -26.16 38.57 16.19
C ILE A 339 -26.23 38.39 14.68
N SER A 340 -25.17 37.84 14.10
CA SER A 340 -25.11 37.65 12.66
C SER A 340 -25.99 36.49 12.22
N SER A 341 -25.89 35.36 12.91
CA SER A 341 -26.69 34.18 12.58
C SER A 341 -26.72 33.27 13.80
N PHE A 342 -27.63 32.29 13.77
CA PHE A 342 -27.71 31.33 14.86
C PHE A 342 -26.46 30.46 14.92
N ALA A 343 -26.06 29.89 13.79
CA ALA A 343 -24.84 29.08 13.77
C ALA A 343 -23.65 29.88 14.27
N ALA A 344 -23.68 31.21 14.09
CA ALA A 344 -22.70 32.07 14.73
C ALA A 344 -22.99 32.20 16.23
N LEU A 345 -24.24 32.50 16.57
CA LEU A 345 -24.63 32.57 17.98
C LEU A 345 -24.34 31.25 18.69
N ARG A 346 -24.60 30.13 18.01
CA ARG A 346 -24.29 28.82 18.58
C ARG A 346 -22.84 28.73 19.02
N ALA A 347 -21.92 29.29 18.22
CA ALA A 347 -20.50 29.20 18.56
C ALA A 347 -20.12 30.18 19.67
N GLN A 348 -20.86 31.28 19.79
CA GLN A 348 -20.57 32.30 20.80
C GLN A 348 -20.65 31.72 22.19
N VAL A 349 -21.86 31.38 22.64
CA VAL A 349 -22.04 30.87 24.00
C VAL A 349 -21.45 29.48 24.16
N GLY A 350 -21.20 28.76 23.07
CA GLY A 350 -20.52 27.49 23.17
C GLY A 350 -19.10 27.58 23.70
N THR A 351 -18.60 28.80 23.92
CA THR A 351 -17.27 29.02 24.45
C THR A 351 -17.28 29.53 25.88
N MET A 352 -18.42 30.00 26.39
CA MET A 352 -18.51 30.60 27.73
C MET A 352 -18.70 29.51 28.78
N PRO A 353 -18.02 29.62 29.92
CA PRO A 353 -18.08 28.57 30.94
C PRO A 353 -19.46 28.47 31.57
N VAL A 354 -19.70 27.31 32.20
CA VAL A 354 -20.98 27.07 32.84
C VAL A 354 -21.21 28.11 33.93
N GLY A 355 -22.45 28.60 34.01
CA GLY A 355 -22.81 29.60 35.00
C GLY A 355 -22.52 31.03 34.58
N SER A 356 -21.93 31.25 33.42
CA SER A 356 -21.62 32.60 32.97
C SER A 356 -22.90 33.41 32.77
N LYS A 357 -22.96 34.57 33.42
CA LYS A 357 -24.12 35.44 33.31
C LYS A 357 -23.95 36.37 32.11
N LEU A 358 -25.01 36.52 31.33
CA LEU A 358 -24.96 37.30 30.10
C LEU A 358 -26.30 37.97 29.89
N THR A 359 -26.36 38.86 28.89
CA THR A 359 -27.57 39.60 28.56
C THR A 359 -27.94 39.32 27.11
N LEU A 360 -29.24 39.29 26.83
CA LEU A 360 -29.74 38.89 25.53
C LEU A 360 -30.78 39.89 25.01
N GLY A 361 -30.85 39.98 23.69
CA GLY A 361 -31.89 40.74 23.03
C GLY A 361 -32.87 39.83 22.33
N LEU A 362 -34.12 39.86 22.77
CA LEU A 362 -35.17 39.02 22.23
C LEU A 362 -36.13 39.86 21.39
N LEU A 363 -37.00 39.16 20.66
CA LEU A 363 -37.98 39.82 19.80
C LEU A 363 -39.25 38.99 19.78
N ARG A 364 -40.29 39.49 20.43
CA ARG A 364 -41.62 38.89 20.39
C ARG A 364 -42.64 39.99 20.13
N ASP A 365 -43.41 39.84 19.05
CA ASP A 365 -44.52 40.75 18.70
C ASP A 365 -44.01 42.18 18.47
N GLY A 366 -42.84 42.30 17.86
CA GLY A 366 -42.24 43.61 17.64
C GLY A 366 -41.95 44.38 18.92
N LYS A 367 -41.78 43.67 20.05
CA LYS A 367 -41.45 44.29 21.32
C LYS A 367 -40.10 43.78 21.79
N GLN A 368 -39.22 44.70 22.19
CA GLN A 368 -37.89 44.32 22.65
C GLN A 368 -37.93 43.86 24.10
N VAL A 369 -37.29 42.72 24.37
CA VAL A 369 -37.18 42.18 25.72
C VAL A 369 -35.74 41.80 25.97
N ASN A 370 -35.23 42.15 27.15
CA ASN A 370 -33.86 41.81 27.55
C ASN A 370 -33.90 40.89 28.76
N VAL A 371 -32.98 39.93 28.79
CA VAL A 371 -32.95 38.93 29.84
C VAL A 371 -31.50 38.65 30.22
N ASN A 372 -31.28 38.37 31.51
CA ASN A 372 -30.00 37.92 32.02
C ASN A 372 -30.12 36.46 32.42
N LEU A 373 -29.09 35.66 32.10
CA LEU A 373 -29.22 34.21 32.18
C LEU A 373 -28.01 33.62 32.90
N GLU A 374 -28.05 32.30 33.05
CA GLU A 374 -27.00 31.56 33.75
C GLU A 374 -26.85 30.20 33.08
N LEU A 375 -25.74 29.99 32.38
CA LEU A 375 -25.49 28.69 31.76
C LEU A 375 -25.56 27.58 32.80
N GLN A 376 -26.06 26.43 32.36
CA GLN A 376 -26.16 25.24 33.19
C GLN A 376 -25.53 24.09 32.42
N GLN A 377 -25.29 22.96 33.10
CA GLN A 377 -24.67 21.83 32.41
C GLN A 377 -25.74 20.85 31.95
N SER A 378 -25.42 19.55 31.93
CA SER A 378 -26.36 18.52 31.51
C SER A 378 -27.17 17.97 32.68
N PHE A 389 -19.62 11.88 45.97
CA PHE A 389 -19.70 10.89 44.90
C PHE A 389 -18.31 10.56 44.36
N ASN A 390 -18.24 9.53 43.50
CA ASN A 390 -16.99 9.15 42.85
C ASN A 390 -17.26 8.20 41.68
N GLY A 391 -17.48 8.76 40.49
CA GLY A 391 -17.61 7.95 39.30
C GLY A 391 -16.26 7.74 38.65
N ILE A 392 -15.82 6.48 38.56
CA ILE A 392 -14.50 6.15 38.04
C ILE A 392 -14.68 5.21 36.86
N GLU A 393 -14.29 5.69 35.66
CA GLU A 393 -14.24 4.92 34.41
C GLU A 393 -15.63 4.66 33.82
N GLY A 394 -16.41 5.70 33.59
CA GLY A 394 -17.63 5.60 32.83
C GLY A 394 -18.88 5.17 33.59
N ALA A 395 -18.82 5.11 34.92
CA ALA A 395 -19.97 4.70 35.71
C ALA A 395 -20.11 5.61 36.92
N GLU A 396 -21.28 6.20 37.10
CA GLU A 396 -21.52 7.10 38.22
C GLU A 396 -21.88 6.28 39.45
N MET A 397 -21.12 6.46 40.53
CA MET A 397 -21.28 5.60 41.71
C MET A 397 -21.33 6.44 42.97
N SER A 398 -21.87 5.80 44.02
CA SER A 398 -21.84 6.31 45.39
C SER A 398 -21.90 5.11 46.31
N ASN A 399 -21.94 5.36 47.62
CA ASN A 399 -22.06 4.29 48.60
C ASN A 399 -23.52 4.08 48.97
N LYS A 400 -23.82 2.87 49.47
CA LYS A 400 -25.17 2.49 49.86
C LYS A 400 -25.25 2.37 51.37
N GLY A 401 -26.24 3.04 51.96
CA GLY A 401 -26.45 3.00 53.40
C GLY A 401 -25.21 3.33 54.18
N LYS A 402 -24.73 2.37 54.99
CA LYS A 402 -23.52 2.54 55.78
C LYS A 402 -22.62 1.35 55.52
N ASP A 403 -21.65 1.52 54.62
CA ASP A 403 -20.62 0.52 54.36
C ASP A 403 -21.21 -0.79 53.85
N GLN A 404 -22.19 -0.69 52.95
CA GLN A 404 -22.81 -1.86 52.33
C GLN A 404 -22.41 -1.99 50.86
N GLY A 405 -21.26 -1.44 50.49
CA GLY A 405 -20.76 -1.54 49.14
C GLY A 405 -20.94 -0.26 48.35
N VAL A 406 -20.78 -0.39 47.03
CA VAL A 406 -20.84 0.73 46.10
C VAL A 406 -22.08 0.54 45.25
N VAL A 407 -23.18 1.22 45.61
CA VAL A 407 -24.40 1.20 44.82
C VAL A 407 -24.24 2.14 43.63
N VAL A 408 -24.77 1.76 42.48
CA VAL A 408 -24.71 2.59 41.29
C VAL A 408 -26.03 3.30 41.13
N ASN A 409 -25.98 4.62 40.96
CA ASN A 409 -27.20 5.41 40.77
C ASN A 409 -27.71 5.28 39.34
N ASN A 410 -26.83 5.51 38.37
CA ASN A 410 -27.19 5.36 36.96
C ASN A 410 -25.94 4.99 36.18
N VAL A 411 -26.13 4.19 35.14
CA VAL A 411 -25.06 3.79 34.24
C VAL A 411 -25.30 4.39 32.87
N LYS A 412 -24.22 4.59 32.13
CA LYS A 412 -24.30 4.96 30.74
C LYS A 412 -24.21 3.70 29.88
N THR A 413 -24.99 3.67 28.79
CA THR A 413 -25.12 2.46 27.99
C THR A 413 -23.93 2.26 27.07
N GLY A 414 -23.75 3.15 26.10
CA GLY A 414 -22.67 3.04 25.14
C GLY A 414 -21.32 3.45 25.67
N THR A 415 -21.15 3.41 26.99
CA THR A 415 -19.93 3.79 27.70
C THR A 415 -19.11 2.55 28.04
N PRO A 416 -17.82 2.72 28.36
CA PRO A 416 -16.99 1.54 28.68
C PRO A 416 -17.43 0.78 29.92
N ALA A 417 -18.30 1.35 30.75
CA ALA A 417 -18.69 0.68 31.99
C ALA A 417 -19.68 -0.45 31.73
N ALA A 418 -20.70 -0.20 30.93
CA ALA A 418 -21.69 -1.23 30.63
C ALA A 418 -21.13 -2.33 29.73
N GLN A 419 -19.95 -2.14 29.15
CA GLN A 419 -19.34 -3.18 28.32
C GLN A 419 -18.76 -4.32 29.14
N ILE A 420 -18.72 -4.18 30.47
CA ILE A 420 -18.27 -5.24 31.37
C ILE A 420 -19.41 -5.89 32.10
N GLY A 421 -20.65 -5.45 31.88
CA GLY A 421 -21.82 -6.03 32.50
C GLY A 421 -22.48 -5.21 33.59
N LEU A 422 -22.25 -3.90 33.64
CA LEU A 422 -22.75 -3.05 34.72
C LEU A 422 -24.06 -2.39 34.31
N LYS A 423 -25.07 -2.56 35.15
CA LYS A 423 -26.37 -1.92 34.99
C LYS A 423 -26.71 -1.16 36.27
N LYS A 424 -27.68 -0.25 36.16
CA LYS A 424 -28.11 0.53 37.30
C LYS A 424 -28.76 -0.37 38.36
N GLY A 425 -28.30 -0.25 39.60
CA GLY A 425 -28.82 -1.02 40.70
C GLY A 425 -27.87 -2.06 41.25
N ASP A 426 -26.77 -2.36 40.56
CA ASP A 426 -25.82 -3.36 41.04
C ASP A 426 -25.11 -2.84 42.28
N VAL A 427 -24.69 -3.76 43.15
CA VAL A 427 -24.11 -3.44 44.45
C VAL A 427 -22.83 -4.24 44.62
N ILE A 428 -21.70 -3.56 44.65
CA ILE A 428 -20.39 -4.22 44.78
C ILE A 428 -20.12 -4.51 46.26
N ILE A 429 -20.06 -5.80 46.61
CA ILE A 429 -19.65 -6.15 47.97
C ILE A 429 -18.14 -6.15 48.11
N GLY A 430 -17.42 -6.64 47.11
CA GLY A 430 -15.99 -6.72 47.21
C GLY A 430 -15.33 -6.89 45.86
N ALA A 431 -14.01 -7.02 45.90
CA ALA A 431 -13.21 -7.16 44.69
C ALA A 431 -11.86 -7.75 45.04
N ASN A 432 -11.49 -8.83 44.35
CA ASN A 432 -10.16 -9.42 44.43
C ASN A 432 -9.86 -9.95 45.83
N GLN A 433 -10.81 -10.70 46.39
CA GLN A 433 -10.70 -11.33 47.71
C GLN A 433 -10.51 -10.32 48.84
N GLN A 434 -10.91 -9.06 48.62
CA GLN A 434 -10.89 -8.03 49.65
C GLN A 434 -12.24 -7.34 49.67
N ALA A 435 -12.86 -7.32 50.86
CA ALA A 435 -14.19 -6.73 50.99
C ALA A 435 -14.14 -5.23 50.71
N VAL A 436 -15.21 -4.73 50.10
CA VAL A 436 -15.33 -3.33 49.71
C VAL A 436 -16.54 -2.76 50.44
N LYS A 437 -16.29 -1.91 51.43
CA LYS A 437 -17.37 -1.28 52.18
C LYS A 437 -17.81 0.03 51.57
N ASN A 438 -16.90 0.77 50.95
CA ASN A 438 -17.19 2.09 50.40
C ASN A 438 -16.39 2.27 49.12
N ILE A 439 -16.49 3.48 48.53
CA ILE A 439 -15.70 3.79 47.35
C ILE A 439 -14.23 3.95 47.71
N ALA A 440 -13.93 4.30 48.97
CA ALA A 440 -12.54 4.40 49.38
C ALA A 440 -11.86 3.04 49.39
N GLU A 441 -12.54 2.00 49.87
CA GLU A 441 -11.97 0.66 49.84
C GLU A 441 -11.91 0.11 48.42
N LEU A 442 -12.81 0.56 47.54
CA LEU A 442 -12.69 0.27 46.11
C LEU A 442 -11.48 1.00 45.53
N ARG A 443 -11.31 2.27 45.86
CA ARG A 443 -10.19 3.06 45.35
C ARG A 443 -8.86 2.55 45.89
N LYS A 444 -8.86 1.79 47.00
CA LYS A 444 -7.64 1.21 47.52
C LYS A 444 -7.23 -0.06 46.78
N VAL A 445 -8.18 -0.70 46.09
CA VAL A 445 -7.81 -1.77 45.17
C VAL A 445 -7.38 -1.17 43.83
N LEU A 446 -7.90 0.01 43.49
CA LEU A 446 -7.43 0.70 42.29
C LEU A 446 -6.06 1.31 42.52
N ASP A 447 -5.72 1.65 43.78
CA ASP A 447 -4.37 2.07 44.12
C ASP A 447 -3.37 0.92 44.04
N SER A 448 -3.83 -0.33 44.23
CA SER A 448 -2.99 -1.50 44.05
C SER A 448 -2.69 -1.80 42.58
N LYS A 449 -3.47 -1.21 41.66
CA LYS A 449 -3.34 -1.36 40.21
C LYS A 449 -3.11 -2.81 39.80
N PRO A 450 -4.09 -3.68 39.95
CA PRO A 450 -3.95 -5.05 39.44
C PRO A 450 -4.15 -5.08 37.93
N SER A 451 -3.60 -6.12 37.31
CA SER A 451 -3.71 -6.28 35.86
C SER A 451 -5.17 -6.55 35.47
N VAL A 452 -5.87 -7.36 36.25
CA VAL A 452 -7.27 -7.67 36.02
C VAL A 452 -8.02 -7.52 37.34
N LEU A 453 -9.23 -6.98 37.27
CA LEU A 453 -10.03 -6.70 38.46
C LEU A 453 -11.28 -7.56 38.44
N ALA A 454 -11.59 -8.18 39.57
CA ALA A 454 -12.73 -9.08 39.71
C ALA A 454 -13.67 -8.50 40.77
N LEU A 455 -14.83 -8.01 40.33
CA LEU A 455 -15.78 -7.35 41.20
C LEU A 455 -16.83 -8.34 41.70
N ASN A 456 -16.99 -8.43 43.02
CA ASN A 456 -17.97 -9.32 43.64
C ASN A 456 -19.26 -8.54 43.89
N ILE A 457 -20.01 -8.33 42.81
CA ILE A 457 -21.22 -7.52 42.86
C ILE A 457 -22.42 -8.41 43.19
N GLN A 458 -23.57 -7.79 43.47
CA GLN A 458 -24.81 -8.52 43.74
C GLN A 458 -25.97 -7.79 43.08
N ARG A 459 -26.73 -8.51 42.27
CA ARG A 459 -27.94 -8.01 41.62
C ARG A 459 -29.13 -8.73 42.23
N GLY A 460 -29.88 -8.02 43.07
CA GLY A 460 -31.04 -8.64 43.70
C GLY A 460 -30.61 -9.82 44.57
N ASP A 461 -31.27 -10.96 44.40
CA ASP A 461 -31.00 -12.16 45.17
C ASP A 461 -29.88 -13.02 44.57
N SER A 462 -29.21 -12.53 43.53
CA SER A 462 -28.13 -13.25 42.88
C SER A 462 -26.80 -12.60 43.24
N THR A 463 -25.76 -13.44 43.40
CA THR A 463 -24.38 -12.98 43.58
C THR A 463 -23.61 -13.41 42.35
N ILE A 464 -23.13 -12.42 41.58
CA ILE A 464 -22.41 -12.68 40.34
C ILE A 464 -21.06 -11.99 40.40
N TYR A 465 -20.23 -12.21 39.38
CA TYR A 465 -18.93 -11.56 39.26
C TYR A 465 -18.85 -10.84 37.92
N LEU A 466 -17.98 -9.84 37.86
CA LEU A 466 -17.72 -9.13 36.61
C LEU A 466 -16.24 -8.79 36.52
N LEU A 467 -15.66 -8.98 35.34
CA LEU A 467 -14.23 -8.83 35.11
C LEU A 467 -13.93 -7.52 34.39
N MET A 468 -12.67 -7.09 34.48
CA MET A 468 -12.26 -5.85 33.84
C MET A 468 -10.84 -6.00 33.31
N GLN A 469 -10.57 -5.31 32.20
CA GLN A 469 -9.25 -5.26 31.59
C GLN A 469 -8.66 -6.64 31.33
N GLN B 32 -9.91 62.40 -3.13
CA GLN B 32 -8.64 62.09 -3.79
C GLN B 32 -8.17 60.69 -3.43
N MET B 33 -8.03 59.82 -4.46
CA MET B 33 -7.79 58.39 -4.31
C MET B 33 -6.31 58.07 -4.32
N PRO B 34 -5.82 57.27 -3.37
CA PRO B 34 -4.50 56.65 -3.54
C PRO B 34 -4.55 55.66 -4.69
N SER B 35 -3.46 55.59 -5.45
CA SER B 35 -3.39 54.67 -6.57
C SER B 35 -1.93 54.50 -6.97
N LEU B 36 -1.70 53.49 -7.80
CA LEU B 36 -0.35 53.11 -8.22
C LEU B 36 -0.08 53.40 -9.70
N ALA B 37 -1.09 53.82 -10.45
CA ALA B 37 -0.87 54.20 -11.85
C ALA B 37 0.25 55.22 -12.04
N PRO B 38 0.41 56.26 -11.21
CA PRO B 38 1.52 57.19 -11.46
C PRO B 38 2.88 56.53 -11.44
N MET B 39 3.12 55.64 -10.47
CA MET B 39 4.38 54.89 -10.43
C MET B 39 4.48 53.93 -11.61
N LEU B 40 3.37 53.31 -12.01
CA LEU B 40 3.43 52.27 -13.05
C LEU B 40 3.71 52.87 -14.42
N GLU B 41 3.02 53.97 -14.75
CA GLU B 41 3.18 54.56 -16.08
C GLU B 41 4.63 54.93 -16.38
N LYS B 42 5.43 55.18 -15.35
CA LYS B 42 6.84 55.51 -15.56
C LYS B 42 7.74 54.28 -15.63
N VAL B 43 7.39 53.22 -14.89
CA VAL B 43 8.27 52.08 -14.73
C VAL B 43 7.90 50.93 -15.66
N MET B 44 6.60 50.75 -15.93
CA MET B 44 6.16 49.66 -16.80
C MET B 44 6.94 49.56 -18.11
N PRO B 45 7.21 50.64 -18.85
CA PRO B 45 8.05 50.49 -20.05
C PRO B 45 9.38 49.80 -19.79
N SER B 46 9.90 49.87 -18.56
CA SER B 46 11.14 49.19 -18.22
C SER B 46 10.96 47.69 -18.09
N VAL B 47 9.73 47.19 -17.94
CA VAL B 47 9.46 45.76 -17.90
C VAL B 47 9.06 45.31 -19.29
N VAL B 48 9.68 44.23 -19.75
CA VAL B 48 9.47 43.72 -21.10
C VAL B 48 9.04 42.27 -21.00
N SER B 49 8.66 41.71 -22.14
CA SER B 49 8.38 40.28 -22.28
C SER B 49 9.26 39.71 -23.37
N ILE B 50 9.61 38.43 -23.24
CA ILE B 50 10.60 37.80 -24.11
C ILE B 50 9.96 36.60 -24.80
N ASN B 51 10.13 36.54 -26.12
CA ASN B 51 9.75 35.39 -26.94
C ASN B 51 11.01 34.67 -27.38
N VAL B 52 11.03 33.35 -27.22
CA VAL B 52 12.24 32.55 -27.46
C VAL B 52 11.88 31.29 -28.22
N GLU B 53 12.68 30.98 -29.23
CA GLU B 53 12.64 29.71 -29.93
C GLU B 53 13.98 29.01 -29.75
N GLY B 54 13.95 27.71 -29.46
CA GLY B 54 15.17 26.99 -29.16
C GLY B 54 15.17 25.56 -29.64
N SER B 55 16.18 24.79 -29.24
CA SER B 55 16.32 23.40 -29.63
C SER B 55 17.26 22.69 -28.68
N THR B 56 16.87 21.49 -28.24
CA THR B 56 17.71 20.68 -27.37
C THR B 56 17.78 19.24 -27.87
N GLN B 103 14.86 18.13 -31.04
CA GLN B 103 13.75 18.53 -30.19
C GLN B 103 13.74 20.04 -29.97
N LYS B 104 13.05 20.75 -30.86
CA LYS B 104 12.94 22.21 -30.80
C LYS B 104 11.79 22.61 -29.87
N PHE B 105 12.00 23.70 -29.14
CA PHE B 105 11.05 24.14 -28.12
C PHE B 105 10.91 25.66 -28.15
N MET B 106 9.81 26.15 -27.58
CA MET B 106 9.53 27.57 -27.46
C MET B 106 9.07 27.86 -26.04
N ALA B 107 9.52 29.00 -25.51
CA ALA B 107 9.13 29.43 -24.17
C ALA B 107 9.09 30.95 -24.13
N LEU B 108 8.55 31.48 -23.03
CA LEU B 108 8.35 32.90 -22.88
C LEU B 108 8.50 33.29 -21.42
N GLY B 109 8.94 34.52 -21.19
CA GLY B 109 9.15 35.05 -19.86
C GLY B 109 9.06 36.55 -19.87
N SER B 110 9.69 37.19 -18.89
CA SER B 110 9.70 38.63 -18.76
C SER B 110 11.13 39.12 -18.51
N GLY B 111 11.32 40.43 -18.62
CA GLY B 111 12.64 41.01 -18.45
C GLY B 111 12.55 42.45 -18.02
N VAL B 112 13.65 42.96 -17.48
CA VAL B 112 13.71 44.31 -16.93
C VAL B 112 14.89 45.05 -17.56
N ILE B 113 14.64 46.28 -18.00
CA ILE B 113 15.67 47.09 -18.65
C ILE B 113 16.58 47.68 -17.58
N ILE B 114 17.89 47.40 -17.68
CA ILE B 114 18.86 47.85 -16.69
C ILE B 114 19.45 49.19 -17.12
N ASP B 115 20.06 49.22 -18.30
CA ASP B 115 20.60 50.46 -18.86
C ASP B 115 19.95 50.65 -20.23
N ALA B 116 19.13 51.69 -20.36
CA ALA B 116 18.44 51.93 -21.62
C ALA B 116 19.42 52.26 -22.74
N ASP B 117 20.52 52.95 -22.41
CA ASP B 117 21.47 53.36 -23.43
C ASP B 117 22.14 52.15 -24.08
N LYS B 118 22.68 51.24 -23.26
CA LYS B 118 23.29 50.02 -23.78
C LYS B 118 22.27 48.94 -24.13
N GLY B 119 21.02 49.09 -23.67
CA GLY B 119 20.00 48.09 -23.98
C GLY B 119 20.22 46.77 -23.27
N TYR B 120 20.73 46.80 -22.04
CA TYR B 120 20.88 45.60 -21.25
C TYR B 120 19.58 45.28 -20.53
N VAL B 121 19.09 44.06 -20.72
CA VAL B 121 17.88 43.59 -20.05
C VAL B 121 18.22 42.28 -19.35
N VAL B 122 17.91 42.21 -18.06
CA VAL B 122 18.18 41.02 -17.27
C VAL B 122 16.93 40.16 -17.25
N THR B 123 17.13 38.86 -17.12
CA THR B 123 16.05 37.89 -17.04
C THR B 123 16.58 36.65 -16.33
N ASN B 124 15.73 35.62 -16.25
CA ASN B 124 16.13 34.36 -15.64
C ASN B 124 16.88 33.51 -16.65
N ASN B 125 18.02 32.95 -16.21
CA ASN B 125 18.80 32.10 -17.09
C ASN B 125 18.02 30.88 -17.55
N HIS B 126 17.10 30.38 -16.73
CA HIS B 126 16.26 29.26 -17.13
C HIS B 126 15.20 29.65 -18.15
N VAL B 127 15.19 30.92 -18.60
CA VAL B 127 14.30 31.37 -19.66
C VAL B 127 15.07 31.45 -20.97
N VAL B 128 16.39 31.64 -20.88
CA VAL B 128 17.22 31.87 -22.04
C VAL B 128 18.28 30.77 -22.22
N ASP B 129 18.12 29.63 -21.53
CA ASP B 129 19.06 28.53 -21.69
C ASP B 129 18.70 27.71 -22.92
N ASN B 130 19.73 27.23 -23.62
CA ASN B 130 19.56 26.52 -24.89
C ASN B 130 18.68 27.33 -25.84
N ALA B 131 18.96 28.63 -25.94
CA ALA B 131 18.14 29.57 -26.67
C ALA B 131 18.80 29.91 -28.00
N THR B 132 18.09 29.65 -29.10
CA THR B 132 18.56 29.98 -30.44
C THR B 132 18.04 31.33 -30.90
N VAL B 133 16.77 31.62 -30.67
CA VAL B 133 16.11 32.84 -31.10
C VAL B 133 15.67 33.63 -29.88
N ILE B 134 15.97 34.91 -29.86
CA ILE B 134 15.58 35.80 -28.77
C ILE B 134 14.91 37.03 -29.38
N LYS B 135 13.60 37.12 -29.26
CA LYS B 135 12.85 38.30 -29.65
C LYS B 135 12.20 38.92 -28.41
N VAL B 136 12.11 40.24 -28.40
CA VAL B 136 11.58 40.99 -27.27
C VAL B 136 10.42 41.84 -27.78
N GLN B 137 9.33 41.88 -27.00
CA GLN B 137 8.18 42.73 -27.29
C GLN B 137 7.94 43.62 -26.07
N LEU B 138 8.04 44.93 -26.26
CA LEU B 138 7.94 45.89 -25.16
C LEU B 138 6.50 46.02 -24.66
N SER B 139 6.29 46.95 -23.73
CA SER B 139 4.94 47.26 -23.25
C SER B 139 4.05 47.77 -24.37
N ASP B 140 4.61 48.50 -25.33
CA ASP B 140 3.85 49.14 -26.39
C ASP B 140 3.74 48.32 -27.67
N GLY B 141 4.32 47.12 -27.71
CA GLY B 141 4.22 46.23 -28.84
C GLY B 141 5.44 46.18 -29.74
N ARG B 142 6.35 47.16 -29.62
CA ARG B 142 7.54 47.17 -30.45
C ARG B 142 8.34 45.88 -30.28
N LYS B 143 8.85 45.36 -31.39
CA LYS B 143 9.64 44.15 -31.38
C LYS B 143 11.11 44.46 -31.66
N PHE B 144 11.99 43.84 -30.88
CA PHE B 144 13.42 43.88 -31.09
C PHE B 144 13.96 42.47 -31.00
N ASP B 145 15.22 42.31 -31.41
CA ASP B 145 15.92 41.04 -31.29
C ASP B 145 17.07 41.21 -30.29
N ALA B 146 17.49 40.09 -29.70
CA ALA B 146 18.49 40.12 -28.65
C ALA B 146 19.40 38.91 -28.77
N LYS B 147 20.57 39.03 -28.13
CA LYS B 147 21.58 37.97 -28.13
C LYS B 147 22.14 37.80 -26.73
N MET B 148 22.59 36.58 -26.44
CA MET B 148 23.09 36.25 -25.11
C MET B 148 24.38 37.01 -24.82
N VAL B 149 24.51 37.48 -23.58
CA VAL B 149 25.71 38.21 -23.16
C VAL B 149 26.40 37.43 -22.04
N GLY B 150 25.69 37.19 -20.94
CA GLY B 150 26.23 36.46 -19.81
C GLY B 150 25.15 35.63 -19.16
N LYS B 151 25.58 34.59 -18.45
CA LYS B 151 24.64 33.68 -17.81
C LYS B 151 25.29 33.05 -16.59
N ASP B 152 24.51 32.94 -15.51
CA ASP B 152 24.98 32.34 -14.26
C ASP B 152 23.91 31.41 -13.74
N PRO B 153 23.85 30.18 -14.28
CA PRO B 153 22.75 29.27 -13.90
C PRO B 153 22.66 28.96 -12.42
N ARG B 154 23.74 29.14 -11.65
CA ARG B 154 23.70 28.84 -10.23
C ARG B 154 22.80 29.83 -9.47
N SER B 155 22.71 31.07 -9.96
CA SER B 155 21.76 32.04 -9.43
C SER B 155 20.58 32.24 -10.36
N ASP B 156 20.56 31.57 -11.52
CA ASP B 156 19.46 31.66 -12.49
C ASP B 156 19.29 33.09 -13.01
N ILE B 157 20.38 33.84 -13.09
CA ILE B 157 20.39 35.19 -13.62
C ILE B 157 21.19 35.19 -14.92
N ALA B 158 20.57 35.66 -16.00
CA ALA B 158 21.25 35.84 -17.27
C ALA B 158 21.04 37.27 -17.75
N LEU B 159 21.99 37.76 -18.54
CA LEU B 159 21.94 39.10 -19.10
C LEU B 159 22.00 38.99 -20.62
N ILE B 160 21.05 39.62 -21.29
CA ILE B 160 21.05 39.68 -22.74
C ILE B 160 20.98 41.16 -23.16
N GLN B 161 21.28 41.41 -24.43
CA GLN B 161 21.37 42.77 -24.96
C GLN B 161 20.45 42.91 -26.16
N ILE B 162 19.66 43.97 -26.18
CA ILE B 162 18.75 44.23 -27.28
C ILE B 162 19.53 44.73 -28.49
N GLN B 163 19.20 44.20 -29.66
CA GLN B 163 19.86 44.60 -30.91
C GLN B 163 19.16 45.82 -31.47
N ASN B 164 19.95 46.86 -31.80
CA ASN B 164 19.47 48.14 -32.30
C ASN B 164 18.51 48.79 -31.29
N PRO B 165 19.00 49.27 -30.15
CA PRO B 165 18.12 49.89 -29.15
C PRO B 165 17.78 51.32 -29.52
N LYS B 166 16.48 51.63 -29.63
CA LYS B 166 16.02 52.98 -29.90
C LYS B 166 14.95 53.37 -28.88
N ASN B 167 15.28 54.37 -28.06
CA ASN B 167 14.31 54.99 -27.17
C ASN B 167 13.71 54.00 -26.16
N LEU B 168 14.48 53.67 -25.12
CA LEU B 168 14.04 52.78 -24.06
C LEU B 168 14.04 53.51 -22.72
N THR B 169 13.38 52.89 -21.74
CA THR B 169 13.32 53.44 -20.38
C THR B 169 13.85 52.40 -19.41
N ALA B 170 14.95 52.73 -18.73
CA ALA B 170 15.50 51.84 -17.73
C ALA B 170 14.82 52.07 -16.39
N ILE B 171 15.01 51.13 -15.48
CA ILE B 171 14.44 51.22 -14.14
C ILE B 171 15.56 51.54 -13.17
N LYS B 172 15.21 52.30 -12.13
CA LYS B 172 16.16 52.63 -11.07
C LYS B 172 16.17 51.48 -10.06
N MET B 173 17.34 51.07 -9.63
CA MET B 173 17.46 49.98 -8.68
C MET B 173 17.54 50.52 -7.25
N ALA B 174 17.02 49.73 -6.31
CA ALA B 174 17.04 50.04 -4.90
C ALA B 174 18.01 49.11 -4.19
N ASP B 175 18.11 49.29 -2.86
CA ASP B 175 19.01 48.51 -2.02
C ASP B 175 18.18 47.45 -1.30
N SER B 176 18.39 46.17 -1.67
CA SER B 176 17.60 45.10 -1.07
C SER B 176 17.96 44.86 0.39
N ASP B 177 19.18 45.22 0.81
CA ASP B 177 19.60 45.03 2.19
C ASP B 177 18.91 45.98 3.16
N ALA B 178 18.21 46.99 2.65
CA ALA B 178 17.40 47.88 3.47
C ALA B 178 15.95 47.42 3.60
N LEU B 179 15.59 46.32 2.95
CA LEU B 179 14.23 45.80 3.05
C LEU B 179 13.92 45.32 4.46
N ARG B 180 12.66 45.45 4.84
CA ARG B 180 12.13 44.85 6.05
C ARG B 180 10.84 44.12 5.70
N VAL B 181 10.62 42.95 6.32
CA VAL B 181 9.40 42.20 6.06
C VAL B 181 8.20 43.02 6.49
N GLY B 182 7.32 43.33 5.52
CA GLY B 182 6.17 44.16 5.77
C GLY B 182 5.96 45.24 4.74
N ASP B 183 6.99 45.50 3.93
CA ASP B 183 6.90 46.51 2.88
C ASP B 183 5.95 46.06 1.78
N TYR B 184 5.28 47.04 1.18
CA TYR B 184 4.35 46.77 0.09
C TYR B 184 5.13 46.47 -1.18
N THR B 185 4.72 45.44 -1.92
CA THR B 185 5.41 45.05 -3.14
C THR B 185 4.47 45.02 -4.34
N VAL B 186 5.05 45.24 -5.52
CA VAL B 186 4.34 45.26 -6.80
C VAL B 186 5.11 44.39 -7.79
N ALA B 187 4.42 43.41 -8.38
CA ALA B 187 5.03 42.46 -9.29
C ALA B 187 4.62 42.76 -10.72
N ILE B 188 5.58 42.76 -11.63
CA ILE B 188 5.34 43.02 -13.04
C ILE B 188 5.93 41.88 -13.86
N GLY B 189 5.21 41.44 -14.87
CA GLY B 189 5.71 40.40 -15.73
C GLY B 189 4.82 40.25 -16.95
N ASN B 190 4.94 39.09 -17.60
CA ASN B 190 4.06 38.71 -18.70
C ASN B 190 3.54 37.31 -18.42
N PRO B 191 2.52 37.18 -17.57
CA PRO B 191 1.91 35.86 -17.31
C PRO B 191 1.21 35.34 -18.56
N PHE B 192 1.61 34.15 -18.99
CA PHE B 192 0.95 33.45 -20.09
C PHE B 192 0.99 34.25 -21.40
N GLY B 193 1.99 35.11 -21.54
CA GLY B 193 2.16 35.88 -22.76
C GLY B 193 1.03 36.85 -23.05
N LEU B 194 0.13 37.02 -22.08
CA LEU B 194 -1.04 37.86 -22.30
C LEU B 194 -0.68 39.34 -22.38
N GLY B 195 0.53 39.71 -21.98
CA GLY B 195 0.98 41.08 -22.00
C GLY B 195 1.44 41.52 -20.63
N GLU B 196 1.90 42.76 -20.57
CA GLU B 196 2.38 43.35 -19.33
C GLU B 196 1.30 43.36 -18.26
N THR B 197 1.49 42.58 -17.20
CA THR B 197 0.49 42.44 -16.14
C THR B 197 1.10 42.83 -14.80
N VAL B 198 0.35 43.61 -14.03
CA VAL B 198 0.82 44.11 -12.74
C VAL B 198 -0.06 43.51 -11.65
N THR B 199 0.58 43.11 -10.55
CA THR B 199 -0.11 42.56 -9.39
C THR B 199 0.51 43.16 -8.13
N SER B 200 -0.18 42.98 -7.00
CA SER B 200 0.24 43.58 -5.75
C SER B 200 0.43 42.51 -4.67
N GLY B 201 1.26 42.86 -3.70
CA GLY B 201 1.53 41.94 -2.61
C GLY B 201 2.37 42.60 -1.53
N ILE B 202 2.97 41.77 -0.67
CA ILE B 202 3.84 42.24 0.41
C ILE B 202 5.02 41.29 0.56
N VAL B 203 5.97 41.69 1.42
CA VAL B 203 7.16 40.90 1.69
C VAL B 203 6.80 39.82 2.70
N SER B 204 6.73 38.57 2.24
CA SER B 204 6.42 37.47 3.15
C SER B 204 7.57 37.20 4.11
N ALA B 205 8.77 37.00 3.58
CA ALA B 205 9.95 36.74 4.38
C ALA B 205 11.18 37.10 3.56
N LEU B 206 12.36 36.91 4.15
CA LEU B 206 13.63 37.21 3.51
C LEU B 206 14.58 36.04 3.68
N GLY B 207 15.55 35.95 2.79
CA GLY B 207 16.54 34.90 2.87
C GLY B 207 15.99 33.50 2.78
N ARG B 208 14.79 33.33 2.22
CA ARG B 208 14.21 32.00 2.08
C ARG B 208 14.90 31.24 0.96
N SER B 209 14.98 29.92 1.13
CA SER B 209 15.63 29.04 0.17
C SER B 209 15.19 27.61 0.46
N GLY B 210 15.36 26.73 -0.52
CA GLY B 210 15.07 25.33 -0.29
C GLY B 210 14.59 24.51 -1.46
N LEU B 211 14.37 25.12 -2.62
CA LEU B 211 13.94 24.32 -3.77
C LEU B 211 15.11 23.61 -4.45
N ASN B 212 16.32 24.15 -4.34
CA ASN B 212 17.46 23.63 -5.08
C ASN B 212 18.72 23.96 -4.29
N ALA B 213 19.33 22.94 -3.68
CA ALA B 213 20.38 23.15 -2.68
C ALA B 213 21.70 23.58 -3.27
N GLU B 214 21.89 23.47 -4.58
CA GLU B 214 23.15 23.90 -5.20
C GLU B 214 23.09 25.32 -5.74
N ASN B 215 21.93 25.95 -5.73
CA ASN B 215 21.78 27.31 -6.24
C ASN B 215 22.12 28.32 -5.15
N TYR B 216 22.81 29.39 -5.56
CA TYR B 216 23.00 30.56 -4.69
C TYR B 216 21.68 31.32 -4.66
N GLU B 217 20.85 31.05 -3.65
CA GLU B 217 19.51 31.64 -3.58
C GLU B 217 19.29 32.26 -2.21
N ASN B 218 18.99 33.55 -2.21
CA ASN B 218 18.73 34.36 -1.03
C ASN B 218 17.33 34.97 -1.13
N PHE B 219 16.37 34.14 -1.52
CA PHE B 219 15.13 34.64 -2.14
C PHE B 219 14.36 35.59 -1.24
N ILE B 220 13.58 36.45 -1.90
CA ILE B 220 12.53 37.24 -1.26
C ILE B 220 11.20 36.59 -1.57
N GLN B 221 10.38 36.40 -0.54
CA GLN B 221 9.11 35.70 -0.66
C GLN B 221 7.98 36.72 -0.65
N THR B 222 6.99 36.51 -1.51
CA THR B 222 5.89 37.45 -1.62
C THR B 222 4.59 36.74 -1.92
N ASP B 223 3.49 37.37 -1.49
CA ASP B 223 2.13 36.97 -1.84
C ASP B 223 1.61 37.65 -3.10
N ALA B 224 2.43 38.49 -3.74
CA ALA B 224 2.04 39.06 -5.02
C ALA B 224 1.84 37.94 -6.04
N ALA B 225 0.69 37.96 -6.72
CA ALA B 225 0.38 36.94 -7.71
C ALA B 225 1.47 36.88 -8.76
N ILE B 226 2.10 35.70 -8.89
CA ILE B 226 3.18 35.47 -9.83
C ILE B 226 2.99 34.06 -10.40
N ASN B 227 3.02 33.95 -11.72
CA ASN B 227 2.72 32.67 -12.36
C ASN B 227 3.78 32.33 -13.40
N ARG B 228 3.60 31.18 -14.03
CA ARG B 228 4.47 30.78 -15.14
C ARG B 228 4.47 31.86 -16.20
N GLY B 229 5.66 32.40 -16.49
CA GLY B 229 5.82 33.51 -17.40
C GLY B 229 6.22 34.80 -16.72
N ASN B 230 5.80 34.99 -15.46
CA ASN B 230 6.31 36.12 -14.68
C ASN B 230 7.82 36.04 -14.49
N ALA B 231 8.41 34.86 -14.67
CA ALA B 231 9.84 34.68 -14.50
C ALA B 231 10.60 35.71 -15.32
N GLY B 232 11.59 36.33 -14.69
CA GLY B 232 12.31 37.43 -15.29
C GLY B 232 11.63 38.77 -15.17
N GLY B 233 10.42 38.83 -14.63
CA GLY B 233 9.74 40.08 -14.40
C GLY B 233 10.39 40.89 -13.29
N ALA B 234 9.81 42.06 -13.06
CA ALA B 234 10.32 42.99 -12.06
C ALA B 234 9.53 42.89 -10.77
N LEU B 235 10.22 43.09 -9.65
CA LEU B 235 9.59 43.31 -8.36
C LEU B 235 10.14 44.62 -7.82
N VAL B 236 9.25 45.57 -7.57
CA VAL B 236 9.63 46.94 -7.22
C VAL B 236 8.84 47.39 -6.02
N ASN B 237 9.34 48.44 -5.37
CA ASN B 237 8.63 49.09 -4.28
C ASN B 237 7.64 50.10 -4.85
N LEU B 238 7.12 50.98 -3.99
CA LEU B 238 6.10 51.93 -4.43
C LEU B 238 6.68 53.10 -5.22
N ASN B 239 8.00 53.30 -5.15
CA ASN B 239 8.65 54.32 -5.95
C ASN B 239 9.14 53.80 -7.29
N GLY B 240 8.73 52.59 -7.68
CA GLY B 240 9.16 52.02 -8.93
C GLY B 240 10.62 51.68 -9.01
N GLU B 241 11.29 51.48 -7.88
CA GLU B 241 12.68 51.09 -7.84
C GLU B 241 12.79 49.58 -7.74
N LEU B 242 13.58 48.98 -8.62
CA LEU B 242 13.64 47.52 -8.68
C LEU B 242 14.28 46.95 -7.42
N ILE B 243 13.60 46.02 -6.78
CA ILE B 243 14.12 45.36 -5.59
C ILE B 243 14.44 43.89 -5.83
N GLY B 244 13.82 43.26 -6.82
CA GLY B 244 14.05 41.85 -7.05
C GLY B 244 13.53 41.44 -8.41
N ILE B 245 13.92 40.24 -8.82
CA ILE B 245 13.51 39.66 -10.09
C ILE B 245 12.67 38.42 -9.77
N ASN B 246 11.37 38.50 -10.01
CA ASN B 246 10.47 37.36 -9.85
C ASN B 246 11.03 36.16 -10.60
N THR B 247 11.26 35.05 -9.87
CA THR B 247 11.96 33.91 -10.42
C THR B 247 11.13 32.64 -10.40
N ALA B 248 10.77 32.13 -9.22
CA ALA B 248 10.05 30.87 -9.11
C ALA B 248 8.94 30.98 -8.07
N ILE B 249 8.04 30.01 -8.11
CA ILE B 249 6.85 29.98 -7.27
C ILE B 249 6.80 28.64 -6.54
N LEU B 250 5.96 28.58 -5.53
CA LEU B 250 5.66 27.34 -4.84
C LEU B 250 4.21 26.99 -5.15
N ALA B 251 4.01 25.99 -6.01
CA ALA B 251 2.67 25.67 -6.47
C ALA B 251 2.49 24.16 -6.61
N PRO B 252 1.56 23.56 -5.85
CA PRO B 252 1.23 22.15 -6.08
C PRO B 252 0.48 21.92 -7.37
N ASP B 253 0.09 22.99 -8.08
CA ASP B 253 -0.67 22.89 -9.31
C ASP B 253 -0.08 23.74 -10.43
N GLY B 254 1.14 24.25 -10.26
CA GLY B 254 1.69 25.18 -11.23
C GLY B 254 1.03 26.54 -11.27
N GLY B 255 0.10 26.80 -10.37
CA GLY B 255 -0.55 28.11 -10.30
C GLY B 255 -0.36 28.73 -8.94
N ASN B 256 -0.24 30.06 -8.93
CA ASN B 256 0.13 30.79 -7.71
C ASN B 256 -0.86 30.54 -6.57
N ILE B 257 -0.32 30.39 -5.37
CA ILE B 257 -1.13 30.27 -4.16
C ILE B 257 -0.68 31.34 -3.17
N GLY B 258 0.03 32.34 -3.67
CA GLY B 258 0.49 33.42 -2.81
C GLY B 258 1.91 33.27 -2.34
N ILE B 259 2.72 32.48 -3.03
CA ILE B 259 4.10 32.24 -2.63
C ILE B 259 4.95 32.33 -3.90
N GLY B 260 5.56 33.48 -4.12
CA GLY B 260 6.53 33.64 -5.19
C GLY B 260 7.89 34.02 -4.62
N PHE B 261 8.95 33.84 -5.42
CA PHE B 261 10.30 34.13 -4.96
C PHE B 261 11.04 35.01 -5.98
N ALA B 262 11.77 35.99 -5.47
CA ALA B 262 12.52 36.93 -6.29
C ALA B 262 13.90 37.13 -5.71
N ILE B 263 14.86 37.47 -6.59
CA ILE B 263 16.25 37.56 -6.23
C ILE B 263 16.56 39.01 -5.82
N PRO B 264 17.10 39.25 -4.63
CA PRO B 264 17.35 40.63 -4.19
C PRO B 264 18.15 41.42 -5.21
N SER B 265 17.83 42.72 -5.31
CA SER B 265 18.47 43.57 -6.32
C SER B 265 19.98 43.61 -6.13
N ASN B 266 20.44 43.73 -4.88
CA ASN B 266 21.86 43.83 -4.60
C ASN B 266 22.61 42.62 -5.14
N MET B 267 22.01 41.43 -5.09
CA MET B 267 22.64 40.27 -5.67
C MET B 267 22.64 40.34 -7.19
N VAL B 268 21.56 40.85 -7.78
CA VAL B 268 21.53 41.04 -9.23
C VAL B 268 22.43 42.20 -9.63
N LYS B 269 22.52 43.23 -8.77
CA LYS B 269 23.36 44.39 -9.06
C LYS B 269 24.82 43.97 -9.26
N ASN B 270 25.30 43.05 -8.45
CA ASN B 270 26.69 42.59 -8.55
C ASN B 270 26.86 41.64 -9.74
N LEU B 271 25.85 40.82 -10.03
CA LEU B 271 25.99 39.84 -11.10
C LEU B 271 26.06 40.49 -12.47
N THR B 272 25.22 41.49 -12.74
CA THR B 272 25.22 42.13 -14.06
C THR B 272 26.55 42.82 -14.32
N SER B 273 26.97 43.70 -13.41
CA SER B 273 28.18 44.49 -13.61
C SER B 273 29.40 43.63 -13.93
N GLN B 274 29.42 42.39 -13.44
CA GLN B 274 30.45 41.45 -13.86
C GLN B 274 30.18 40.96 -15.28
N MET B 275 28.95 40.52 -15.57
CA MET B 275 28.58 40.14 -16.92
C MET B 275 28.75 41.29 -17.90
N VAL B 276 28.73 42.54 -17.42
CA VAL B 276 28.96 43.69 -18.28
C VAL B 276 30.39 43.66 -18.81
N GLU B 277 31.37 43.49 -17.92
CA GLU B 277 32.77 43.68 -18.29
C GLU B 277 33.47 42.41 -18.76
N TYR B 278 33.00 41.24 -18.36
CA TYR B 278 33.72 40.00 -18.62
C TYR B 278 32.91 38.90 -19.28
N GLY B 279 31.58 38.96 -19.28
CA GLY B 279 30.76 37.95 -19.90
C GLY B 279 30.51 36.72 -19.06
N GLN B 280 31.18 36.59 -17.91
CA GLN B 280 30.90 35.51 -16.97
C GLN B 280 31.03 36.10 -15.56
N VAL B 281 30.92 35.24 -14.56
CA VAL B 281 30.95 35.66 -13.16
C VAL B 281 32.31 35.30 -12.58
N LYS B 282 33.01 36.30 -12.05
CA LYS B 282 34.27 36.08 -11.34
C LYS B 282 33.94 35.52 -9.95
N ARG B 283 33.78 34.19 -9.91
CA ARG B 283 33.39 33.52 -8.68
C ARG B 283 34.53 33.58 -7.68
N GLY B 284 34.32 34.34 -6.61
CA GLY B 284 35.26 34.35 -5.50
C GLY B 284 34.80 33.38 -4.42
N GLU B 285 35.77 32.67 -3.85
CA GLU B 285 35.51 31.78 -2.73
C GLU B 285 36.49 32.11 -1.61
N LEU B 286 36.13 31.68 -0.40
CA LEU B 286 37.05 31.75 0.72
C LEU B 286 37.73 30.41 0.99
N GLY B 287 37.25 29.34 0.37
CA GLY B 287 37.83 28.02 0.56
C GLY B 287 37.45 27.41 1.89
N ILE B 288 36.15 27.40 2.20
CA ILE B 288 35.66 26.87 3.47
C ILE B 288 34.45 25.97 3.20
N MET B 289 34.31 24.95 4.03
CA MET B 289 33.14 24.08 4.05
C MET B 289 32.38 24.31 5.35
N GLY B 290 31.07 24.11 5.30
CA GLY B 290 30.26 24.32 6.50
C GLY B 290 28.79 24.03 6.21
N THR B 291 28.02 24.00 7.29
CA THR B 291 26.61 23.64 7.21
C THR B 291 25.80 24.53 8.16
N GLU B 292 24.48 24.44 8.02
CA GLU B 292 23.57 25.30 8.78
C GLU B 292 23.65 25.00 10.27
N LEU B 293 23.43 26.04 11.07
CA LEU B 293 23.41 25.92 12.52
C LEU B 293 21.96 25.86 12.99
N ASN B 294 21.50 24.66 13.37
CA ASN B 294 20.20 24.50 13.99
C ASN B 294 20.34 24.55 15.51
N SER B 295 19.19 24.55 16.20
CA SER B 295 19.22 24.58 17.65
C SER B 295 19.84 23.31 18.23
N GLU B 296 19.69 22.18 17.54
CA GLU B 296 20.26 20.93 18.03
C GLU B 296 21.78 20.97 18.02
N LEU B 297 22.37 21.41 16.90
CA LEU B 297 23.82 21.50 16.83
C LEU B 297 24.35 22.63 17.70
N ALA B 298 23.58 23.73 17.80
CA ALA B 298 23.97 24.81 18.70
C ALA B 298 24.08 24.34 20.14
N LYS B 299 23.21 23.40 20.53
CA LYS B 299 23.33 22.77 21.83
C LYS B 299 24.65 22.00 21.96
N ALA B 300 25.00 21.24 20.92
CA ALA B 300 26.20 20.40 20.98
C ALA B 300 27.46 21.23 21.17
N MET B 301 27.56 22.34 20.46
CA MET B 301 28.73 23.22 20.57
C MET B 301 28.60 24.26 21.67
N LYS B 302 27.48 24.25 22.41
CA LYS B 302 27.27 25.19 23.51
C LYS B 302 27.36 26.64 23.03
N VAL B 303 26.58 26.96 22.00
CA VAL B 303 26.55 28.29 21.40
C VAL B 303 25.21 28.93 21.68
N ASP B 304 25.22 30.24 21.98
CA ASP B 304 23.99 30.94 22.34
C ASP B 304 23.05 31.04 21.15
N ALA B 305 23.50 31.65 20.06
CA ALA B 305 22.64 31.84 18.89
C ALA B 305 22.24 30.50 18.30
N GLN B 306 20.96 30.37 17.94
CA GLN B 306 20.43 29.12 17.42
C GLN B 306 20.49 29.02 15.91
N ARG B 307 21.01 30.03 15.22
CA ARG B 307 21.08 29.98 13.77
C ARG B 307 22.29 30.80 13.31
N GLY B 308 22.89 30.33 12.22
CA GLY B 308 24.09 30.94 11.69
C GLY B 308 24.83 29.94 10.83
N ALA B 309 26.07 30.28 10.51
CA ALA B 309 26.91 29.45 9.64
C ALA B 309 27.97 28.76 10.50
N PHE B 310 27.97 27.43 10.48
CA PHE B 310 28.92 26.62 11.23
C PHE B 310 30.02 26.14 10.28
N VAL B 311 31.27 26.41 10.63
CA VAL B 311 32.39 26.07 9.78
C VAL B 311 32.78 24.62 9.99
N SER B 312 32.75 23.83 8.91
CA SER B 312 33.22 22.44 8.98
C SER B 312 34.73 22.37 8.98
N GLN B 313 35.38 23.09 8.07
CA GLN B 313 36.83 23.07 7.95
C GLN B 313 37.28 24.25 7.09
N VAL B 314 38.55 24.61 7.23
CA VAL B 314 39.19 25.63 6.41
C VAL B 314 40.22 24.95 5.51
N LEU B 315 40.24 25.35 4.25
CA LEU B 315 41.21 24.76 3.35
C LEU B 315 42.58 25.40 3.54
N PRO B 316 43.66 24.68 3.23
CA PRO B 316 44.98 25.30 3.25
C PRO B 316 45.10 26.37 2.17
N ASN B 317 45.87 27.42 2.48
CA ASN B 317 46.09 28.55 1.59
C ASN B 317 44.79 29.29 1.28
N SER B 318 43.85 29.25 2.20
CA SER B 318 42.57 29.92 2.03
C SER B 318 42.54 31.24 2.79
N SER B 319 41.81 32.21 2.24
CA SER B 319 41.73 33.53 2.86
C SER B 319 41.22 33.45 4.29
N ALA B 320 40.29 32.53 4.56
CA ALA B 320 39.82 32.33 5.92
C ALA B 320 40.94 31.83 6.82
N ALA B 321 41.69 30.83 6.36
CA ALA B 321 42.85 30.36 7.11
C ALA B 321 43.87 31.48 7.28
N LYS B 322 44.08 32.28 6.23
CA LYS B 322 45.02 33.41 6.31
C LYS B 322 44.47 34.52 7.20
N ALA B 323 43.15 34.63 7.33
CA ALA B 323 42.56 35.67 8.16
C ALA B 323 42.52 35.30 9.64
N GLY B 324 42.62 34.02 9.96
CA GLY B 324 42.59 33.58 11.34
C GLY B 324 41.28 32.94 11.75
N ILE B 325 40.60 32.28 10.81
CA ILE B 325 39.33 31.64 11.06
C ILE B 325 39.56 30.15 11.27
N LYS B 326 39.05 29.63 12.37
CA LYS B 326 39.22 28.22 12.73
C LYS B 326 37.90 27.48 12.55
N ALA B 327 38.02 26.15 12.37
CA ALA B 327 36.84 25.31 12.24
C ALA B 327 36.06 25.28 13.54
N GLY B 328 34.79 24.88 13.44
CA GLY B 328 33.91 24.85 14.58
C GLY B 328 33.36 26.20 15.00
N ASP B 329 33.67 27.26 14.27
CA ASP B 329 33.17 28.59 14.61
C ASP B 329 31.78 28.82 14.03
N VAL B 330 31.12 29.85 14.53
CA VAL B 330 29.75 30.20 14.13
C VAL B 330 29.77 31.62 13.58
N ILE B 331 29.37 31.77 12.32
CA ILE B 331 29.25 33.08 11.69
C ILE B 331 27.89 33.66 12.04
N THR B 332 27.87 34.96 12.34
CA THR B 332 26.65 35.63 12.75
C THR B 332 26.27 36.83 11.91
N SER B 333 27.24 37.52 11.30
CA SER B 333 26.93 38.75 10.57
C SER B 333 27.89 38.92 9.40
N LEU B 334 27.44 39.70 8.42
CA LEU B 334 28.25 40.11 7.27
C LEU B 334 28.11 41.61 7.11
N ASN B 335 29.22 42.33 7.26
CA ASN B 335 29.24 43.78 7.15
C ASN B 335 28.26 44.45 8.12
N GLY B 336 27.98 43.78 9.23
CA GLY B 336 27.03 44.29 10.20
C GLY B 336 25.67 43.67 10.08
N LYS B 337 25.23 43.38 8.85
CA LYS B 337 23.94 42.75 8.61
C LYS B 337 23.95 41.33 9.15
N PRO B 338 23.07 40.98 10.09
CA PRO B 338 23.02 39.59 10.56
C PRO B 338 22.78 38.62 9.42
N ILE B 339 23.24 37.39 9.61
CA ILE B 339 23.08 36.35 8.62
C ILE B 339 21.86 35.51 8.99
N SER B 340 21.01 35.22 8.02
CA SER B 340 19.81 34.43 8.27
C SER B 340 20.12 32.93 8.29
N SER B 341 21.08 32.51 7.48
CA SER B 341 21.42 31.09 7.36
C SER B 341 22.75 30.97 6.62
N PHE B 342 23.26 29.74 6.57
CA PHE B 342 24.45 29.45 5.78
C PHE B 342 24.15 29.60 4.29
N ALA B 343 23.00 29.08 3.85
CA ALA B 343 22.67 29.14 2.42
C ALA B 343 22.49 30.57 1.95
N ALA B 344 22.00 31.46 2.82
CA ALA B 344 21.84 32.86 2.43
C ALA B 344 23.20 33.55 2.29
N LEU B 345 24.13 33.27 3.21
CA LEU B 345 25.47 33.85 3.09
C LEU B 345 26.18 33.33 1.85
N ARG B 346 26.03 32.03 1.57
CA ARG B 346 26.57 31.45 0.34
C ARG B 346 26.14 32.26 -0.87
N ALA B 347 24.87 32.63 -0.93
CA ALA B 347 24.37 33.42 -2.06
C ALA B 347 24.91 34.85 -2.03
N GLN B 348 25.07 35.42 -0.84
CA GLN B 348 25.62 36.78 -0.72
C GLN B 348 27.00 36.85 -1.34
N VAL B 349 27.90 35.96 -0.92
CA VAL B 349 29.30 36.03 -1.35
C VAL B 349 29.48 35.44 -2.75
N GLY B 350 28.60 34.52 -3.15
CA GLY B 350 28.64 33.99 -4.51
C GLY B 350 28.39 35.03 -5.58
N THR B 351 27.92 36.22 -5.20
CA THR B 351 27.70 37.31 -6.13
C THR B 351 28.73 38.43 -5.98
N MET B 352 29.48 38.47 -4.89
CA MET B 352 30.42 39.56 -4.69
C MET B 352 31.64 39.37 -5.60
N PRO B 353 32.13 40.45 -6.21
CA PRO B 353 33.30 40.33 -7.09
C PRO B 353 34.53 39.88 -6.33
N VAL B 354 35.44 39.20 -7.04
CA VAL B 354 36.68 38.75 -6.43
C VAL B 354 37.42 39.96 -5.86
N GLY B 355 38.02 39.78 -4.69
CA GLY B 355 38.71 40.84 -4.00
C GLY B 355 37.83 41.77 -3.19
N SER B 356 36.53 41.52 -3.15
CA SER B 356 35.63 42.36 -2.36
C SER B 356 35.99 42.28 -0.89
N LYS B 357 36.34 43.42 -0.30
CA LYS B 357 36.72 43.47 1.12
C LYS B 357 35.47 43.61 1.96
N LEU B 358 35.29 42.70 2.92
CA LEU B 358 34.13 42.66 3.79
C LEU B 358 34.57 42.29 5.19
N THR B 359 33.66 42.46 6.14
CA THR B 359 33.91 42.14 7.54
C THR B 359 32.91 41.10 8.01
N LEU B 360 33.36 40.20 8.88
CA LEU B 360 32.55 39.10 9.36
C LEU B 360 32.49 39.10 10.88
N GLY B 361 31.43 38.51 11.41
CA GLY B 361 31.25 38.38 12.85
C GLY B 361 31.19 36.94 13.29
N LEU B 362 32.07 36.56 14.23
CA LEU B 362 32.22 35.19 14.68
C LEU B 362 31.63 35.01 16.08
N LEU B 363 31.52 33.75 16.49
CA LEU B 363 31.15 33.39 17.86
C LEU B 363 31.85 32.09 18.19
N ARG B 364 32.96 32.18 18.91
CA ARG B 364 33.77 31.02 19.28
C ARG B 364 33.97 31.05 20.79
N ASP B 365 33.59 29.96 21.46
CA ASP B 365 33.66 29.87 22.92
C ASP B 365 32.99 31.07 23.58
N GLY B 366 31.85 31.48 23.02
CA GLY B 366 31.12 32.62 23.56
C GLY B 366 31.85 33.93 23.44
N LYS B 367 32.69 34.08 22.42
CA LYS B 367 33.47 35.30 22.23
C LYS B 367 33.26 35.79 20.80
N GLN B 368 32.96 37.09 20.68
CA GLN B 368 32.68 37.72 19.40
C GLN B 368 33.98 38.14 18.72
N VAL B 369 34.09 37.84 17.42
CA VAL B 369 35.29 38.13 16.63
C VAL B 369 34.89 38.85 15.35
N ASN B 370 35.68 39.85 14.97
CA ASN B 370 35.53 40.56 13.71
C ASN B 370 36.78 40.35 12.86
N VAL B 371 36.59 40.14 11.56
CA VAL B 371 37.71 39.84 10.67
C VAL B 371 37.52 40.57 9.34
N ASN B 372 38.62 41.09 8.81
CA ASN B 372 38.65 41.62 7.45
C ASN B 372 39.11 40.52 6.51
N LEU B 373 38.42 40.42 5.36
CA LEU B 373 38.72 39.36 4.41
C LEU B 373 38.63 39.89 2.98
N GLU B 374 39.02 39.03 2.05
CA GLU B 374 39.15 39.38 0.65
C GLU B 374 38.93 38.13 -0.18
N LEU B 375 38.02 38.22 -1.14
CA LEU B 375 37.69 37.06 -1.97
C LEU B 375 38.90 36.62 -2.81
N GLN B 376 39.03 35.32 -3.00
CA GLN B 376 40.09 34.74 -3.81
C GLN B 376 39.51 33.89 -4.93
N GLN B 377 40.35 33.60 -5.93
CA GLN B 377 39.93 32.74 -7.02
C GLN B 377 39.93 31.27 -6.59
N SER B 378 39.43 30.42 -7.47
CA SER B 378 39.27 28.99 -7.20
C SER B 378 40.20 28.21 -8.11
N SER B 379 41.18 27.53 -7.52
CA SER B 379 41.97 26.54 -8.26
C SER B 379 41.24 25.21 -8.40
N GLN B 380 40.08 25.07 -7.78
CA GLN B 380 39.25 23.88 -7.88
C GLN B 380 37.81 24.30 -8.16
N ASN B 381 37.24 23.74 -9.22
CA ASN B 381 35.85 24.00 -9.62
C ASN B 381 35.59 25.49 -9.83
N GLN B 382 36.43 26.11 -10.66
CA GLN B 382 36.28 27.54 -10.97
C GLN B 382 35.19 27.76 -12.02
N VAL B 383 35.43 27.33 -13.26
CA VAL B 383 34.54 27.58 -14.38
C VAL B 383 33.89 26.27 -14.80
N ASP B 384 32.55 26.23 -14.75
CA ASP B 384 31.87 25.07 -15.27
C ASP B 384 31.76 25.16 -16.79
N SER B 385 31.44 24.02 -17.40
CA SER B 385 31.52 23.90 -18.86
C SER B 385 30.59 24.90 -19.56
N SER B 386 29.38 25.10 -19.03
CA SER B 386 28.29 25.70 -19.78
C SER B 386 28.67 27.05 -20.40
N SER B 387 29.10 28.00 -19.57
CA SER B 387 29.27 29.39 -19.98
C SER B 387 30.26 29.58 -21.13
N ILE B 388 30.88 28.51 -21.60
CA ILE B 388 31.84 28.56 -22.69
C ILE B 388 31.26 27.99 -23.98
N PHE B 389 30.48 26.92 -23.89
CA PHE B 389 29.94 26.24 -25.06
C PHE B 389 28.49 26.63 -25.39
N ASN B 390 27.78 27.26 -24.46
CA ASN B 390 26.40 27.69 -24.67
C ASN B 390 25.47 26.51 -24.97
N GLY B 391 25.73 25.37 -24.33
CA GLY B 391 24.88 24.21 -24.52
C GLY B 391 25.40 22.91 -23.93
N ILE B 392 26.60 22.94 -23.37
CA ILE B 392 27.26 21.74 -22.85
C ILE B 392 27.60 22.00 -21.39
N GLU B 393 26.90 21.33 -20.48
CA GLU B 393 27.08 21.47 -19.05
C GLU B 393 27.72 20.19 -18.49
N GLY B 394 28.08 20.23 -17.21
CA GLY B 394 28.51 19.02 -16.53
C GLY B 394 30.01 18.83 -16.37
N ALA B 395 30.81 19.87 -16.59
CA ALA B 395 32.26 19.76 -16.45
C ALA B 395 32.76 21.04 -15.81
N GLU B 396 33.19 20.94 -14.55
CA GLU B 396 33.81 22.06 -13.85
C GLU B 396 35.32 22.01 -14.09
N MET B 397 35.89 23.14 -14.50
CA MET B 397 37.26 23.16 -14.99
C MET B 397 37.92 24.48 -14.60
N SER B 398 39.25 24.47 -14.61
CA SER B 398 40.04 25.64 -14.25
C SER B 398 41.40 25.56 -14.93
N ASN B 399 42.19 26.61 -14.78
CA ASN B 399 43.50 26.67 -15.44
C ASN B 399 44.55 25.92 -14.62
N LYS B 400 45.64 25.57 -15.30
CA LYS B 400 46.74 24.81 -14.70
C LYS B 400 48.02 25.62 -14.79
N GLY B 401 48.73 25.71 -13.67
CA GLY B 401 50.07 26.26 -13.67
C GLY B 401 50.11 27.65 -14.25
N LYS B 402 51.08 27.89 -15.12
CA LYS B 402 51.23 29.14 -15.85
C LYS B 402 50.98 28.84 -17.33
N ASP B 403 49.74 29.05 -17.78
CA ASP B 403 49.35 28.81 -19.16
C ASP B 403 49.66 27.37 -19.59
N GLN B 404 49.36 26.42 -18.69
CA GLN B 404 49.63 25.01 -18.92
C GLN B 404 48.37 24.22 -19.23
N GLY B 405 47.30 24.90 -19.64
CA GLY B 405 46.08 24.25 -20.06
C GLY B 405 44.98 24.37 -19.02
N VAL B 406 43.87 23.70 -19.33
CA VAL B 406 42.68 23.72 -18.48
C VAL B 406 42.44 22.29 -17.98
N VAL B 407 42.71 22.06 -16.70
CA VAL B 407 42.39 20.78 -16.08
C VAL B 407 40.92 20.80 -15.64
N VAL B 408 40.25 19.67 -15.82
CA VAL B 408 38.85 19.53 -15.43
C VAL B 408 38.80 19.06 -13.99
N ASN B 409 38.24 19.89 -13.10
CA ASN B 409 38.17 19.54 -11.69
C ASN B 409 37.07 18.52 -11.42
N ASN B 410 35.91 18.66 -12.05
CA ASN B 410 34.77 17.80 -11.79
C ASN B 410 33.99 17.54 -13.07
N VAL B 411 33.50 16.31 -13.19
CA VAL B 411 32.61 15.91 -14.28
C VAL B 411 31.42 15.19 -13.66
N LYS B 412 30.21 15.59 -14.06
CA LYS B 412 28.99 15.04 -13.49
C LYS B 412 28.55 13.79 -14.26
N THR B 413 27.92 12.87 -13.54
CA THR B 413 27.45 11.62 -14.13
C THR B 413 26.10 11.85 -14.79
N GLY B 414 26.03 11.60 -16.10
CA GLY B 414 24.80 11.78 -16.86
C GLY B 414 24.57 13.16 -17.41
N THR B 415 25.63 13.95 -17.62
CA THR B 415 25.53 15.31 -18.13
C THR B 415 26.16 15.43 -19.51
N PRO B 416 25.83 16.49 -20.27
CA PRO B 416 26.35 16.59 -21.65
C PRO B 416 27.86 16.56 -21.78
N ALA B 417 28.60 16.90 -20.72
CA ALA B 417 30.05 16.83 -20.79
C ALA B 417 30.55 15.39 -20.71
N ALA B 418 30.10 14.65 -19.68
CA ALA B 418 30.45 13.25 -19.56
C ALA B 418 29.86 12.39 -20.67
N GLN B 419 28.92 12.93 -21.45
CA GLN B 419 28.35 12.22 -22.58
C GLN B 419 29.29 12.18 -23.78
N ILE B 420 30.34 13.00 -23.79
CA ILE B 420 31.37 12.95 -24.81
C ILE B 420 32.65 12.31 -24.31
N GLY B 421 32.74 11.99 -23.02
CA GLY B 421 33.85 11.24 -22.47
C GLY B 421 34.76 11.98 -21.52
N LEU B 422 34.39 13.18 -21.07
CA LEU B 422 35.28 13.96 -20.23
C LEU B 422 35.36 13.37 -18.83
N LYS B 423 36.59 13.20 -18.34
CA LYS B 423 36.84 12.65 -17.01
C LYS B 423 37.73 13.62 -16.24
N LYS B 424 37.90 13.33 -14.95
CA LYS B 424 38.74 14.17 -14.12
C LYS B 424 40.21 13.90 -14.40
N GLY B 425 41.01 14.97 -14.37
CA GLY B 425 42.43 14.87 -14.62
C GLY B 425 42.87 15.28 -16.00
N ASP B 426 41.93 15.48 -16.93
CA ASP B 426 42.30 15.89 -18.28
C ASP B 426 42.98 17.25 -18.25
N VAL B 427 43.90 17.46 -19.21
CA VAL B 427 44.64 18.71 -19.33
C VAL B 427 44.64 19.10 -20.80
N ILE B 428 43.88 20.14 -21.14
CA ILE B 428 43.73 20.54 -22.54
C ILE B 428 44.92 21.40 -22.94
N ILE B 429 45.62 21.00 -23.99
CA ILE B 429 46.79 21.73 -24.47
C ILE B 429 46.44 22.58 -25.68
N GLY B 430 45.56 22.08 -26.54
CA GLY B 430 45.22 22.83 -27.75
C GLY B 430 43.94 22.32 -28.35
N ALA B 431 43.51 23.02 -29.40
CA ALA B 431 42.27 22.67 -30.11
C ALA B 431 42.29 23.31 -31.49
N ASN B 432 41.99 22.51 -32.51
CA ASN B 432 41.86 23.00 -33.89
C ASN B 432 43.09 23.79 -34.32
N GLN B 433 44.25 23.17 -34.15
CA GLN B 433 45.54 23.66 -34.64
C GLN B 433 45.97 24.96 -33.97
N GLN B 434 45.38 25.31 -32.83
CA GLN B 434 45.81 26.45 -32.03
C GLN B 434 46.02 26.00 -30.59
N ALA B 435 47.23 26.24 -30.08
CA ALA B 435 47.53 25.88 -28.71
C ALA B 435 46.63 26.64 -27.75
N VAL B 436 46.12 25.94 -26.74
CA VAL B 436 45.17 26.49 -25.79
C VAL B 436 45.82 26.50 -24.41
N LYS B 437 45.96 27.69 -23.82
CA LYS B 437 46.70 27.86 -22.58
C LYS B 437 45.82 28.27 -21.40
N ASN B 438 44.70 28.95 -21.65
CA ASN B 438 43.79 29.35 -20.60
C ASN B 438 42.37 29.39 -21.17
N ILE B 439 41.40 29.69 -20.30
CA ILE B 439 39.99 29.69 -20.69
C ILE B 439 39.72 30.78 -21.73
N ALA B 440 40.52 31.85 -21.74
CA ALA B 440 40.35 32.89 -22.75
C ALA B 440 40.77 32.39 -24.13
N GLU B 441 41.89 31.68 -24.22
CA GLU B 441 42.31 31.11 -25.50
C GLU B 441 41.34 30.03 -25.97
N LEU B 442 40.75 29.29 -25.04
CA LEU B 442 39.68 28.37 -25.38
C LEU B 442 38.48 29.11 -25.96
N ARG B 443 37.98 30.09 -25.21
CA ARG B 443 36.84 30.87 -25.67
C ARG B 443 37.14 31.64 -26.95
N LYS B 444 38.41 31.85 -27.26
CA LYS B 444 38.77 32.54 -28.51
C LYS B 444 38.52 31.68 -29.73
N VAL B 445 38.37 30.37 -29.55
CA VAL B 445 38.08 29.47 -30.67
C VAL B 445 36.59 29.20 -30.71
N LEU B 446 35.93 29.19 -29.55
CA LEU B 446 34.50 28.92 -29.51
C LEU B 446 33.69 30.10 -30.03
N ASP B 447 34.23 31.33 -29.92
CA ASP B 447 33.58 32.47 -30.54
C ASP B 447 33.70 32.43 -32.05
N SER B 448 34.78 31.85 -32.58
CA SER B 448 34.88 31.55 -34.00
C SER B 448 33.79 30.58 -34.44
N LYS B 449 33.21 29.84 -33.49
CA LYS B 449 32.16 28.84 -33.72
C LYS B 449 32.53 27.90 -34.85
N PRO B 450 33.52 27.04 -34.65
CA PRO B 450 33.87 26.08 -35.70
C PRO B 450 32.86 24.95 -35.76
N SER B 451 32.70 24.40 -36.97
CA SER B 451 31.71 23.35 -37.19
C SER B 451 32.00 22.14 -36.32
N VAL B 452 33.26 21.72 -36.28
CA VAL B 452 33.68 20.56 -35.50
C VAL B 452 34.89 20.98 -34.66
N LEU B 453 34.99 20.42 -33.47
CA LEU B 453 36.04 20.79 -32.53
C LEU B 453 36.96 19.60 -32.30
N ALA B 454 38.25 19.79 -32.54
CA ALA B 454 39.27 18.79 -32.28
C ALA B 454 40.12 19.26 -31.11
N LEU B 455 39.92 18.64 -29.95
CA LEU B 455 40.60 19.02 -28.71
C LEU B 455 41.88 18.21 -28.54
N ASN B 456 43.01 18.90 -28.47
CA ASN B 456 44.30 18.24 -28.21
C ASN B 456 44.57 18.26 -26.69
N ILE B 457 43.75 17.49 -25.98
CA ILE B 457 43.88 17.37 -24.52
C ILE B 457 44.92 16.31 -24.21
N GLN B 458 45.30 16.19 -22.93
CA GLN B 458 46.19 15.12 -22.50
C GLN B 458 45.68 14.55 -21.18
N ARG B 459 45.42 13.25 -21.18
CA ARG B 459 45.06 12.53 -19.96
C ARG B 459 46.28 11.77 -19.47
N GLY B 460 46.77 12.16 -18.30
CA GLY B 460 48.02 11.58 -17.84
C GLY B 460 49.15 11.97 -18.75
N ASP B 461 50.09 11.03 -18.92
CA ASP B 461 51.26 11.24 -19.77
C ASP B 461 50.94 11.08 -21.26
N SER B 462 49.69 10.79 -21.62
CA SER B 462 49.31 10.56 -22.99
C SER B 462 48.77 11.83 -23.64
N THR B 463 48.85 11.87 -24.97
CA THR B 463 48.30 12.97 -25.76
C THR B 463 47.18 12.41 -26.62
N ILE B 464 45.93 12.78 -26.28
CA ILE B 464 44.76 12.23 -26.96
C ILE B 464 43.94 13.35 -27.59
N TYR B 465 42.82 12.99 -28.22
CA TYR B 465 41.90 13.94 -28.82
C TYR B 465 40.47 13.59 -28.44
N LEU B 466 39.62 14.62 -28.42
CA LEU B 466 38.18 14.46 -28.27
C LEU B 466 37.49 15.42 -29.23
N LEU B 467 36.41 14.94 -29.86
CA LEU B 467 35.76 15.63 -30.96
C LEU B 467 34.38 16.13 -30.53
N MET B 468 33.91 17.15 -31.25
CA MET B 468 32.60 17.75 -31.01
C MET B 468 31.91 18.04 -32.33
N GLN B 469 30.60 17.79 -32.36
CA GLN B 469 29.75 18.14 -33.49
C GLN B 469 30.22 17.47 -34.78
N GLN C 32 -6.10 55.02 15.06
CA GLN C 32 -6.88 55.35 13.88
C GLN C 32 -6.38 54.53 12.69
N MET C 33 -7.22 53.60 12.20
CA MET C 33 -6.86 52.62 11.18
C MET C 33 -7.54 52.91 9.85
N PRO C 34 -6.81 52.83 8.75
CA PRO C 34 -7.46 52.89 7.43
C PRO C 34 -8.25 51.62 7.17
N SER C 35 -9.43 51.80 6.59
CA SER C 35 -10.31 50.67 6.33
C SER C 35 -11.23 51.01 5.17
N LEU C 36 -11.72 49.96 4.53
CA LEU C 36 -12.66 50.07 3.43
C LEU C 36 -14.10 49.81 3.86
N ALA C 37 -14.32 49.35 5.08
CA ALA C 37 -15.66 49.13 5.61
C ALA C 37 -16.58 50.35 5.47
N PRO C 38 -16.12 51.61 5.62
CA PRO C 38 -17.05 52.72 5.38
C PRO C 38 -17.69 52.70 3.99
N MET C 39 -16.88 52.50 2.95
CA MET C 39 -17.44 52.36 1.60
C MET C 39 -18.32 51.12 1.50
N LEU C 40 -17.93 50.03 2.16
CA LEU C 40 -18.62 48.76 1.97
C LEU C 40 -20.03 48.79 2.55
N GLU C 41 -20.17 49.20 3.81
CA GLU C 41 -21.49 49.25 4.42
C GLU C 41 -22.46 50.15 3.66
N LYS C 42 -21.97 50.93 2.70
CA LYS C 42 -22.81 51.75 1.83
C LYS C 42 -23.08 51.11 0.49
N VAL C 43 -22.13 50.34 -0.04
CA VAL C 43 -22.24 49.77 -1.38
C VAL C 43 -22.80 48.35 -1.35
N MET C 44 -22.31 47.51 -0.43
CA MET C 44 -22.70 46.10 -0.39
C MET C 44 -24.20 45.85 -0.53
N PRO C 45 -25.11 46.61 0.12
CA PRO C 45 -26.55 46.38 -0.09
C PRO C 45 -26.96 46.40 -1.55
N SER C 46 -26.16 47.06 -2.39
CA SER C 46 -26.48 47.12 -3.81
C SER C 46 -26.08 45.85 -4.55
N VAL C 47 -25.20 45.02 -3.99
CA VAL C 47 -24.81 43.76 -4.61
C VAL C 47 -25.64 42.64 -3.99
N VAL C 48 -26.21 41.80 -4.84
CA VAL C 48 -27.06 40.71 -4.39
C VAL C 48 -26.42 39.38 -4.75
N SER C 49 -27.07 38.29 -4.37
CA SER C 49 -26.70 36.96 -4.80
C SER C 49 -27.85 36.36 -5.60
N ILE C 50 -27.52 35.56 -6.59
CA ILE C 50 -28.50 35.00 -7.52
C ILE C 50 -28.48 33.49 -7.43
N ASN C 51 -29.65 32.91 -7.16
CA ASN C 51 -29.87 31.48 -7.23
C ASN C 51 -30.74 31.18 -8.45
N VAL C 52 -30.37 30.14 -9.20
CA VAL C 52 -31.01 29.85 -10.48
C VAL C 52 -31.31 28.37 -10.58
N GLU C 53 -32.51 28.04 -11.06
CA GLU C 53 -32.90 26.68 -11.38
C GLU C 53 -33.43 26.65 -12.80
N GLY C 54 -33.17 25.56 -13.49
CA GLY C 54 -33.59 25.44 -14.87
C GLY C 54 -33.61 24.00 -15.36
N SER C 55 -33.62 23.84 -16.68
CA SER C 55 -33.59 22.53 -17.30
C SER C 55 -33.20 22.69 -18.77
N THR C 56 -32.29 21.85 -19.24
CA THR C 56 -31.79 21.92 -20.61
C THR C 56 -32.12 20.65 -21.40
N GLN C 103 -33.47 17.55 -18.18
CA GLN C 103 -32.18 17.71 -17.53
C GLN C 103 -32.13 18.99 -16.69
N LYS C 104 -32.59 18.89 -15.44
CA LYS C 104 -32.65 20.03 -14.55
C LYS C 104 -31.31 20.23 -13.84
N PHE C 105 -30.94 21.50 -13.65
CA PHE C 105 -29.65 21.85 -13.06
C PHE C 105 -29.83 23.03 -12.10
N MET C 106 -28.79 23.26 -11.29
CA MET C 106 -28.77 24.35 -10.32
C MET C 106 -27.39 24.99 -10.32
N ALA C 107 -27.34 26.30 -10.51
CA ALA C 107 -26.09 27.07 -10.49
C ALA C 107 -26.35 28.39 -9.78
N LEU C 108 -25.30 29.18 -9.58
CA LEU C 108 -25.43 30.38 -8.78
C LEU C 108 -24.36 31.40 -9.15
N GLY C 109 -24.67 32.66 -8.91
CA GLY C 109 -23.78 33.75 -9.24
C GLY C 109 -24.18 34.96 -8.44
N SER C 110 -23.88 36.15 -8.95
CA SER C 110 -24.16 37.41 -8.27
C SER C 110 -24.69 38.43 -9.26
N GLY C 111 -25.21 39.53 -8.72
CA GLY C 111 -25.78 40.59 -9.52
C GLY C 111 -25.60 41.95 -8.87
N VAL C 112 -25.91 43.00 -9.62
CA VAL C 112 -25.74 44.37 -9.16
C VAL C 112 -27.00 45.16 -9.52
N ILE C 113 -27.47 45.97 -8.58
CA ILE C 113 -28.68 46.77 -8.76
C ILE C 113 -28.33 48.01 -9.58
N ILE C 114 -29.01 48.20 -10.69
CA ILE C 114 -28.83 49.37 -11.54
C ILE C 114 -29.85 50.46 -11.22
N ASP C 115 -31.13 50.08 -11.10
CA ASP C 115 -32.21 51.03 -10.90
C ASP C 115 -33.01 50.59 -9.69
N ALA C 116 -33.02 51.41 -8.64
CA ALA C 116 -33.66 51.03 -7.38
C ALA C 116 -35.16 50.86 -7.55
N ASP C 117 -35.80 51.76 -8.30
CA ASP C 117 -37.25 51.68 -8.48
C ASP C 117 -37.64 50.44 -9.26
N LYS C 118 -37.12 50.32 -10.49
CA LYS C 118 -37.57 49.26 -11.38
C LYS C 118 -37.05 47.88 -10.97
N GLY C 119 -36.02 47.83 -10.13
CA GLY C 119 -35.47 46.54 -9.72
C GLY C 119 -34.65 45.87 -10.80
N TYR C 120 -33.92 46.64 -11.59
CA TYR C 120 -33.08 46.08 -12.64
C TYR C 120 -31.76 45.60 -12.03
N VAL C 121 -31.48 44.30 -12.19
CA VAL C 121 -30.23 43.72 -11.73
C VAL C 121 -29.48 43.18 -12.93
N VAL C 122 -28.23 43.59 -13.08
CA VAL C 122 -27.38 43.09 -14.15
C VAL C 122 -26.60 41.88 -13.64
N THR C 123 -26.30 40.96 -14.54
CA THR C 123 -25.53 39.77 -14.21
C THR C 123 -24.97 39.18 -15.50
N ASN C 124 -24.34 38.02 -15.39
CA ASN C 124 -23.74 37.36 -16.54
C ASN C 124 -24.76 36.46 -17.23
N ASN C 125 -24.77 36.51 -18.56
CA ASN C 125 -25.71 35.71 -19.33
C ASN C 125 -25.50 34.22 -19.10
N HIS C 126 -24.25 33.79 -18.93
CA HIS C 126 -23.98 32.37 -18.70
C HIS C 126 -24.44 31.90 -17.33
N VAL C 127 -24.94 32.81 -16.49
CA VAL C 127 -25.45 32.42 -15.18
C VAL C 127 -26.96 32.18 -15.21
N VAL C 128 -27.69 32.91 -16.06
CA VAL C 128 -29.14 32.86 -16.11
C VAL C 128 -29.65 32.35 -17.45
N ASP C 129 -28.77 31.80 -18.29
CA ASP C 129 -29.20 31.20 -19.54
C ASP C 129 -29.97 29.91 -19.28
N ASN C 130 -31.06 29.72 -20.01
CA ASN C 130 -31.94 28.56 -19.84
C ASN C 130 -32.34 28.41 -18.37
N ALA C 131 -32.73 29.52 -17.76
CA ALA C 131 -33.15 29.55 -16.37
C ALA C 131 -34.66 29.63 -16.28
N THR C 132 -35.27 28.70 -15.55
CA THR C 132 -36.73 28.69 -15.41
C THR C 132 -37.18 29.62 -14.29
N VAL C 133 -36.56 29.51 -13.11
CA VAL C 133 -36.92 30.31 -11.95
C VAL C 133 -35.69 31.10 -11.51
N ILE C 134 -35.89 32.36 -11.15
CA ILE C 134 -34.82 33.24 -10.71
C ILE C 134 -35.21 33.82 -9.36
N LYS C 135 -34.52 33.42 -8.30
CA LYS C 135 -34.67 33.99 -6.98
C LYS C 135 -33.41 34.77 -6.60
N VAL C 136 -33.59 35.87 -5.89
CA VAL C 136 -32.50 36.77 -5.52
C VAL C 136 -32.52 36.95 -4.00
N GLN C 137 -31.34 36.90 -3.40
CA GLN C 137 -31.17 37.12 -1.96
C GLN C 137 -30.27 38.34 -1.77
N LEU C 138 -30.81 39.37 -1.11
CA LEU C 138 -30.08 40.61 -0.94
C LEU C 138 -28.95 40.45 0.08
N SER C 139 -28.25 41.56 0.34
CA SER C 139 -27.21 41.55 1.36
C SER C 139 -27.80 41.30 2.74
N ASP C 140 -28.91 41.97 3.06
CA ASP C 140 -29.52 41.88 4.37
C ASP C 140 -30.35 40.62 4.56
N GLY C 141 -30.42 39.74 3.56
CA GLY C 141 -31.03 38.43 3.70
C GLY C 141 -32.36 38.28 3.00
N ARG C 142 -33.02 39.37 2.63
CA ARG C 142 -34.34 39.27 2.01
C ARG C 142 -34.27 38.54 0.68
N LYS C 143 -35.27 37.70 0.42
CA LYS C 143 -35.37 36.97 -0.83
C LYS C 143 -36.52 37.51 -1.69
N PHE C 144 -36.33 37.48 -3.01
CA PHE C 144 -37.31 37.96 -3.97
C PHE C 144 -37.32 37.05 -5.19
N ASP C 145 -38.30 37.27 -6.07
CA ASP C 145 -38.39 36.58 -7.34
C ASP C 145 -38.14 37.58 -8.46
N ALA C 146 -37.43 37.13 -9.50
CA ALA C 146 -37.07 38.01 -10.61
C ALA C 146 -37.37 37.31 -11.92
N LYS C 147 -37.51 38.11 -12.98
CA LYS C 147 -37.85 37.62 -14.29
C LYS C 147 -36.82 38.06 -15.32
N MET C 148 -36.76 37.28 -16.40
CA MET C 148 -35.86 37.59 -17.50
C MET C 148 -36.28 38.88 -18.18
N VAL C 149 -35.29 39.68 -18.60
CA VAL C 149 -35.50 40.92 -19.36
C VAL C 149 -34.70 40.92 -20.65
N GLY C 150 -33.38 40.77 -20.54
CA GLY C 150 -32.52 40.76 -21.72
C GLY C 150 -31.33 39.84 -21.53
N LYS C 151 -30.70 39.51 -22.66
CA LYS C 151 -29.54 38.64 -22.67
C LYS C 151 -28.72 38.92 -23.92
N ASP C 152 -27.40 38.76 -23.80
CA ASP C 152 -26.48 39.04 -24.90
C ASP C 152 -25.33 38.05 -24.80
N PRO C 153 -25.51 36.83 -25.32
CA PRO C 153 -24.51 35.77 -25.08
C PRO C 153 -23.13 36.09 -25.63
N ARG C 154 -23.02 36.93 -26.67
CA ARG C 154 -21.71 37.21 -27.25
C ARG C 154 -20.86 38.06 -26.33
N SER C 155 -21.48 38.89 -25.48
CA SER C 155 -20.76 39.66 -24.48
C SER C 155 -21.02 39.16 -23.07
N ASP C 156 -21.88 38.15 -22.90
CA ASP C 156 -22.13 37.50 -21.61
C ASP C 156 -22.67 38.47 -20.57
N ILE C 157 -23.59 39.34 -20.99
CA ILE C 157 -24.27 40.26 -20.09
C ILE C 157 -25.77 40.05 -20.23
N ALA C 158 -26.48 39.93 -19.11
CA ALA C 158 -27.92 39.78 -19.10
C ALA C 158 -28.52 40.70 -18.06
N LEU C 159 -29.75 41.14 -18.30
CA LEU C 159 -30.45 42.02 -17.38
C LEU C 159 -31.72 41.32 -16.88
N ILE C 160 -31.91 41.33 -15.57
CA ILE C 160 -33.11 40.77 -14.95
C ILE C 160 -33.82 41.89 -14.21
N GLN C 161 -35.05 41.61 -13.78
CA GLN C 161 -35.87 42.59 -13.08
C GLN C 161 -36.51 41.92 -11.87
N ILE C 162 -36.28 42.50 -10.69
CA ILE C 162 -36.88 41.98 -9.47
C ILE C 162 -38.38 42.20 -9.51
N GLN C 163 -39.15 41.16 -9.17
CA GLN C 163 -40.60 41.29 -9.06
C GLN C 163 -40.95 41.85 -7.69
N ASN C 164 -41.84 42.86 -7.68
CA ASN C 164 -42.22 43.58 -6.47
C ASN C 164 -40.99 44.20 -5.81
N PRO C 165 -40.35 45.19 -6.43
CA PRO C 165 -39.17 45.81 -5.81
C PRO C 165 -39.57 46.63 -4.58
N LYS C 166 -38.89 46.38 -3.46
CA LYS C 166 -39.25 46.99 -2.18
C LYS C 166 -37.99 47.46 -1.48
N ASN C 167 -37.85 48.79 -1.36
CA ASN C 167 -36.79 49.42 -0.56
C ASN C 167 -35.41 48.93 -1.00
N LEU C 168 -35.02 49.37 -2.20
CA LEU C 168 -33.78 48.94 -2.82
C LEU C 168 -32.78 50.08 -2.86
N THR C 169 -31.53 49.71 -3.10
CA THR C 169 -30.41 50.65 -3.17
C THR C 169 -29.67 50.43 -4.48
N ALA C 170 -29.76 51.38 -5.40
CA ALA C 170 -29.00 51.31 -6.63
C ALA C 170 -27.54 51.60 -6.38
N ILE C 171 -26.69 51.14 -7.29
CA ILE C 171 -25.27 51.42 -7.22
C ILE C 171 -24.97 52.56 -8.18
N LYS C 172 -23.95 53.35 -7.85
CA LYS C 172 -23.49 54.40 -8.73
C LYS C 172 -22.48 53.82 -9.70
N MET C 173 -22.69 54.05 -10.99
CA MET C 173 -21.74 53.63 -12.01
C MET C 173 -20.76 54.75 -12.29
N ALA C 174 -19.50 54.37 -12.50
CA ALA C 174 -18.46 55.29 -12.96
C ALA C 174 -18.16 55.04 -14.43
N ASP C 175 -17.41 55.98 -15.01
CA ASP C 175 -17.00 55.87 -16.40
C ASP C 175 -15.67 55.12 -16.45
N SER C 176 -15.70 53.90 -16.97
CA SER C 176 -14.52 53.04 -16.99
C SER C 176 -13.40 53.60 -17.88
N ASP C 177 -13.72 54.54 -18.78
CA ASP C 177 -12.72 55.07 -19.69
C ASP C 177 -11.66 55.92 -18.98
N ALA C 178 -11.80 56.19 -17.69
CA ALA C 178 -10.79 56.88 -16.92
C ALA C 178 -9.93 55.94 -16.08
N LEU C 179 -10.23 54.64 -16.10
CA LEU C 179 -9.44 53.68 -15.35
C LEU C 179 -8.02 53.59 -15.90
N ARG C 180 -7.07 53.50 -14.98
CA ARG C 180 -5.67 53.36 -15.32
C ARG C 180 -5.11 52.19 -14.52
N VAL C 181 -4.29 51.37 -15.17
CA VAL C 181 -3.74 50.19 -14.51
C VAL C 181 -2.92 50.62 -13.31
N GLY C 182 -3.25 50.06 -12.15
CA GLY C 182 -2.69 50.47 -10.89
C GLY C 182 -3.70 51.02 -9.91
N ASP C 183 -4.88 51.37 -10.38
CA ASP C 183 -5.97 51.75 -9.49
C ASP C 183 -6.38 50.54 -8.63
N TYR C 184 -6.78 50.82 -7.40
CA TYR C 184 -7.20 49.77 -6.49
C TYR C 184 -8.64 49.37 -6.81
N THR C 185 -8.91 48.06 -6.76
CA THR C 185 -10.22 47.52 -7.05
C THR C 185 -10.73 46.67 -5.88
N VAL C 186 -12.05 46.55 -5.80
CA VAL C 186 -12.72 45.78 -4.76
C VAL C 186 -13.78 44.91 -5.41
N ALA C 187 -13.73 43.60 -5.15
CA ALA C 187 -14.64 42.65 -5.77
C ALA C 187 -15.70 42.21 -4.78
N ILE C 188 -16.95 42.17 -5.22
CA ILE C 188 -18.07 41.72 -4.40
C ILE C 188 -18.85 40.68 -5.19
N GLY C 189 -19.12 39.55 -4.57
CA GLY C 189 -19.87 38.50 -5.21
C GLY C 189 -20.37 37.49 -4.20
N ASN C 190 -20.74 36.32 -4.70
CA ASN C 190 -21.18 35.19 -3.86
C ASN C 190 -20.48 33.92 -4.32
N PRO C 191 -19.22 33.74 -3.96
CA PRO C 191 -18.51 32.50 -4.34
C PRO C 191 -19.05 31.32 -3.55
N PHE C 192 -19.42 30.27 -4.26
CA PHE C 192 -19.87 29.00 -3.67
C PHE C 192 -21.11 29.16 -2.79
N GLY C 193 -21.85 30.26 -2.95
CA GLY C 193 -23.08 30.44 -2.22
C GLY C 193 -22.84 30.74 -0.76
N LEU C 194 -21.58 31.05 -0.43
CA LEU C 194 -21.22 31.36 0.95
C LEU C 194 -21.95 32.58 1.47
N GLY C 195 -22.46 33.43 0.59
CA GLY C 195 -22.98 34.73 0.96
C GLY C 195 -22.11 35.84 0.38
N GLU C 196 -22.62 37.07 0.50
CA GLU C 196 -21.91 38.22 -0.03
C GLU C 196 -20.50 38.33 0.53
N THR C 197 -19.51 38.09 -0.32
CA THR C 197 -18.11 38.00 0.09
C THR C 197 -17.29 39.03 -0.69
N VAL C 198 -16.41 39.74 0.02
CA VAL C 198 -15.67 40.86 -0.54
C VAL C 198 -14.19 40.52 -0.59
N THR C 199 -13.56 40.77 -1.73
CA THR C 199 -12.12 40.63 -1.90
C THR C 199 -11.57 41.87 -2.58
N SER C 200 -10.25 42.05 -2.49
CA SER C 200 -9.60 43.28 -2.94
C SER C 200 -8.49 42.96 -3.92
N GLY C 201 -8.08 43.99 -4.66
CA GLY C 201 -7.01 43.85 -5.62
C GLY C 201 -6.68 45.17 -6.27
N ILE C 202 -6.04 45.11 -7.43
CA ILE C 202 -5.72 46.30 -8.23
C ILE C 202 -6.00 45.98 -9.70
N VAL C 203 -5.96 47.03 -10.52
CA VAL C 203 -6.14 46.87 -11.96
C VAL C 203 -4.90 46.18 -12.51
N SER C 204 -5.04 44.94 -12.97
CA SER C 204 -3.89 44.23 -13.52
C SER C 204 -3.56 44.72 -14.93
N ALA C 205 -4.56 44.85 -15.78
CA ALA C 205 -4.38 45.32 -17.15
C ALA C 205 -5.72 45.78 -17.70
N LEU C 206 -5.67 46.34 -18.90
CA LEU C 206 -6.88 46.79 -19.59
C LEU C 206 -6.87 46.25 -21.01
N GLY C 207 -8.07 46.06 -21.55
CA GLY C 207 -8.20 45.68 -22.94
C GLY C 207 -7.71 44.30 -23.28
N ARG C 208 -7.67 43.40 -22.30
CA ARG C 208 -7.22 42.04 -22.57
C ARG C 208 -8.33 41.24 -23.23
N SER C 209 -7.94 40.44 -24.21
CA SER C 209 -8.90 39.74 -25.05
C SER C 209 -8.20 38.56 -25.70
N GLY C 210 -9.00 37.74 -26.38
CA GLY C 210 -8.50 36.55 -27.04
C GLY C 210 -8.85 35.26 -26.35
N LEU C 211 -9.56 35.29 -25.22
CA LEU C 211 -9.84 34.09 -24.47
C LEU C 211 -10.98 33.28 -25.07
N ASN C 212 -11.83 33.91 -25.88
CA ASN C 212 -12.88 33.22 -26.62
C ASN C 212 -13.13 34.06 -27.87
N ALA C 213 -12.63 33.57 -29.02
CA ALA C 213 -12.46 34.43 -30.19
C ALA C 213 -13.78 35.00 -30.70
N GLU C 214 -14.88 34.28 -30.55
CA GLU C 214 -16.15 34.81 -31.03
C GLU C 214 -16.79 35.79 -30.06
N ASN C 215 -16.32 35.86 -28.83
CA ASN C 215 -16.92 36.73 -27.84
C ASN C 215 -16.38 38.15 -27.94
N TYR C 216 -17.24 39.10 -27.62
CA TYR C 216 -16.85 40.51 -27.52
C TYR C 216 -16.18 40.70 -26.16
N GLU C 217 -14.85 40.62 -26.14
CA GLU C 217 -14.10 40.67 -24.90
C GLU C 217 -13.16 41.87 -24.89
N ASN C 218 -13.37 42.76 -23.93
CA ASN C 218 -12.51 43.92 -23.67
C ASN C 218 -12.24 44.01 -22.16
N PHE C 219 -11.86 42.87 -21.58
CA PHE C 219 -11.98 42.69 -20.14
C PHE C 219 -11.03 43.61 -19.38
N ILE C 220 -11.45 43.96 -18.16
CA ILE C 220 -10.56 44.53 -17.15
C ILE C 220 -9.95 43.39 -16.37
N GLN C 221 -8.63 43.42 -16.24
CA GLN C 221 -7.92 42.37 -15.51
C GLN C 221 -7.56 42.88 -14.12
N THR C 222 -7.78 42.01 -13.13
CA THR C 222 -7.51 42.37 -11.74
C THR C 222 -7.00 41.12 -11.01
N ASP C 223 -6.19 41.37 -9.98
CA ASP C 223 -5.72 40.31 -9.11
C ASP C 223 -6.63 40.09 -7.91
N ALA C 224 -7.81 40.72 -7.90
CA ALA C 224 -8.76 40.52 -6.82
C ALA C 224 -9.31 39.10 -6.84
N ALA C 225 -9.44 38.51 -5.66
CA ALA C 225 -9.85 37.11 -5.55
C ALA C 225 -11.26 36.91 -6.09
N ILE C 226 -11.40 36.02 -7.06
CA ILE C 226 -12.66 35.78 -7.75
C ILE C 226 -12.76 34.28 -8.04
N ASN C 227 -13.90 33.68 -7.73
CA ASN C 227 -14.10 32.25 -7.93
C ASN C 227 -15.49 31.99 -8.48
N ARG C 228 -15.79 30.71 -8.68
CA ARG C 228 -17.10 30.28 -9.17
C ARG C 228 -18.19 30.82 -8.26
N GLY C 229 -19.07 31.65 -8.83
CA GLY C 229 -20.09 32.36 -8.08
C GLY C 229 -19.90 33.87 -8.08
N ASN C 230 -18.64 34.32 -8.21
CA ASN C 230 -18.39 35.76 -8.34
C ASN C 230 -18.93 36.34 -9.64
N ALA C 231 -19.36 35.50 -10.57
CA ALA C 231 -19.89 35.99 -11.84
C ALA C 231 -21.05 36.94 -11.59
N GLY C 232 -21.10 38.01 -12.40
CA GLY C 232 -22.09 39.05 -12.21
C GLY C 232 -21.86 39.94 -11.02
N GLY C 233 -20.83 39.69 -10.23
CA GLY C 233 -20.53 40.53 -9.11
C GLY C 233 -20.07 41.90 -9.53
N ALA C 234 -19.93 42.78 -8.55
CA ALA C 234 -19.52 44.15 -8.78
C ALA C 234 -18.03 44.29 -8.53
N LEU C 235 -17.35 44.97 -9.44
CA LEU C 235 -15.99 45.44 -9.24
C LEU C 235 -16.05 46.96 -9.15
N VAL C 236 -15.66 47.50 -8.01
CA VAL C 236 -15.80 48.92 -7.75
C VAL C 236 -14.43 49.50 -7.41
N ASN C 237 -14.33 50.82 -7.57
CA ASN C 237 -13.12 51.52 -7.14
C ASN C 237 -13.18 51.74 -5.64
N LEU C 238 -12.27 52.57 -5.13
CA LEU C 238 -12.25 52.85 -3.70
C LEU C 238 -13.47 53.66 -3.26
N ASN C 239 -14.14 54.33 -4.18
CA ASN C 239 -15.30 55.15 -3.84
C ASN C 239 -16.62 54.42 -4.01
N GLY C 240 -16.60 53.12 -4.32
CA GLY C 240 -17.84 52.40 -4.48
C GLY C 240 -18.61 52.67 -5.75
N GLU C 241 -17.99 53.31 -6.73
CA GLU C 241 -18.60 53.46 -8.04
C GLU C 241 -18.31 52.22 -8.88
N LEU C 242 -19.34 51.69 -9.53
CA LEU C 242 -19.18 50.46 -10.30
C LEU C 242 -18.32 50.76 -11.52
N ILE C 243 -17.34 49.90 -11.77
CA ILE C 243 -16.41 50.11 -12.87
C ILE C 243 -16.50 48.93 -13.81
N GLY C 244 -16.90 47.77 -13.30
CA GLY C 244 -16.92 46.57 -14.11
C GLY C 244 -17.73 45.47 -13.47
N ILE C 245 -18.07 44.47 -14.30
CA ILE C 245 -18.80 43.30 -13.87
C ILE C 245 -17.89 42.09 -13.98
N ASN C 246 -17.43 41.60 -12.84
CA ASN C 246 -16.63 40.38 -12.79
C ASN C 246 -17.33 39.27 -13.55
N THR C 247 -16.58 38.64 -14.45
CA THR C 247 -17.18 37.70 -15.39
C THR C 247 -16.50 36.34 -15.39
N ALA C 248 -15.21 36.29 -15.70
CA ALA C 248 -14.53 35.01 -15.83
C ALA C 248 -13.09 35.14 -15.37
N ILE C 249 -12.48 33.99 -15.07
CA ILE C 249 -11.12 33.90 -14.55
C ILE C 249 -10.33 32.91 -15.38
N LEU C 250 -9.00 32.99 -15.27
CA LEU C 250 -8.10 32.04 -15.89
C LEU C 250 -7.52 31.17 -14.80
N ALA C 251 -8.00 29.93 -14.71
CA ALA C 251 -7.64 29.05 -13.61
C ALA C 251 -7.42 27.63 -14.11
N PRO C 252 -6.25 27.05 -13.86
CA PRO C 252 -5.99 25.67 -14.35
C PRO C 252 -6.73 24.58 -13.60
N ASP C 253 -7.16 24.81 -12.37
CA ASP C 253 -7.77 23.77 -11.55
C ASP C 253 -9.23 24.05 -11.25
N GLY C 254 -9.78 25.15 -11.75
CA GLY C 254 -11.06 25.65 -11.28
C GLY C 254 -10.97 26.54 -10.06
N GLY C 255 -9.77 26.94 -9.66
CA GLY C 255 -9.61 27.82 -8.51
C GLY C 255 -8.74 28.99 -8.85
N ASN C 256 -9.09 30.15 -8.29
CA ASN C 256 -8.44 31.41 -8.62
C ASN C 256 -6.93 31.34 -8.42
N ILE C 257 -6.21 31.99 -9.32
CA ILE C 257 -4.75 32.12 -9.22
C ILE C 257 -4.39 33.59 -9.27
N GLY C 258 -5.33 34.46 -8.93
CA GLY C 258 -5.07 35.88 -8.91
C GLY C 258 -5.20 36.57 -10.24
N ILE C 259 -5.96 36.00 -11.17
CA ILE C 259 -6.16 36.56 -12.50
C ILE C 259 -7.64 36.49 -12.81
N GLY C 260 -8.33 37.63 -12.70
CA GLY C 260 -9.75 37.69 -12.96
C GLY C 260 -10.07 38.77 -13.97
N PHE C 261 -11.21 38.59 -14.66
CA PHE C 261 -11.61 39.47 -15.74
C PHE C 261 -13.03 39.98 -15.52
N ALA C 262 -13.19 41.29 -15.61
CA ALA C 262 -14.48 41.96 -15.48
C ALA C 262 -14.78 42.72 -16.77
N ILE C 263 -16.07 42.87 -17.05
CA ILE C 263 -16.53 43.63 -18.21
C ILE C 263 -16.71 45.08 -17.81
N PRO C 264 -16.07 46.04 -18.50
CA PRO C 264 -16.12 47.43 -18.07
C PRO C 264 -17.55 47.98 -18.00
N SER C 265 -17.74 48.92 -17.07
CA SER C 265 -19.08 49.47 -16.83
C SER C 265 -19.68 50.06 -18.09
N ASN C 266 -18.89 50.83 -18.84
CA ASN C 266 -19.38 51.48 -20.04
C ASN C 266 -19.99 50.49 -21.01
N MET C 267 -19.35 49.32 -21.15
CA MET C 267 -19.93 48.27 -21.98
C MET C 267 -21.23 47.75 -21.36
N VAL C 268 -21.25 47.60 -20.04
CA VAL C 268 -22.48 47.19 -19.36
C VAL C 268 -23.51 48.31 -19.40
N LYS C 269 -23.07 49.56 -19.17
CA LYS C 269 -23.95 50.70 -19.26
C LYS C 269 -24.71 50.70 -20.59
N ASN C 270 -23.99 50.54 -21.70
CA ASN C 270 -24.62 50.55 -23.02
C ASN C 270 -25.49 49.32 -23.22
N LEU C 271 -24.98 48.14 -22.85
CA LEU C 271 -25.73 46.90 -23.08
C LEU C 271 -26.98 46.81 -22.21
N THR C 272 -26.96 47.42 -21.02
CA THR C 272 -28.16 47.41 -20.18
C THR C 272 -29.23 48.33 -20.75
N SER C 273 -28.87 49.59 -21.00
CA SER C 273 -29.84 50.58 -21.48
C SER C 273 -30.60 50.09 -22.70
N GLN C 274 -29.98 49.26 -23.53
CA GLN C 274 -30.68 48.70 -24.68
C GLN C 274 -31.76 47.72 -24.23
N MET C 275 -31.38 46.72 -23.43
CA MET C 275 -32.34 45.74 -22.94
C MET C 275 -33.46 46.41 -22.14
N VAL C 276 -33.18 47.57 -21.55
CA VAL C 276 -34.23 48.34 -20.91
C VAL C 276 -35.23 48.84 -21.95
N GLU C 277 -34.72 49.50 -23.00
CA GLU C 277 -35.60 50.16 -23.95
C GLU C 277 -36.12 49.21 -25.02
N TYR C 278 -35.35 48.20 -25.41
CA TYR C 278 -35.72 47.32 -26.51
C TYR C 278 -35.97 45.87 -26.10
N GLY C 279 -35.49 45.43 -24.94
CA GLY C 279 -35.57 44.04 -24.58
C GLY C 279 -34.59 43.15 -25.29
N GLN C 280 -33.73 43.71 -26.14
CA GLN C 280 -32.67 42.97 -26.80
C GLN C 280 -31.53 43.94 -27.10
N VAL C 281 -30.54 43.48 -27.85
CA VAL C 281 -29.35 44.26 -28.17
C VAL C 281 -29.38 44.61 -29.65
N LYS C 282 -29.19 45.90 -29.95
CA LYS C 282 -29.16 46.40 -31.34
C LYS C 282 -27.73 46.33 -31.84
N ARG C 283 -27.39 45.24 -32.53
CA ARG C 283 -26.01 44.97 -32.92
C ARG C 283 -25.67 45.75 -34.19
N GLY C 284 -24.79 46.76 -34.05
CA GLY C 284 -24.40 47.58 -35.17
C GLY C 284 -23.12 47.09 -35.84
N GLU C 285 -22.84 47.67 -37.00
CA GLU C 285 -21.73 47.19 -37.83
C GLU C 285 -21.27 48.31 -38.76
N LEU C 286 -19.95 48.46 -38.89
CA LEU C 286 -19.35 49.51 -39.71
C LEU C 286 -19.18 49.10 -41.16
N GLY C 287 -18.86 47.83 -41.40
CA GLY C 287 -18.56 47.34 -42.72
C GLY C 287 -17.10 47.47 -43.04
N ILE C 288 -16.28 46.97 -42.14
CA ILE C 288 -14.84 46.88 -42.36
C ILE C 288 -14.39 45.48 -41.95
N MET C 289 -13.33 45.01 -42.58
CA MET C 289 -12.65 43.80 -42.21
C MET C 289 -11.26 44.16 -41.73
N GLY C 290 -10.73 43.38 -40.80
CA GLY C 290 -9.47 43.76 -40.22
C GLY C 290 -8.87 42.67 -39.37
N THR C 291 -7.63 42.92 -38.96
CA THR C 291 -6.91 42.04 -38.05
C THR C 291 -5.96 42.87 -37.20
N GLU C 292 -5.41 42.24 -36.18
CA GLU C 292 -4.56 42.94 -35.23
C GLU C 292 -3.27 43.40 -35.90
N LEU C 293 -2.80 44.59 -35.51
CA LEU C 293 -1.56 45.14 -36.01
C LEU C 293 -0.43 44.72 -35.07
N ASN C 294 0.46 43.86 -35.56
CA ASN C 294 1.63 43.44 -34.81
C ASN C 294 2.85 44.24 -35.26
N SER C 295 3.95 44.10 -34.51
CA SER C 295 5.15 44.87 -34.83
C SER C 295 5.75 44.43 -36.16
N GLU C 296 5.48 43.19 -36.59
CA GLU C 296 6.03 42.70 -37.83
C GLU C 296 5.28 43.25 -39.04
N LEU C 297 3.95 43.37 -38.94
CA LEU C 297 3.18 43.88 -40.07
C LEU C 297 3.38 45.38 -40.26
N ALA C 298 3.72 46.10 -39.19
CA ALA C 298 4.02 47.53 -39.33
C ALA C 298 5.25 47.76 -40.19
N LYS C 299 6.16 46.80 -40.23
CA LYS C 299 7.34 46.92 -41.09
C LYS C 299 6.97 46.88 -42.56
N ALA C 300 6.00 46.02 -42.92
CA ALA C 300 5.66 45.86 -44.34
C ALA C 300 4.93 47.07 -44.89
N MET C 301 4.04 47.67 -44.09
CA MET C 301 3.25 48.81 -44.52
C MET C 301 3.87 50.14 -44.12
N LYS C 302 5.10 50.13 -43.61
CA LYS C 302 5.82 51.34 -43.20
C LYS C 302 4.96 52.23 -42.31
N VAL C 303 4.32 51.59 -41.33
CA VAL C 303 3.41 52.27 -40.41
C VAL C 303 4.10 52.44 -39.07
N ASP C 304 3.83 53.57 -38.41
CA ASP C 304 4.54 53.91 -37.18
C ASP C 304 4.11 53.03 -36.02
N ALA C 305 2.82 53.04 -35.68
CA ALA C 305 2.35 52.39 -34.47
C ALA C 305 2.45 50.87 -34.58
N GLN C 306 2.75 50.23 -33.45
CA GLN C 306 2.97 48.79 -33.41
C GLN C 306 1.75 48.01 -32.92
N ARG C 307 0.60 48.67 -32.78
CA ARG C 307 -0.61 47.99 -32.33
C ARG C 307 -1.82 48.81 -32.75
N GLY C 308 -2.85 48.13 -33.22
CA GLY C 308 -4.06 48.80 -33.65
C GLY C 308 -4.82 47.93 -34.63
N ALA C 309 -5.81 48.54 -35.28
CA ALA C 309 -6.70 47.86 -36.21
C ALA C 309 -6.31 48.21 -37.64
N PHE C 310 -6.00 47.19 -38.43
CA PHE C 310 -5.62 47.38 -39.83
C PHE C 310 -6.78 47.03 -40.74
N VAL C 311 -7.12 47.94 -41.65
CA VAL C 311 -8.26 47.77 -42.53
C VAL C 311 -7.90 46.78 -43.63
N SER C 312 -8.45 45.57 -43.55
CA SER C 312 -8.23 44.58 -44.61
C SER C 312 -8.98 44.96 -45.87
N GLN C 313 -10.26 45.29 -45.74
CA GLN C 313 -11.13 45.68 -46.84
C GLN C 313 -12.39 46.29 -46.26
N VAL C 314 -13.02 47.19 -47.02
CA VAL C 314 -14.29 47.80 -46.62
C VAL C 314 -15.40 47.21 -47.49
N LEU C 315 -16.57 47.01 -46.88
CA LEU C 315 -17.65 46.41 -47.65
C LEU C 315 -18.44 47.48 -48.40
N PRO C 316 -19.01 47.14 -49.56
CA PRO C 316 -19.84 48.10 -50.27
C PRO C 316 -21.14 48.36 -49.54
N ASN C 317 -21.69 49.57 -49.75
CA ASN C 317 -22.89 50.04 -49.06
C ASN C 317 -22.75 50.05 -47.55
N SER C 318 -21.51 50.09 -47.06
CA SER C 318 -21.24 50.18 -45.63
C SER C 318 -21.02 51.63 -45.26
N SER C 319 -21.43 51.98 -44.03
CA SER C 319 -21.25 53.34 -43.53
C SER C 319 -19.79 53.75 -43.63
N ALA C 320 -18.87 52.82 -43.31
CA ALA C 320 -17.45 53.12 -43.42
C ALA C 320 -17.06 53.43 -44.86
N ALA C 321 -17.58 52.66 -45.81
CA ALA C 321 -17.37 53.00 -47.22
C ALA C 321 -17.95 54.37 -47.54
N LYS C 322 -19.15 54.66 -47.03
CA LYS C 322 -19.74 55.98 -47.18
C LYS C 322 -18.93 57.04 -46.45
N ALA C 323 -18.18 56.64 -45.43
CA ALA C 323 -17.42 57.62 -44.65
C ALA C 323 -16.11 57.99 -45.32
N GLY C 324 -15.53 57.09 -46.11
CA GLY C 324 -14.29 57.36 -46.79
C GLY C 324 -13.14 56.51 -46.27
N ILE C 325 -13.46 55.35 -45.71
CA ILE C 325 -12.43 54.43 -45.23
C ILE C 325 -12.01 53.55 -46.38
N LYS C 326 -10.70 53.51 -46.65
CA LYS C 326 -10.14 52.70 -47.71
C LYS C 326 -9.26 51.62 -47.09
N ALA C 327 -8.95 50.60 -47.89
CA ALA C 327 -8.04 49.56 -47.42
C ALA C 327 -6.67 50.14 -47.16
N GLY C 328 -5.86 49.40 -46.39
CA GLY C 328 -4.55 49.88 -46.00
C GLY C 328 -4.56 50.95 -44.92
N ASP C 329 -5.74 51.38 -44.46
CA ASP C 329 -5.83 52.29 -43.34
C ASP C 329 -5.55 51.55 -42.04
N VAL C 330 -5.17 52.31 -41.03
CA VAL C 330 -4.86 51.79 -39.70
C VAL C 330 -5.57 52.66 -38.68
N ILE C 331 -6.36 52.03 -37.82
CA ILE C 331 -7.12 52.76 -36.81
C ILE C 331 -6.28 52.90 -35.55
N THR C 332 -6.12 54.14 -35.09
CA THR C 332 -5.29 54.44 -33.93
C THR C 332 -6.07 54.90 -32.72
N SER C 333 -7.22 55.53 -32.90
CA SER C 333 -7.98 56.09 -31.79
C SER C 333 -9.47 55.96 -32.08
N LEU C 334 -10.28 56.09 -31.03
CA LEU C 334 -11.73 56.07 -31.13
C LEU C 334 -12.28 57.16 -30.22
N ASN C 335 -12.86 58.20 -30.82
CA ASN C 335 -13.40 59.34 -30.09
C ASN C 335 -12.35 60.01 -29.21
N GLY C 336 -11.08 59.90 -29.61
CA GLY C 336 -10.00 60.50 -28.85
C GLY C 336 -9.21 59.47 -28.06
N LYS C 337 -9.89 58.49 -27.48
CA LYS C 337 -9.22 57.47 -26.71
C LYS C 337 -8.45 56.53 -27.65
N PRO C 338 -7.15 56.30 -27.41
CA PRO C 338 -6.43 55.30 -28.19
C PRO C 338 -7.05 53.92 -28.04
N ILE C 339 -6.87 53.09 -29.05
CA ILE C 339 -7.43 51.75 -29.08
C ILE C 339 -6.34 50.76 -28.66
N SER C 340 -6.68 49.83 -27.77
CA SER C 340 -5.71 48.86 -27.28
C SER C 340 -5.51 47.71 -28.27
N SER C 341 -6.60 47.22 -28.87
CA SER C 341 -6.51 46.11 -29.81
C SER C 341 -7.78 46.05 -30.63
N PHE C 342 -7.66 45.39 -31.79
CA PHE C 342 -8.83 45.17 -32.63
C PHE C 342 -9.90 44.38 -31.88
N ALA C 343 -9.50 43.38 -31.10
CA ALA C 343 -10.47 42.60 -30.35
C ALA C 343 -11.15 43.43 -29.28
N ALA C 344 -10.45 44.42 -28.73
CA ALA C 344 -11.09 45.39 -27.86
C ALA C 344 -12.11 46.22 -28.64
N LEU C 345 -11.66 46.85 -29.74
CA LEU C 345 -12.55 47.66 -30.57
C LEU C 345 -13.73 46.84 -31.08
N ARG C 346 -13.49 45.59 -31.46
CA ARG C 346 -14.57 44.70 -31.83
C ARG C 346 -15.64 44.63 -30.74
N ALA C 347 -15.20 44.53 -29.49
CA ALA C 347 -16.14 44.47 -28.37
C ALA C 347 -16.76 45.84 -28.08
N GLN C 348 -16.04 46.92 -28.36
CA GLN C 348 -16.51 48.27 -28.05
C GLN C 348 -17.78 48.59 -28.83
N VAL C 349 -17.65 48.75 -30.14
CA VAL C 349 -18.79 49.19 -30.95
C VAL C 349 -19.86 48.12 -31.08
N GLY C 350 -19.50 46.85 -30.88
CA GLY C 350 -20.51 45.80 -30.86
C GLY C 350 -21.53 45.98 -29.75
N THR C 351 -21.22 46.80 -28.76
CA THR C 351 -22.16 47.09 -27.67
C THR C 351 -22.86 48.42 -27.83
N MET C 352 -22.40 49.28 -28.74
CA MET C 352 -23.11 50.55 -28.91
C MET C 352 -24.37 50.35 -29.74
N PRO C 353 -25.47 50.99 -29.39
CA PRO C 353 -26.71 50.84 -30.17
C PRO C 353 -26.52 51.34 -31.59
N VAL C 354 -27.34 50.81 -32.49
CA VAL C 354 -27.23 51.14 -33.91
C VAL C 354 -27.37 52.63 -34.12
N GLY C 355 -26.60 53.18 -35.06
CA GLY C 355 -26.62 54.59 -35.33
C GLY C 355 -25.71 55.43 -34.47
N SER C 356 -24.93 54.82 -33.58
CA SER C 356 -24.02 55.55 -32.72
C SER C 356 -23.03 56.35 -33.55
N LYS C 357 -23.18 57.67 -33.54
CA LYS C 357 -22.28 58.56 -34.28
C LYS C 357 -20.98 58.70 -33.48
N LEU C 358 -19.87 58.29 -34.09
CA LEU C 358 -18.57 58.28 -33.44
C LEU C 358 -17.52 58.89 -34.37
N THR C 359 -16.31 59.08 -33.84
CA THR C 359 -15.19 59.61 -34.59
C THR C 359 -14.01 58.66 -34.44
N LEU C 360 -13.24 58.47 -35.50
CA LEU C 360 -12.15 57.51 -35.53
C LEU C 360 -10.84 58.18 -35.90
N GLY C 361 -9.74 57.52 -35.53
CA GLY C 361 -8.42 57.97 -35.91
C GLY C 361 -7.78 57.01 -36.91
N LEU C 362 -7.55 57.49 -38.13
CA LEU C 362 -7.01 56.69 -39.22
C LEU C 362 -5.52 56.92 -39.34
N LEU C 363 -4.87 55.97 -40.02
CA LEU C 363 -3.47 56.12 -40.42
C LEU C 363 -3.29 55.41 -41.76
N ARG C 364 -3.16 56.18 -42.83
CA ARG C 364 -2.81 55.67 -44.15
C ARG C 364 -1.61 56.46 -44.64
N ASP C 365 -0.49 55.77 -44.83
CA ASP C 365 0.75 56.39 -45.33
C ASP C 365 1.21 57.52 -44.42
N GLY C 366 1.28 57.23 -43.12
CA GLY C 366 1.82 58.18 -42.16
C GLY C 366 1.10 59.51 -42.07
N LYS C 367 -0.17 59.56 -42.44
CA LYS C 367 -0.95 60.78 -42.36
C LYS C 367 -2.22 60.53 -41.54
N GLN C 368 -2.41 61.34 -40.50
CA GLN C 368 -3.58 61.19 -39.64
C GLN C 368 -4.85 61.63 -40.36
N VAL C 369 -5.85 60.77 -40.35
CA VAL C 369 -7.16 61.05 -40.94
C VAL C 369 -8.22 60.80 -39.88
N ASN C 370 -9.20 61.69 -39.80
CA ASN C 370 -10.34 61.54 -38.91
C ASN C 370 -11.61 61.42 -39.73
N VAL C 371 -12.52 60.55 -39.29
CA VAL C 371 -13.78 60.33 -39.98
C VAL C 371 -14.87 60.07 -38.95
N ASN C 372 -16.07 60.60 -39.22
CA ASN C 372 -17.23 60.38 -38.38
C ASN C 372 -18.09 59.29 -39.00
N LEU C 373 -18.66 58.44 -38.17
CA LEU C 373 -19.34 57.25 -38.67
C LEU C 373 -20.65 57.04 -37.93
N GLU C 374 -21.49 56.18 -38.51
CA GLU C 374 -22.82 55.90 -38.00
C GLU C 374 -23.14 54.45 -38.34
N LEU C 375 -23.41 53.64 -37.32
CA LEU C 375 -23.53 52.20 -37.52
C LEU C 375 -24.67 51.87 -38.48
N GLN C 376 -24.53 50.73 -39.14
CA GLN C 376 -25.45 50.26 -40.17
C GLN C 376 -26.01 48.91 -39.75
N GLN C 377 -27.05 48.47 -40.47
CA GLN C 377 -27.63 47.17 -40.19
C GLN C 377 -26.77 46.05 -40.78
N SER C 378 -27.09 44.81 -40.39
CA SER C 378 -26.37 43.64 -40.86
C SER C 378 -27.24 42.79 -41.79
N PHE C 389 -43.25 51.89 -49.02
CA PHE C 389 -42.54 50.68 -49.37
C PHE C 389 -42.45 49.74 -48.16
N ASN C 390 -42.49 48.42 -48.41
CA ASN C 390 -42.42 47.42 -47.35
C ASN C 390 -41.57 46.24 -47.79
N GLY C 391 -41.10 45.48 -46.81
CA GLY C 391 -40.29 44.31 -47.06
C GLY C 391 -40.65 43.17 -46.13
N ILE C 392 -41.09 42.04 -46.69
CA ILE C 392 -41.61 40.93 -45.90
C ILE C 392 -40.78 39.69 -46.20
N GLU C 393 -40.01 39.25 -45.22
CA GLU C 393 -39.31 37.96 -45.26
C GLU C 393 -38.37 37.85 -46.45
N GLY C 394 -37.42 38.80 -46.51
CA GLY C 394 -36.40 38.77 -47.53
C GLY C 394 -36.83 39.22 -48.91
N ALA C 395 -37.78 40.16 -49.01
CA ALA C 395 -38.23 40.67 -50.30
C ALA C 395 -38.63 42.13 -50.13
N GLU C 396 -37.98 43.02 -50.88
CA GLU C 396 -38.29 44.45 -50.84
C GLU C 396 -39.38 44.76 -51.86
N MET C 397 -40.37 45.54 -51.44
CA MET C 397 -41.54 45.83 -52.25
C MET C 397 -41.87 47.32 -52.15
N SER C 398 -42.88 47.73 -52.93
CA SER C 398 -43.42 49.08 -52.88
C SER C 398 -44.78 49.06 -53.59
N ASN C 399 -45.45 50.20 -53.61
CA ASN C 399 -46.77 50.31 -54.21
C ASN C 399 -46.67 50.53 -55.71
N LYS C 400 -47.80 50.31 -56.39
CA LYS C 400 -47.90 50.53 -57.84
C LYS C 400 -49.14 51.35 -58.14
N GLY C 401 -48.95 52.45 -58.88
CA GLY C 401 -50.06 53.26 -59.36
C GLY C 401 -50.99 53.73 -58.26
N LYS C 402 -52.29 53.69 -58.55
CA LYS C 402 -53.34 54.10 -57.61
C LYS C 402 -54.21 52.88 -57.35
N ASP C 403 -53.89 52.15 -56.28
CA ASP C 403 -54.57 50.90 -55.94
C ASP C 403 -54.52 49.91 -57.10
N GLN C 404 -53.34 49.81 -57.73
CA GLN C 404 -53.10 48.89 -58.83
C GLN C 404 -52.36 47.64 -58.37
N GLY C 405 -52.36 47.37 -57.08
CA GLY C 405 -51.63 46.25 -56.51
C GLY C 405 -50.29 46.67 -55.92
N VAL C 406 -49.52 45.67 -55.54
CA VAL C 406 -48.19 45.87 -54.95
C VAL C 406 -47.17 45.31 -55.94
N VAL C 407 -46.50 46.21 -56.65
CA VAL C 407 -45.49 45.80 -57.63
C VAL C 407 -44.23 45.35 -56.91
N VAL C 408 -43.65 44.25 -57.39
CA VAL C 408 -42.40 43.74 -56.84
C VAL C 408 -41.24 44.38 -57.60
N ASN C 409 -40.40 45.12 -56.88
CA ASN C 409 -39.28 45.79 -57.51
C ASN C 409 -38.19 44.79 -57.90
N ASN C 410 -37.72 44.02 -56.94
CA ASN C 410 -36.65 43.07 -57.17
C ASN C 410 -36.69 42.03 -56.06
N VAL C 411 -36.12 40.85 -56.35
CA VAL C 411 -36.09 39.74 -55.40
C VAL C 411 -34.65 39.29 -55.19
N LYS C 412 -34.32 38.95 -53.94
CA LYS C 412 -33.04 38.34 -53.60
C LYS C 412 -33.20 36.82 -53.63
N THR C 413 -32.27 36.15 -54.30
CA THR C 413 -32.45 34.73 -54.62
C THR C 413 -32.39 33.83 -53.39
N GLY C 414 -31.22 33.69 -52.78
CA GLY C 414 -31.03 32.73 -51.71
C GLY C 414 -31.73 33.02 -50.41
N THR C 415 -32.73 33.90 -50.44
CA THR C 415 -33.52 34.30 -49.29
C THR C 415 -34.83 33.53 -49.26
N PRO C 416 -35.54 33.48 -48.12
CA PRO C 416 -36.81 32.75 -48.06
C PRO C 416 -37.86 33.26 -49.03
N ALA C 417 -37.69 34.47 -49.58
CA ALA C 417 -38.65 34.99 -50.55
C ALA C 417 -38.56 34.25 -51.88
N ALA C 418 -37.39 34.32 -52.52
CA ALA C 418 -37.23 33.72 -53.84
C ALA C 418 -37.02 32.21 -53.80
N GLN C 419 -36.88 31.61 -52.61
CA GLN C 419 -36.83 30.16 -52.52
C GLN C 419 -38.17 29.52 -52.84
N ILE C 420 -39.23 30.32 -53.00
CA ILE C 420 -40.56 29.83 -53.37
C ILE C 420 -40.89 30.11 -54.83
N GLY C 421 -39.93 30.64 -55.60
CA GLY C 421 -40.11 30.85 -57.01
C GLY C 421 -40.46 32.27 -57.43
N LEU C 422 -40.28 33.25 -56.55
CA LEU C 422 -40.62 34.63 -56.87
C LEU C 422 -39.52 35.27 -57.72
N LYS C 423 -39.95 36.07 -58.70
CA LYS C 423 -39.03 36.79 -59.59
C LYS C 423 -39.41 38.27 -59.64
N LYS C 424 -38.43 39.10 -59.99
CA LYS C 424 -38.63 40.54 -59.99
C LYS C 424 -39.64 40.97 -61.04
N GLY C 425 -40.53 41.89 -60.67
CA GLY C 425 -41.50 42.46 -61.58
C GLY C 425 -42.95 42.10 -61.31
N ASP C 426 -43.21 41.09 -60.48
CA ASP C 426 -44.58 40.63 -60.27
C ASP C 426 -45.41 41.69 -59.55
N VAL C 427 -46.73 41.64 -59.76
CA VAL C 427 -47.64 42.64 -59.24
C VAL C 427 -48.84 41.93 -58.62
N ILE C 428 -49.07 42.13 -57.33
CA ILE C 428 -50.06 41.38 -56.56
C ILE C 428 -51.41 42.08 -56.68
N ILE C 429 -52.42 41.36 -57.17
CA ILE C 429 -53.78 41.91 -57.24
C ILE C 429 -54.61 41.58 -56.01
N GLY C 430 -54.38 40.41 -55.40
CA GLY C 430 -55.16 40.01 -54.24
C GLY C 430 -54.49 38.84 -53.54
N ALA C 431 -55.04 38.49 -52.37
CA ALA C 431 -54.47 37.43 -51.55
C ALA C 431 -55.51 36.90 -50.58
N ASN C 432 -55.58 35.57 -50.47
CA ASN C 432 -56.47 34.87 -49.53
C ASN C 432 -57.92 35.30 -49.69
N GLN C 433 -58.35 35.39 -50.93
CA GLN C 433 -59.71 35.80 -51.30
C GLN C 433 -60.10 37.15 -50.69
N GLN C 434 -59.12 37.95 -50.32
CA GLN C 434 -59.33 39.34 -49.88
C GLN C 434 -58.63 40.27 -50.86
N ALA C 435 -59.32 41.31 -51.30
CA ALA C 435 -58.73 42.24 -52.25
C ALA C 435 -57.51 42.93 -51.64
N VAL C 436 -56.44 43.04 -52.43
CA VAL C 436 -55.22 43.72 -52.03
C VAL C 436 -54.99 44.86 -53.03
N LYS C 437 -55.20 46.09 -52.58
CA LYS C 437 -54.99 47.28 -53.40
C LYS C 437 -53.65 47.94 -53.16
N ASN C 438 -53.13 47.85 -51.94
CA ASN C 438 -51.85 48.45 -51.58
C ASN C 438 -51.18 47.55 -50.55
N ILE C 439 -50.08 48.05 -49.98
CA ILE C 439 -49.39 47.30 -48.93
C ILE C 439 -50.16 47.34 -47.62
N ALA C 440 -51.03 48.33 -47.43
CA ALA C 440 -51.82 48.42 -46.20
C ALA C 440 -52.80 47.26 -46.09
N GLU C 441 -53.44 46.88 -47.19
CA GLU C 441 -54.33 45.74 -47.17
C GLU C 441 -53.56 44.42 -47.10
N LEU C 442 -52.25 44.45 -47.38
CA LEU C 442 -51.42 43.26 -47.24
C LEU C 442 -51.10 42.96 -45.78
N ARG C 443 -50.62 43.97 -45.04
CA ARG C 443 -50.27 43.75 -43.65
C ARG C 443 -51.50 43.53 -42.77
N LYS C 444 -52.69 43.92 -43.24
CA LYS C 444 -53.92 43.51 -42.57
C LYS C 444 -54.21 42.02 -42.79
N VAL C 445 -53.63 41.43 -43.83
CA VAL C 445 -53.68 39.97 -43.99
C VAL C 445 -52.59 39.31 -43.16
N LEU C 446 -51.43 39.97 -43.00
CA LEU C 446 -50.41 39.47 -42.09
C LEU C 446 -50.82 39.64 -40.63
N ASP C 447 -51.73 40.57 -40.33
CA ASP C 447 -52.29 40.67 -39.00
C ASP C 447 -53.21 39.49 -38.69
N SER C 448 -53.73 38.81 -39.72
CA SER C 448 -54.56 37.64 -39.53
C SER C 448 -53.75 36.38 -39.30
N LYS C 449 -52.46 36.38 -39.66
CA LYS C 449 -51.52 35.28 -39.50
C LYS C 449 -52.09 33.96 -40.01
N PRO C 450 -52.32 33.81 -41.31
CA PRO C 450 -52.82 32.52 -41.82
C PRO C 450 -51.71 31.48 -41.88
N SER C 451 -52.08 30.23 -41.60
CA SER C 451 -51.13 29.14 -41.71
C SER C 451 -50.54 29.04 -43.12
N VAL C 452 -51.30 29.48 -44.12
CA VAL C 452 -50.89 29.47 -45.52
C VAL C 452 -51.40 30.75 -46.16
N LEU C 453 -50.62 31.30 -47.09
CA LEU C 453 -50.97 32.52 -47.79
C LEU C 453 -51.01 32.23 -49.29
N ALA C 454 -52.13 32.54 -49.92
CA ALA C 454 -52.36 32.26 -51.33
C ALA C 454 -52.42 33.59 -52.08
N LEU C 455 -51.41 33.84 -52.92
CA LEU C 455 -51.22 35.15 -53.56
C LEU C 455 -51.69 35.10 -55.00
N ASN C 456 -52.51 36.08 -55.39
CA ASN C 456 -53.00 36.18 -56.77
C ASN C 456 -52.22 37.28 -57.52
N ILE C 457 -50.95 36.98 -57.77
CA ILE C 457 -50.04 37.92 -58.44
C ILE C 457 -50.25 37.82 -59.95
N GLN C 458 -49.66 38.77 -60.69
CA GLN C 458 -49.59 38.67 -62.15
C GLN C 458 -48.17 39.01 -62.58
N ARG C 459 -47.46 38.01 -63.08
CA ARG C 459 -46.19 38.22 -63.75
C ARG C 459 -46.42 38.16 -65.26
N GLY C 460 -46.21 39.29 -65.93
CA GLY C 460 -46.49 39.33 -67.36
C GLY C 460 -47.98 39.32 -67.63
N ASP C 461 -48.37 38.60 -68.67
CA ASP C 461 -49.76 38.51 -69.10
C ASP C 461 -50.53 37.40 -68.40
N SER C 462 -49.97 36.80 -67.34
CA SER C 462 -50.54 35.63 -66.70
C SER C 462 -51.16 35.99 -65.36
N THR C 463 -52.14 35.18 -64.95
CA THR C 463 -52.71 35.20 -63.61
C THR C 463 -52.35 33.88 -62.94
N ILE C 464 -51.50 33.94 -61.92
CA ILE C 464 -50.97 32.77 -61.25
C ILE C 464 -51.22 32.90 -59.76
N TYR C 465 -50.83 31.86 -59.02
CA TYR C 465 -50.88 31.84 -57.56
C TYR C 465 -49.55 31.33 -57.00
N LEU C 466 -49.17 31.87 -55.84
CA LEU C 466 -47.97 31.43 -55.14
C LEU C 466 -48.28 31.33 -53.66
N LEU C 467 -47.68 30.35 -53.00
CA LEU C 467 -48.01 29.99 -51.63
C LEU C 467 -46.79 30.11 -50.73
N MET C 468 -47.05 30.21 -49.42
CA MET C 468 -46.00 30.23 -48.42
C MET C 468 -46.50 29.52 -47.16
N GLN C 469 -45.55 29.02 -46.38
CA GLN C 469 -45.83 28.47 -45.06
C GLN C 469 -46.81 27.30 -45.13
N GLN D 32 -1.19 -54.93 24.87
CA GLN D 32 -0.32 -53.87 25.35
C GLN D 32 0.39 -53.15 24.20
N MET D 33 0.38 -51.81 24.27
CA MET D 33 0.87 -50.97 23.19
C MET D 33 2.07 -50.16 23.64
N PRO D 34 3.08 -50.00 22.78
CA PRO D 34 4.18 -49.07 23.09
C PRO D 34 3.72 -47.63 22.95
N SER D 35 4.20 -46.77 23.84
CA SER D 35 3.79 -45.38 23.85
C SER D 35 4.93 -44.51 24.36
N LEU D 36 4.84 -43.21 24.08
CA LEU D 36 5.84 -42.23 24.49
C LEU D 36 5.36 -41.35 25.63
N ALA D 37 4.13 -41.52 26.09
CA ALA D 37 3.60 -40.71 27.18
C ALA D 37 4.42 -40.75 28.47
N PRO D 38 4.94 -41.90 28.93
CA PRO D 38 5.71 -41.88 30.19
C PRO D 38 6.89 -40.93 30.19
N MET D 39 7.64 -40.86 29.09
CA MET D 39 8.77 -39.94 29.02
C MET D 39 8.28 -38.49 29.01
N LEU D 40 7.18 -38.23 28.31
CA LEU D 40 6.73 -36.85 28.16
C LEU D 40 6.17 -36.29 29.46
N GLU D 41 5.44 -37.10 30.23
CA GLU D 41 4.84 -36.61 31.47
C GLU D 41 5.89 -36.09 32.44
N LYS D 42 7.13 -36.59 32.34
CA LYS D 42 8.21 -36.11 33.19
C LYS D 42 9.05 -35.02 32.53
N VAL D 43 9.06 -34.94 31.20
CA VAL D 43 9.94 -34.03 30.48
C VAL D 43 9.21 -32.78 30.00
N MET D 44 7.95 -32.91 29.58
CA MET D 44 7.23 -31.77 29.00
C MET D 44 7.18 -30.53 29.89
N PRO D 45 7.00 -30.63 31.23
CA PRO D 45 7.07 -29.41 32.06
C PRO D 45 8.32 -28.58 31.85
N SER D 46 9.38 -29.21 31.34
CA SER D 46 10.62 -28.49 31.07
C SER D 46 10.53 -27.58 29.86
N VAL D 47 9.57 -27.81 28.96
CA VAL D 47 9.40 -27.00 27.76
C VAL D 47 8.36 -25.92 28.05
N VAL D 48 8.67 -24.69 27.63
CA VAL D 48 7.83 -23.53 27.88
C VAL D 48 7.54 -22.84 26.54
N SER D 49 6.57 -21.93 26.58
CA SER D 49 6.28 -21.05 25.46
C SER D 49 6.62 -19.61 25.84
N ILE D 50 7.00 -18.82 24.84
CA ILE D 50 7.51 -17.47 25.07
C ILE D 50 6.66 -16.48 24.28
N ASN D 51 6.23 -15.41 24.95
CA ASN D 51 5.56 -14.28 24.32
C ASN D 51 6.48 -13.08 24.42
N VAL D 52 6.63 -12.35 23.31
CA VAL D 52 7.59 -11.27 23.19
C VAL D 52 6.90 -10.02 22.67
N GLU D 53 7.21 -8.88 23.27
CA GLU D 53 6.84 -7.57 22.74
C GLU D 53 8.10 -6.72 22.58
N GLY D 54 8.18 -6.03 21.45
CA GLY D 54 9.29 -5.14 21.18
C GLY D 54 8.84 -4.06 20.20
N SER D 55 9.80 -3.23 19.79
CA SER D 55 9.52 -2.17 18.84
C SER D 55 10.71 -1.96 17.92
N THR D 56 10.42 -1.49 16.71
CA THR D 56 11.46 -1.20 15.72
C THR D 56 10.89 -0.35 14.58
N GLN D 103 7.76 0.92 14.25
CA GLN D 103 7.25 -0.40 13.87
C GLN D 103 7.38 -1.38 15.04
N LYS D 104 6.42 -1.35 15.95
CA LYS D 104 6.43 -2.26 17.09
C LYS D 104 5.91 -3.63 16.66
N PHE D 105 6.44 -4.67 17.30
CA PHE D 105 6.12 -6.05 16.92
C PHE D 105 5.96 -6.91 18.16
N MET D 106 5.25 -8.03 17.99
CA MET D 106 5.06 -9.04 19.02
C MET D 106 5.35 -10.41 18.40
N ALA D 107 6.19 -11.20 19.07
CA ALA D 107 6.62 -12.50 18.56
C ALA D 107 6.37 -13.58 19.61
N LEU D 108 6.36 -14.83 19.14
CA LEU D 108 6.08 -15.96 20.01
C LEU D 108 6.90 -17.16 19.58
N GLY D 109 7.29 -17.97 20.56
CA GLY D 109 8.11 -19.14 20.32
C GLY D 109 8.09 -20.07 21.51
N SER D 110 9.16 -20.85 21.67
CA SER D 110 9.28 -21.82 22.74
C SER D 110 10.61 -21.64 23.46
N GLY D 111 10.72 -22.30 24.63
CA GLY D 111 11.94 -22.25 25.42
C GLY D 111 12.18 -23.56 26.13
N VAL D 112 13.35 -23.67 26.75
CA VAL D 112 13.77 -24.88 27.46
C VAL D 112 14.40 -24.47 28.78
N ILE D 113 13.95 -25.10 29.87
CA ILE D 113 14.50 -24.84 31.20
C ILE D 113 15.81 -25.61 31.34
N ILE D 114 16.91 -24.89 31.47
CA ILE D 114 18.21 -25.52 31.65
C ILE D 114 18.52 -25.74 33.14
N ASP D 115 18.29 -24.74 33.97
CA ASP D 115 18.54 -24.82 35.40
C ASP D 115 17.24 -24.46 36.13
N ALA D 116 16.66 -25.44 36.82
CA ALA D 116 15.37 -25.21 37.46
C ALA D 116 15.48 -24.21 38.61
N ASP D 117 16.54 -24.31 39.41
CA ASP D 117 16.69 -23.41 40.56
C ASP D 117 16.92 -21.98 40.10
N LYS D 118 17.95 -21.76 39.27
CA LYS D 118 18.28 -20.41 38.83
C LYS D 118 17.26 -19.85 37.84
N GLY D 119 16.50 -20.70 37.17
CA GLY D 119 15.52 -20.22 36.21
C GLY D 119 16.09 -19.84 34.87
N TYR D 120 17.24 -20.38 34.49
CA TYR D 120 17.83 -20.10 33.19
C TYR D 120 17.07 -20.87 32.11
N VAL D 121 16.62 -20.14 31.08
CA VAL D 121 15.85 -20.73 29.99
C VAL D 121 16.50 -20.34 28.68
N VAL D 122 16.92 -21.34 27.88
CA VAL D 122 17.55 -21.13 26.58
C VAL D 122 16.46 -21.01 25.52
N THR D 123 16.75 -20.23 24.48
CA THR D 123 15.83 -20.02 23.37
C THR D 123 16.63 -19.59 22.16
N ASN D 124 15.94 -19.38 21.05
CA ASN D 124 16.58 -18.89 19.83
C ASN D 124 16.77 -17.38 19.94
N ASN D 125 17.97 -16.91 19.59
CA ASN D 125 18.24 -15.47 19.66
C ASN D 125 17.38 -14.68 18.69
N HIS D 126 17.06 -15.25 17.53
CA HIS D 126 16.19 -14.57 16.58
C HIS D 126 14.74 -14.46 17.08
N VAL D 127 14.46 -14.84 18.33
CA VAL D 127 13.14 -14.75 18.92
C VAL D 127 13.06 -13.55 19.85
N VAL D 128 14.19 -13.19 20.44
CA VAL D 128 14.22 -12.26 21.57
C VAL D 128 14.99 -10.98 21.25
N ASP D 129 15.36 -10.77 19.98
CA ASP D 129 16.09 -9.55 19.62
C ASP D 129 15.16 -8.33 19.66
N ASN D 130 15.67 -7.23 20.20
CA ASN D 130 14.94 -5.96 20.29
C ASN D 130 13.56 -6.16 20.91
N ALA D 131 13.53 -6.86 22.04
CA ALA D 131 12.31 -7.16 22.77
C ALA D 131 12.27 -6.34 24.05
N THR D 132 11.22 -5.55 24.22
CA THR D 132 11.07 -4.72 25.41
C THR D 132 10.45 -5.47 26.58
N VAL D 133 9.36 -6.22 26.33
CA VAL D 133 8.64 -6.95 27.37
C VAL D 133 8.64 -8.43 26.99
N ILE D 134 8.99 -9.28 27.95
CA ILE D 134 9.11 -10.72 27.73
C ILE D 134 8.41 -11.44 28.87
N LYS D 135 7.34 -12.16 28.56
CA LYS D 135 6.66 -13.03 29.50
C LYS D 135 6.76 -14.46 29.03
N VAL D 136 6.89 -15.40 29.97
CA VAL D 136 7.10 -16.81 29.67
C VAL D 136 5.98 -17.61 30.34
N GLN D 137 5.36 -18.52 29.58
CA GLN D 137 4.24 -19.33 30.04
C GLN D 137 4.64 -20.79 30.03
N LEU D 138 4.57 -21.44 31.19
CA LEU D 138 5.00 -22.82 31.32
C LEU D 138 4.01 -23.75 30.61
N SER D 139 4.27 -25.06 30.74
CA SER D 139 3.37 -26.04 30.16
C SER D 139 2.05 -26.11 30.90
N ASP D 140 2.07 -25.83 32.21
CA ASP D 140 0.86 -25.89 33.03
C ASP D 140 0.05 -24.61 33.01
N GLY D 141 0.51 -23.57 32.32
CA GLY D 141 -0.22 -22.33 32.22
C GLY D 141 0.29 -21.20 33.10
N ARG D 142 1.30 -21.45 33.93
CA ARG D 142 1.81 -20.39 34.80
C ARG D 142 2.55 -19.33 33.98
N LYS D 143 2.26 -18.06 34.28
CA LYS D 143 2.90 -16.94 33.62
C LYS D 143 4.01 -16.35 34.49
N PHE D 144 5.07 -15.88 33.84
CA PHE D 144 6.18 -15.23 34.52
C PHE D 144 6.67 -14.07 33.67
N ASP D 145 7.54 -13.26 34.26
CA ASP D 145 8.34 -12.29 33.52
C ASP D 145 9.78 -12.76 33.53
N ALA D 146 10.47 -12.56 32.42
CA ALA D 146 11.85 -13.01 32.27
C ALA D 146 12.70 -11.89 31.72
N LYS D 147 13.99 -11.92 32.06
CA LYS D 147 14.94 -10.92 31.64
C LYS D 147 16.08 -11.57 30.85
N MET D 148 16.65 -10.78 29.94
CA MET D 148 17.73 -11.27 29.08
C MET D 148 19.00 -11.52 29.88
N VAL D 149 19.74 -12.58 29.54
CA VAL D 149 21.02 -12.91 30.15
C VAL D 149 22.15 -12.90 29.13
N GLY D 150 21.95 -13.56 28.00
CA GLY D 150 22.95 -13.61 26.95
C GLY D 150 22.31 -13.78 25.59
N LYS D 151 23.09 -13.46 24.56
CA LYS D 151 22.63 -13.58 23.18
C LYS D 151 23.85 -13.71 22.27
N ASP D 152 23.69 -14.49 21.20
CA ASP D 152 24.80 -14.79 20.29
C ASP D 152 24.23 -15.09 18.91
N PRO D 153 24.01 -14.06 18.09
CA PRO D 153 23.36 -14.27 16.79
C PRO D 153 24.18 -15.12 15.82
N ARG D 154 25.50 -15.25 16.01
CA ARG D 154 26.28 -16.08 15.10
C ARG D 154 25.91 -17.56 15.22
N SER D 155 25.38 -17.98 16.36
CA SER D 155 24.89 -19.33 16.55
C SER D 155 23.41 -19.40 16.91
N ASP D 156 22.75 -18.25 17.10
CA ASP D 156 21.30 -18.17 17.27
C ASP D 156 20.85 -18.82 18.58
N ILE D 157 21.59 -18.60 19.66
CA ILE D 157 21.26 -19.12 20.98
C ILE D 157 21.26 -17.97 21.98
N ALA D 158 20.17 -17.86 22.75
CA ALA D 158 20.05 -16.85 23.78
C ALA D 158 19.63 -17.51 25.09
N LEU D 159 19.85 -16.80 26.19
CA LEU D 159 19.54 -17.29 27.52
C LEU D 159 18.74 -16.22 28.26
N ILE D 160 17.60 -16.62 28.82
CA ILE D 160 16.79 -15.71 29.63
C ILE D 160 16.67 -16.29 31.03
N GLN D 161 16.28 -15.45 31.97
CA GLN D 161 16.15 -15.83 33.37
C GLN D 161 14.73 -15.53 33.84
N ILE D 162 14.07 -16.56 34.37
CA ILE D 162 12.74 -16.39 34.93
C ILE D 162 12.84 -15.59 36.22
N GLN D 163 11.98 -14.58 36.36
CA GLN D 163 11.87 -13.87 37.63
C GLN D 163 11.00 -14.67 38.59
N ASN D 164 11.45 -14.76 39.83
CA ASN D 164 10.81 -15.59 40.87
C ASN D 164 10.67 -17.04 40.42
N PRO D 165 11.78 -17.75 40.20
CA PRO D 165 11.67 -19.17 39.84
C PRO D 165 11.12 -20.01 40.98
N LYS D 166 9.91 -20.53 40.83
CA LYS D 166 9.26 -21.36 41.84
C LYS D 166 8.73 -22.62 41.18
N ASN D 167 9.21 -23.77 41.63
CA ASN D 167 8.69 -25.08 41.22
C ASN D 167 8.77 -25.26 39.70
N LEU D 168 10.01 -25.36 39.23
CA LEU D 168 10.29 -25.56 37.82
C LEU D 168 10.86 -26.96 37.60
N THR D 169 10.94 -27.36 36.34
CA THR D 169 11.50 -28.64 35.96
C THR D 169 12.54 -28.41 34.87
N ALA D 170 13.77 -28.85 35.13
CA ALA D 170 14.86 -28.71 34.17
C ALA D 170 15.01 -29.97 33.34
N ILE D 171 15.73 -29.84 32.24
CA ILE D 171 15.95 -30.92 31.29
C ILE D 171 17.40 -31.39 31.41
N LYS D 172 17.59 -32.70 31.34
CA LYS D 172 18.93 -33.26 31.28
C LYS D 172 19.42 -33.23 29.84
N MET D 173 20.60 -32.63 29.63
CA MET D 173 21.18 -32.58 28.31
C MET D 173 22.08 -33.79 28.09
N ALA D 174 22.01 -34.37 26.89
CA ALA D 174 22.78 -35.54 26.53
C ALA D 174 23.97 -35.15 25.64
N ASP D 175 24.82 -36.14 25.39
CA ASP D 175 26.01 -35.94 24.57
C ASP D 175 25.60 -36.10 23.11
N SER D 176 25.37 -34.97 22.43
CA SER D 176 24.93 -35.00 21.05
C SER D 176 25.99 -35.57 20.11
N ASP D 177 27.26 -35.56 20.52
CA ASP D 177 28.33 -36.08 19.66
C ASP D 177 28.29 -37.59 19.52
N ALA D 178 27.38 -38.28 20.21
CA ALA D 178 27.16 -39.71 20.02
C ALA D 178 25.94 -39.99 19.15
N LEU D 179 25.24 -38.96 18.69
CA LEU D 179 24.05 -39.14 17.86
C LEU D 179 24.42 -39.74 16.51
N ARG D 180 23.49 -40.53 15.97
CA ARG D 180 23.72 -41.27 14.74
C ARG D 180 22.49 -41.12 13.87
N VAL D 181 22.70 -41.05 12.55
CA VAL D 181 21.59 -40.97 11.62
C VAL D 181 20.78 -42.26 11.72
N GLY D 182 19.51 -42.12 12.09
CA GLY D 182 18.63 -43.26 12.33
C GLY D 182 18.01 -43.28 13.71
N ASP D 183 18.49 -42.46 14.64
CA ASP D 183 17.88 -42.38 15.96
C ASP D 183 16.51 -41.72 15.87
N TYR D 184 15.57 -42.22 16.66
CA TYR D 184 14.25 -41.61 16.76
C TYR D 184 14.32 -40.30 17.53
N THR D 185 13.61 -39.28 17.04
CA THR D 185 13.60 -37.97 17.67
C THR D 185 12.17 -37.55 18.01
N VAL D 186 12.04 -36.76 19.06
CA VAL D 186 10.76 -36.21 19.50
C VAL D 186 10.91 -34.71 19.64
N ALA D 187 10.11 -33.96 18.88
CA ALA D 187 10.16 -32.51 18.88
C ALA D 187 9.09 -31.94 19.79
N ILE D 188 9.41 -30.84 20.48
CA ILE D 188 8.48 -30.18 21.39
C ILE D 188 8.55 -28.68 21.13
N GLY D 189 7.40 -28.07 20.92
CA GLY D 189 7.35 -26.64 20.67
C GLY D 189 5.94 -26.10 20.76
N ASN D 190 5.74 -24.93 20.16
CA ASN D 190 4.44 -24.25 20.20
C ASN D 190 4.14 -23.64 18.83
N PRO D 191 3.67 -24.46 17.88
CA PRO D 191 3.34 -23.94 16.55
C PRO D 191 2.11 -23.05 16.59
N PHE D 192 2.26 -21.83 16.09
CA PHE D 192 1.14 -20.91 15.88
C PHE D 192 0.44 -20.56 17.20
N GLY D 193 1.18 -20.61 18.30
CA GLY D 193 0.60 -20.29 19.60
C GLY D 193 -0.51 -21.21 20.02
N LEU D 194 -0.62 -22.39 19.41
CA LEU D 194 -1.67 -23.32 19.78
C LEU D 194 -1.42 -23.94 21.15
N GLY D 195 -0.16 -24.11 21.53
CA GLY D 195 0.21 -24.73 22.78
C GLY D 195 1.32 -25.74 22.58
N GLU D 196 1.70 -26.37 23.70
CA GLU D 196 2.77 -27.37 23.70
C GLU D 196 2.39 -28.53 22.79
N THR D 197 3.07 -28.64 21.64
CA THR D 197 2.76 -29.64 20.63
C THR D 197 3.95 -30.57 20.45
N VAL D 198 3.68 -31.87 20.51
CA VAL D 198 4.72 -32.89 20.38
C VAL D 198 4.57 -33.58 19.04
N THR D 199 5.69 -33.79 18.35
CA THR D 199 5.71 -34.54 17.10
C THR D 199 6.89 -35.51 17.13
N SER D 200 6.81 -36.52 16.28
CA SER D 200 7.82 -37.57 16.22
C SER D 200 8.57 -37.52 14.89
N GLY D 201 9.78 -38.07 14.91
CA GLY D 201 10.60 -38.11 13.72
C GLY D 201 11.86 -38.92 13.97
N ILE D 202 12.85 -38.72 13.10
CA ILE D 202 14.15 -39.39 13.22
C ILE D 202 15.26 -38.42 12.83
N VAL D 203 16.50 -38.84 13.11
CA VAL D 203 17.68 -38.08 12.72
C VAL D 203 17.90 -38.26 11.23
N SER D 204 17.59 -37.22 10.45
CA SER D 204 17.76 -37.33 9.00
C SER D 204 19.25 -37.29 8.63
N ALA D 205 19.99 -36.33 9.17
CA ALA D 205 21.41 -36.22 8.91
C ALA D 205 22.04 -35.35 9.98
N LEU D 206 23.37 -35.29 9.95
CA LEU D 206 24.15 -34.52 10.90
C LEU D 206 25.08 -33.57 10.15
N GLY D 207 25.50 -32.52 10.85
CA GLY D 207 26.45 -31.58 10.29
C GLY D 207 25.91 -30.67 9.21
N ARG D 208 24.59 -30.53 9.11
CA ARG D 208 24.01 -29.74 8.04
C ARG D 208 24.26 -28.25 8.27
N SER D 209 24.59 -27.56 7.18
CA SER D 209 24.91 -26.14 7.21
C SER D 209 24.67 -25.57 5.82
N GLY D 210 24.66 -24.24 5.75
CA GLY D 210 24.48 -23.54 4.48
C GLY D 210 23.24 -22.70 4.41
N LEU D 211 22.28 -22.85 5.33
CA LEU D 211 21.12 -21.97 5.35
C LEU D 211 21.53 -20.53 5.59
N ASN D 212 22.61 -20.32 6.34
CA ASN D 212 23.17 -19.00 6.58
C ASN D 212 24.67 -19.21 6.81
N ALA D 213 25.47 -19.01 5.76
CA ALA D 213 26.86 -19.42 5.77
C ALA D 213 27.71 -18.71 6.82
N GLU D 214 27.34 -17.50 7.20
CA GLU D 214 28.08 -16.79 8.26
C GLU D 214 27.80 -17.36 9.65
N ASN D 215 26.67 -18.04 9.82
CA ASN D 215 26.31 -18.59 11.11
C ASN D 215 27.08 -19.87 11.40
N TYR D 216 27.35 -20.10 12.68
CA TYR D 216 27.97 -21.35 13.14
C TYR D 216 26.86 -22.38 13.26
N GLU D 217 26.67 -23.16 12.21
CA GLU D 217 25.55 -24.09 12.11
C GLU D 217 26.08 -25.51 11.93
N ASN D 218 25.76 -26.37 12.89
CA ASN D 218 26.07 -27.79 12.82
C ASN D 218 24.76 -28.55 12.90
N PHE D 219 23.79 -28.17 12.08
CA PHE D 219 22.41 -28.58 12.28
C PHE D 219 22.23 -30.09 12.19
N ILE D 220 21.34 -30.61 13.02
CA ILE D 220 20.80 -31.96 12.86
C ILE D 220 19.51 -31.85 12.06
N GLN D 221 19.39 -32.63 11.00
CA GLN D 221 18.17 -32.63 10.20
C GLN D 221 17.24 -33.71 10.73
N THR D 222 15.95 -33.37 10.80
CA THR D 222 14.95 -34.30 11.30
C THR D 222 13.66 -34.12 10.52
N ASP D 223 12.93 -35.22 10.36
CA ASP D 223 11.59 -35.21 9.80
C ASP D 223 10.51 -35.02 10.86
N ALA D 224 10.91 -34.68 12.08
CA ALA D 224 9.93 -34.30 13.10
C ALA D 224 9.26 -32.97 12.72
N ALA D 225 7.94 -32.93 12.89
CA ALA D 225 7.17 -31.78 12.43
C ALA D 225 7.49 -30.54 13.27
N ILE D 226 7.81 -29.44 12.56
CA ILE D 226 8.28 -28.19 13.15
C ILE D 226 7.75 -27.06 12.30
N ASN D 227 6.98 -26.16 12.91
CA ASN D 227 6.39 -25.03 12.21
C ASN D 227 6.75 -23.73 12.92
N ARG D 228 6.09 -22.64 12.54
CA ARG D 228 6.33 -21.34 13.14
C ARG D 228 5.89 -21.35 14.59
N GLY D 229 6.81 -21.03 15.49
CA GLY D 229 6.58 -21.11 16.92
C GLY D 229 7.33 -22.23 17.60
N ASN D 230 7.76 -23.25 16.83
CA ASN D 230 8.59 -24.31 17.40
C ASN D 230 9.96 -23.81 17.80
N ALA D 231 10.34 -22.62 17.34
CA ALA D 231 11.67 -22.08 17.58
C ALA D 231 11.95 -21.97 19.08
N GLY D 232 13.16 -22.36 19.47
CA GLY D 232 13.51 -22.45 20.87
C GLY D 232 13.02 -23.69 21.56
N GLY D 233 12.25 -24.53 20.87
CA GLY D 233 11.77 -25.76 21.45
C GLY D 233 12.88 -26.78 21.62
N ALA D 234 12.56 -27.84 22.34
CA ALA D 234 13.52 -28.87 22.68
C ALA D 234 13.42 -30.04 21.72
N LEU D 235 14.57 -30.59 21.36
CA LEU D 235 14.66 -31.84 20.63
C LEU D 235 15.32 -32.86 21.55
N VAL D 236 14.58 -33.92 21.88
CA VAL D 236 15.02 -34.90 22.86
C VAL D 236 14.92 -36.29 22.24
N ASN D 237 15.70 -37.22 22.81
CA ASN D 237 15.63 -38.61 22.42
C ASN D 237 14.48 -39.30 23.16
N LEU D 238 14.36 -40.62 22.96
CA LEU D 238 13.26 -41.36 23.56
C LEU D 238 13.32 -41.37 25.09
N ASN D 239 14.45 -40.99 25.67
CA ASN D 239 14.58 -40.89 27.12
C ASN D 239 14.33 -39.49 27.64
N GLY D 240 14.05 -38.53 26.77
CA GLY D 240 13.80 -37.17 27.21
C GLY D 240 15.01 -36.37 27.56
N GLU D 241 16.20 -36.76 27.09
CA GLU D 241 17.43 -36.00 27.32
C GLU D 241 17.66 -35.07 26.14
N LEU D 242 18.01 -33.82 26.45
CA LEU D 242 18.08 -32.78 25.42
C LEU D 242 19.23 -33.05 24.48
N ILE D 243 18.92 -33.21 23.19
CA ILE D 243 19.94 -33.39 22.16
C ILE D 243 20.12 -32.16 21.29
N GLY D 244 19.12 -31.29 21.18
CA GLY D 244 19.25 -30.12 20.33
C GLY D 244 18.13 -29.14 20.56
N ILE D 245 18.34 -27.94 20.03
CA ILE D 245 17.37 -26.86 20.10
C ILE D 245 16.84 -26.61 18.70
N ASN D 246 15.57 -26.92 18.47
CA ASN D 246 14.94 -26.68 17.18
C ASN D 246 15.08 -25.23 16.77
N THR D 247 15.58 -25.00 15.56
CA THR D 247 15.93 -23.66 15.11
C THR D 247 15.13 -23.26 13.88
N ALA D 248 15.35 -23.92 12.74
CA ALA D 248 14.77 -23.46 11.49
C ALA D 248 14.21 -24.65 10.72
N ILE D 249 13.37 -24.34 9.74
CA ILE D 249 12.83 -25.35 8.85
C ILE D 249 13.16 -24.96 7.41
N LEU D 250 12.95 -25.90 6.50
CA LEU D 250 13.09 -25.66 5.06
C LEU D 250 11.69 -25.74 4.48
N ALA D 251 11.05 -24.60 4.34
CA ALA D 251 9.66 -24.49 3.89
C ALA D 251 9.55 -23.41 2.83
N PRO D 252 9.42 -23.76 1.55
CA PRO D 252 9.14 -22.74 0.52
C PRO D 252 7.75 -22.15 0.62
N ASP D 253 6.90 -22.65 1.51
CA ASP D 253 5.52 -22.17 1.63
C ASP D 253 5.14 -21.80 3.06
N GLY D 254 6.08 -21.83 4.00
CA GLY D 254 5.78 -21.48 5.37
C GLY D 254 5.11 -22.56 6.18
N GLY D 255 4.93 -23.75 5.60
CA GLY D 255 4.38 -24.87 6.32
C GLY D 255 5.35 -26.03 6.27
N ASN D 256 5.41 -26.79 7.36
CA ASN D 256 6.42 -27.82 7.48
C ASN D 256 6.23 -28.90 6.43
N ILE D 257 7.36 -29.38 5.90
CA ILE D 257 7.36 -30.43 4.88
C ILE D 257 8.31 -31.55 5.33
N GLY D 258 8.72 -31.52 6.59
CA GLY D 258 9.51 -32.58 7.15
C GLY D 258 11.00 -32.35 7.21
N ILE D 259 11.46 -31.11 7.23
CA ILE D 259 12.87 -30.78 7.33
C ILE D 259 13.02 -29.74 8.43
N GLY D 260 13.40 -30.18 9.63
CA GLY D 260 13.73 -29.30 10.73
C GLY D 260 15.22 -29.34 10.99
N PHE D 261 15.75 -28.24 11.52
CA PHE D 261 17.15 -28.15 11.89
C PHE D 261 17.27 -27.77 13.37
N ALA D 262 18.17 -28.45 14.07
CA ALA D 262 18.40 -28.22 15.49
C ALA D 262 19.90 -28.11 15.73
N ILE D 263 20.26 -27.25 16.69
CA ILE D 263 21.65 -27.06 17.06
C ILE D 263 21.98 -28.07 18.16
N PRO D 264 23.02 -28.89 18.00
CA PRO D 264 23.30 -29.96 18.97
C PRO D 264 23.45 -29.43 20.38
N SER D 265 23.07 -30.28 21.34
CA SER D 265 23.10 -29.87 22.75
C SER D 265 24.51 -29.53 23.20
N ASN D 266 25.52 -30.27 22.70
CA ASN D 266 26.89 -30.00 23.10
C ASN D 266 27.33 -28.61 22.70
N MET D 267 26.83 -28.09 21.57
CA MET D 267 27.06 -26.69 21.24
C MET D 267 26.26 -25.78 22.16
N VAL D 268 25.01 -26.14 22.46
CA VAL D 268 24.20 -25.34 23.37
C VAL D 268 24.78 -25.37 24.78
N LYS D 269 25.33 -26.52 25.19
CA LYS D 269 25.94 -26.62 26.51
C LYS D 269 27.17 -25.72 26.61
N ASN D 270 27.94 -25.61 25.53
CA ASN D 270 29.12 -24.75 25.55
C ASN D 270 28.72 -23.28 25.47
N LEU D 271 27.68 -22.97 24.70
CA LEU D 271 27.29 -21.57 24.51
C LEU D 271 26.54 -21.01 25.71
N THR D 272 25.76 -21.83 26.41
CA THR D 272 25.06 -21.36 27.59
C THR D 272 26.04 -21.11 28.75
N SER D 273 27.09 -21.94 28.86
CA SER D 273 28.01 -21.85 29.99
C SER D 273 28.79 -20.54 29.98
N GLN D 274 29.01 -19.95 28.81
CA GLN D 274 29.68 -18.66 28.75
C GLN D 274 28.76 -17.51 29.13
N MET D 275 27.47 -17.63 28.82
CA MET D 275 26.51 -16.59 29.18
C MET D 275 26.19 -16.58 30.67
N VAL D 276 26.46 -17.68 31.38
CA VAL D 276 26.20 -17.72 32.81
C VAL D 276 27.25 -16.91 33.56
N GLU D 277 28.51 -17.02 33.16
CA GLU D 277 29.63 -16.41 33.88
C GLU D 277 29.94 -14.99 33.41
N TYR D 278 29.87 -14.74 32.10
CA TYR D 278 30.33 -13.47 31.54
C TYR D 278 29.26 -12.66 30.83
N GLY D 279 28.12 -13.25 30.45
CA GLY D 279 27.08 -12.54 29.75
C GLY D 279 27.29 -12.41 28.25
N GLN D 280 28.44 -12.83 27.73
CA GLN D 280 28.70 -12.83 26.31
C GLN D 280 29.53 -14.07 25.99
N VAL D 281 29.98 -14.16 24.74
CA VAL D 281 30.78 -15.29 24.28
C VAL D 281 32.20 -14.81 24.02
N LYS D 282 33.17 -15.47 24.66
CA LYS D 282 34.58 -15.20 24.42
C LYS D 282 35.00 -15.99 23.18
N ARG D 283 34.93 -15.32 22.03
CA ARG D 283 35.22 -15.98 20.75
C ARG D 283 36.71 -16.26 20.65
N GLY D 284 37.06 -17.55 20.59
CA GLY D 284 38.45 -17.95 20.45
C GLY D 284 38.78 -18.35 19.02
N GLU D 285 40.08 -18.36 18.72
CA GLU D 285 40.55 -18.66 17.38
C GLU D 285 41.80 -19.53 17.45
N LEU D 286 41.94 -20.42 16.46
CA LEU D 286 43.17 -21.18 16.27
C LEU D 286 44.15 -20.46 15.36
N GLY D 287 43.65 -19.70 14.40
CA GLY D 287 44.50 -18.93 13.51
C GLY D 287 44.88 -19.64 12.24
N ILE D 288 43.90 -20.23 11.56
CA ILE D 288 44.13 -20.90 10.28
C ILE D 288 42.98 -20.56 9.32
N MET D 289 43.30 -20.53 8.03
CA MET D 289 42.32 -20.40 6.97
C MET D 289 42.03 -21.78 6.39
N GLY D 290 40.89 -21.91 5.72
CA GLY D 290 40.55 -23.21 5.15
C GLY D 290 39.27 -23.18 4.36
N THR D 291 38.94 -24.34 3.80
CA THR D 291 37.75 -24.55 3.00
C THR D 291 37.43 -26.05 2.99
N GLU D 292 36.26 -26.38 2.41
CA GLU D 292 35.78 -27.75 2.42
C GLU D 292 36.59 -28.63 1.48
N LEU D 293 36.79 -29.89 1.88
CA LEU D 293 37.53 -30.86 1.09
C LEU D 293 36.54 -31.69 0.27
N ASN D 294 36.62 -31.56 -1.05
CA ASN D 294 35.80 -32.35 -1.94
C ASN D 294 36.58 -33.58 -2.43
N SER D 295 35.91 -34.44 -3.19
CA SER D 295 36.57 -35.62 -3.73
C SER D 295 37.60 -35.26 -4.79
N GLU D 296 37.43 -34.11 -5.44
CA GLU D 296 38.35 -33.71 -6.48
C GLU D 296 39.70 -33.28 -5.88
N LEU D 297 39.66 -32.59 -4.74
CA LEU D 297 40.89 -32.07 -4.14
C LEU D 297 41.73 -33.20 -3.55
N ALA D 298 41.10 -34.26 -3.05
CA ALA D 298 41.85 -35.37 -2.48
C ALA D 298 42.69 -36.08 -3.53
N LYS D 299 42.25 -36.08 -4.79
CA LYS D 299 43.05 -36.68 -5.86
C LYS D 299 44.33 -35.88 -6.09
N ALA D 300 44.23 -34.55 -6.10
CA ALA D 300 45.40 -33.72 -6.36
C ALA D 300 46.40 -33.79 -5.21
N MET D 301 45.92 -33.79 -3.97
CA MET D 301 46.77 -33.85 -2.80
C MET D 301 47.11 -35.29 -2.41
N LYS D 302 46.74 -36.27 -3.22
CA LYS D 302 46.98 -37.70 -2.93
C LYS D 302 46.48 -38.09 -1.55
N VAL D 303 45.41 -37.43 -1.10
CA VAL D 303 44.80 -37.69 0.20
C VAL D 303 43.72 -38.75 0.03
N ASP D 304 43.61 -39.63 1.03
CA ASP D 304 42.62 -40.71 0.98
C ASP D 304 41.23 -40.21 1.34
N ALA D 305 41.12 -39.45 2.44
CA ALA D 305 39.81 -39.02 2.92
C ALA D 305 39.22 -37.98 1.98
N GLN D 306 37.92 -38.12 1.70
CA GLN D 306 37.21 -37.27 0.76
C GLN D 306 36.47 -36.11 1.42
N ARG D 307 36.64 -35.92 2.73
CA ARG D 307 35.89 -34.90 3.45
C ARG D 307 36.70 -34.45 4.65
N GLY D 308 36.68 -33.15 4.92
CA GLY D 308 37.36 -32.63 6.08
C GLY D 308 37.78 -31.18 5.87
N ALA D 309 38.76 -30.77 6.67
CA ALA D 309 39.24 -29.40 6.69
C ALA D 309 40.63 -29.34 6.06
N PHE D 310 40.77 -28.50 5.04
CA PHE D 310 42.02 -28.31 4.32
C PHE D 310 42.68 -27.01 4.77
N VAL D 311 43.93 -27.11 5.24
CA VAL D 311 44.65 -25.98 5.82
C VAL D 311 45.27 -25.17 4.70
N SER D 312 44.70 -24.00 4.41
CA SER D 312 45.30 -23.10 3.43
C SER D 312 46.60 -22.50 3.96
N GLN D 313 46.63 -22.12 5.23
CA GLN D 313 47.76 -21.44 5.84
C GLN D 313 47.55 -21.44 7.35
N VAL D 314 48.64 -21.24 8.07
CA VAL D 314 48.58 -21.01 9.52
C VAL D 314 49.08 -19.59 9.78
N LEU D 315 48.36 -18.86 10.63
CA LEU D 315 48.73 -17.47 10.91
C LEU D 315 49.85 -17.43 11.95
N PRO D 316 50.78 -16.48 11.83
CA PRO D 316 51.91 -16.46 12.77
C PRO D 316 51.47 -16.19 14.20
N ASN D 317 52.17 -16.83 15.14
CA ASN D 317 51.97 -16.64 16.58
C ASN D 317 50.56 -16.99 17.03
N SER D 318 49.84 -17.79 16.24
CA SER D 318 48.54 -18.28 16.64
C SER D 318 48.71 -19.56 17.45
N SER D 319 47.68 -19.90 18.24
CA SER D 319 47.69 -21.15 18.98
C SER D 319 47.99 -22.33 18.06
N ALA D 320 47.30 -22.40 16.91
CA ALA D 320 47.49 -23.51 15.99
C ALA D 320 48.90 -23.51 15.41
N ALA D 321 49.44 -22.33 15.09
CA ALA D 321 50.82 -22.26 14.62
C ALA D 321 51.78 -22.68 15.72
N LYS D 322 51.54 -22.23 16.96
CA LYS D 322 52.36 -22.64 18.09
C LYS D 322 52.26 -24.14 18.35
N ALA D 323 51.21 -24.80 17.84
CA ALA D 323 50.98 -26.20 18.10
C ALA D 323 51.69 -27.14 17.12
N GLY D 324 52.17 -26.63 16.01
CA GLY D 324 52.81 -27.44 15.00
C GLY D 324 51.96 -27.77 13.80
N ILE D 325 50.93 -26.98 13.51
CA ILE D 325 50.09 -27.18 12.34
C ILE D 325 50.70 -26.44 11.17
N LYS D 326 50.84 -27.15 10.05
CA LYS D 326 51.36 -26.59 8.81
C LYS D 326 50.28 -26.61 7.73
N ALA D 327 50.51 -25.81 6.70
CA ALA D 327 49.61 -25.82 5.56
C ALA D 327 49.73 -27.13 4.79
N GLY D 328 48.65 -27.51 4.12
CA GLY D 328 48.58 -28.77 3.42
C GLY D 328 48.03 -29.93 4.22
N ASP D 329 47.72 -29.72 5.50
CA ASP D 329 47.18 -30.75 6.35
C ASP D 329 45.68 -30.93 6.12
N VAL D 330 45.18 -32.11 6.48
CA VAL D 330 43.76 -32.44 6.42
C VAL D 330 43.33 -32.82 7.83
N ILE D 331 42.37 -32.07 8.38
CA ILE D 331 41.84 -32.37 9.71
C ILE D 331 40.74 -33.40 9.58
N THR D 332 40.70 -34.35 10.52
CA THR D 332 39.77 -35.46 10.42
C THR D 332 38.91 -35.63 11.67
N SER D 333 39.44 -35.32 12.85
CA SER D 333 38.74 -35.60 14.09
C SER D 333 38.88 -34.44 15.07
N LEU D 334 37.93 -34.37 15.99
CA LEU D 334 37.96 -33.42 17.10
C LEU D 334 37.48 -34.15 18.34
N ASN D 335 38.40 -34.35 19.31
CA ASN D 335 38.13 -35.09 20.54
C ASN D 335 37.80 -36.55 20.26
N GLY D 336 38.43 -37.15 19.25
CA GLY D 336 38.14 -38.49 18.83
C GLY D 336 36.95 -38.62 17.91
N LYS D 337 36.02 -37.68 17.96
CA LYS D 337 34.82 -37.72 17.11
C LYS D 337 35.17 -37.27 15.70
N PRO D 338 34.82 -38.04 14.67
CA PRO D 338 35.05 -37.58 13.30
C PRO D 338 34.29 -36.30 12.99
N ILE D 339 34.76 -35.60 11.97
CA ILE D 339 34.21 -34.30 11.56
C ILE D 339 33.44 -34.48 10.27
N SER D 340 32.24 -33.88 10.20
CA SER D 340 31.39 -34.01 9.02
C SER D 340 31.77 -33.04 7.91
N SER D 341 32.08 -31.78 8.25
CA SER D 341 32.43 -30.80 7.24
C SER D 341 33.15 -29.63 7.91
N PHE D 342 33.88 -28.86 7.08
CA PHE D 342 34.54 -27.67 7.58
C PHE D 342 33.54 -26.67 8.17
N ALA D 343 32.45 -26.41 7.44
CA ALA D 343 31.43 -25.51 7.95
C ALA D 343 30.80 -26.04 9.23
N ALA D 344 30.83 -27.36 9.43
CA ALA D 344 30.39 -27.94 10.69
C ALA D 344 31.48 -27.85 11.75
N LEU D 345 32.73 -28.13 11.36
CA LEU D 345 33.84 -27.96 12.30
C LEU D 345 34.00 -26.51 12.71
N ARG D 346 33.82 -25.59 11.76
CA ARG D 346 33.84 -24.17 12.09
C ARG D 346 32.80 -23.83 13.15
N ALA D 347 31.62 -24.44 13.06
CA ALA D 347 30.58 -24.21 14.05
C ALA D 347 30.95 -24.80 15.41
N GLN D 348 31.76 -25.87 15.42
CA GLN D 348 32.09 -26.54 16.68
C GLN D 348 32.88 -25.61 17.59
N VAL D 349 34.04 -25.13 17.12
CA VAL D 349 34.92 -24.34 17.97
C VAL D 349 34.39 -22.92 18.17
N GLY D 350 33.48 -22.46 17.30
CA GLY D 350 32.93 -21.13 17.43
C GLY D 350 32.07 -20.99 18.67
N THR D 351 31.87 -22.10 19.38
CA THR D 351 31.07 -22.14 20.59
C THR D 351 31.88 -22.40 21.85
N MET D 352 33.06 -23.02 21.72
CA MET D 352 33.85 -23.36 22.90
C MET D 352 34.53 -22.13 23.47
N PRO D 353 34.66 -22.05 24.79
CA PRO D 353 35.32 -20.88 25.41
C PRO D 353 36.82 -20.87 25.13
N VAL D 354 37.41 -19.68 25.28
CA VAL D 354 38.82 -19.49 24.95
C VAL D 354 39.70 -20.38 25.83
N GLY D 355 40.71 -20.99 25.21
CA GLY D 355 41.68 -21.80 25.93
C GLY D 355 41.32 -23.26 26.10
N SER D 356 40.19 -23.71 25.55
CA SER D 356 39.79 -25.11 25.71
C SER D 356 40.81 -26.04 25.06
N LYS D 357 41.33 -26.98 25.83
CA LYS D 357 42.30 -27.95 25.32
C LYS D 357 41.56 -29.09 24.64
N LEU D 358 41.77 -29.23 23.32
CA LEU D 358 41.11 -30.26 22.53
C LEU D 358 42.17 -31.05 21.76
N THR D 359 41.73 -32.15 21.15
CA THR D 359 42.60 -32.99 20.34
C THR D 359 42.14 -32.95 18.89
N LEU D 360 43.10 -32.96 17.97
CA LEU D 360 42.81 -32.87 16.55
C LEU D 360 43.37 -34.08 15.81
N GLY D 361 42.66 -34.48 14.76
CA GLY D 361 43.19 -35.51 13.87
C GLY D 361 43.68 -34.90 12.57
N LEU D 362 44.98 -35.02 12.29
CA LEU D 362 45.58 -34.44 11.10
C LEU D 362 45.93 -35.53 10.09
N LEU D 363 46.22 -35.10 8.86
CA LEU D 363 46.65 -36.04 7.82
C LEU D 363 47.56 -35.27 6.87
N ARG D 364 48.87 -35.49 7.01
CA ARG D 364 49.87 -34.92 6.11
C ARG D 364 50.74 -36.07 5.61
N ASP D 365 50.81 -36.22 4.28
CA ASP D 365 51.54 -37.31 3.64
C ASP D 365 51.02 -38.67 4.08
N GLY D 366 49.70 -38.78 4.22
CA GLY D 366 49.08 -40.03 4.62
C GLY D 366 49.42 -40.51 6.01
N LYS D 367 49.89 -39.63 6.89
CA LYS D 367 50.25 -39.99 8.25
C LYS D 367 49.43 -39.15 9.24
N GLN D 368 48.90 -39.81 10.26
CA GLN D 368 48.04 -39.16 11.23
C GLN D 368 48.87 -38.47 12.31
N VAL D 369 48.57 -37.20 12.58
CA VAL D 369 49.23 -36.43 13.63
C VAL D 369 48.13 -35.86 14.53
N ASN D 370 48.35 -35.93 15.85
CA ASN D 370 47.42 -35.42 16.83
C ASN D 370 48.08 -34.32 17.63
N VAL D 371 47.32 -33.26 17.93
CA VAL D 371 47.85 -32.10 18.63
C VAL D 371 46.80 -31.56 19.59
N ASN D 372 47.25 -31.12 20.77
CA ASN D 372 46.41 -30.44 21.72
C ASN D 372 46.59 -28.93 21.57
N LEU D 373 45.50 -28.20 21.72
CA LEU D 373 45.50 -26.78 21.38
C LEU D 373 44.85 -25.96 22.48
N GLU D 374 44.93 -24.64 22.33
CA GLU D 374 44.49 -23.70 23.35
C GLU D 374 44.15 -22.38 22.67
N LEU D 375 42.86 -22.07 22.57
CA LEU D 375 42.41 -20.89 21.83
C LEU D 375 43.11 -19.62 22.33
N GLN D 376 43.34 -18.70 21.40
CA GLN D 376 43.84 -17.37 21.70
C GLN D 376 42.71 -16.35 21.52
N GLN D 377 42.89 -15.19 22.13
CA GLN D 377 41.87 -14.15 22.01
C GLN D 377 41.83 -13.60 20.59
N SER D 378 40.80 -12.79 20.33
CA SER D 378 40.59 -12.21 19.01
C SER D 378 39.70 -10.97 19.08
N VAL D 383 38.56 -4.92 13.69
CA VAL D 383 37.54 -4.05 14.29
C VAL D 383 36.83 -3.24 13.21
N ASP D 384 35.50 -3.15 13.30
CA ASP D 384 34.69 -2.41 12.34
C ASP D 384 34.11 -1.16 12.99
N SER D 385 33.69 -0.22 12.14
CA SER D 385 32.97 0.94 12.65
C SER D 385 31.57 0.56 13.14
N SER D 386 30.93 -0.41 12.49
CA SER D 386 29.59 -0.86 12.87
C SER D 386 29.58 -1.64 14.18
N SER D 387 30.74 -1.99 14.73
CA SER D 387 30.81 -2.62 16.04
C SER D 387 30.59 -1.63 17.18
N ILE D 388 30.64 -0.33 16.88
CA ILE D 388 30.52 0.73 17.87
C ILE D 388 29.51 1.77 17.38
N PHE D 389 28.74 1.41 16.34
CA PHE D 389 27.84 2.35 15.67
C PHE D 389 26.39 1.88 15.61
N ASN D 390 26.17 0.65 15.10
CA ASN D 390 24.85 0.12 14.80
C ASN D 390 24.17 0.89 13.67
N GLY D 391 24.63 0.67 12.44
CA GLY D 391 24.00 1.29 11.28
C GLY D 391 24.99 1.86 10.27
N ILE D 392 26.19 2.20 10.73
CA ILE D 392 27.19 2.85 9.91
C ILE D 392 28.41 1.93 9.85
N GLU D 393 28.66 1.34 8.68
CA GLU D 393 29.77 0.42 8.48
C GLU D 393 30.71 0.98 7.40
N GLY D 394 31.74 0.20 7.10
CA GLY D 394 32.62 0.50 5.98
C GLY D 394 33.82 1.37 6.28
N ALA D 395 34.25 1.44 7.53
CA ALA D 395 35.45 2.19 7.90
C ALA D 395 36.18 1.44 8.99
N GLU D 396 37.42 1.06 8.72
CA GLU D 396 38.23 0.33 9.69
C GLU D 396 38.93 1.32 10.61
N MET D 397 38.81 1.11 11.92
CA MET D 397 39.28 2.07 12.90
C MET D 397 39.79 1.35 14.13
N SER D 398 40.58 2.06 14.92
CA SER D 398 41.13 1.54 16.17
C SER D 398 41.64 2.72 16.99
N ASN D 399 42.34 2.41 18.08
CA ASN D 399 42.99 3.43 18.90
C ASN D 399 44.38 3.73 18.38
N LYS D 400 44.86 4.94 18.68
CA LYS D 400 46.17 5.40 18.23
C LYS D 400 47.12 5.44 19.42
N GLY D 401 48.27 4.78 19.27
CA GLY D 401 49.35 4.81 20.25
C GLY D 401 48.94 4.60 21.69
N LYS D 402 49.24 5.58 22.53
CA LYS D 402 48.85 5.57 23.95
C LYS D 402 48.02 6.82 24.21
N ASP D 403 46.70 6.66 24.15
CA ASP D 403 45.76 7.75 24.43
C ASP D 403 45.93 8.89 23.42
N GLN D 404 46.05 8.52 22.14
CA GLN D 404 46.26 9.49 21.07
C GLN D 404 45.05 9.61 20.14
N GLY D 405 43.90 9.07 20.54
CA GLY D 405 42.67 9.21 19.77
C GLY D 405 42.26 7.93 19.08
N VAL D 406 41.23 8.06 18.24
CA VAL D 406 40.68 6.94 17.47
C VAL D 406 41.08 7.16 16.02
N VAL D 407 42.10 6.42 15.57
CA VAL D 407 42.61 6.55 14.21
C VAL D 407 41.80 5.66 13.29
N VAL D 408 41.67 6.08 12.04
CA VAL D 408 40.92 5.35 11.02
C VAL D 408 41.92 4.56 10.18
N ASN D 409 41.77 3.24 10.16
CA ASN D 409 42.69 2.37 9.43
C ASN D 409 42.46 2.45 7.92
N ASN D 410 41.26 2.07 7.47
CA ASN D 410 40.95 2.05 6.06
C ASN D 410 39.45 2.28 5.88
N VAL D 411 39.10 2.98 4.80
CA VAL D 411 37.70 3.23 4.45
C VAL D 411 37.49 2.82 3.00
N LYS D 412 36.33 2.23 2.71
CA LYS D 412 35.90 1.92 1.36
C LYS D 412 34.99 3.02 0.85
N THR D 413 35.24 3.50 -0.36
CA THR D 413 34.48 4.61 -0.94
C THR D 413 33.09 4.14 -1.30
N GLY D 414 32.08 4.59 -0.54
CA GLY D 414 30.70 4.28 -0.84
C GLY D 414 29.95 3.60 0.29
N THR D 415 30.44 3.76 1.51
CA THR D 415 29.88 3.13 2.70
C THR D 415 29.17 4.16 3.59
N PRO D 416 28.35 3.71 4.54
CA PRO D 416 27.71 4.66 5.46
C PRO D 416 28.68 5.56 6.20
N ALA D 417 29.93 5.15 6.37
CA ALA D 417 30.94 6.05 6.92
C ALA D 417 31.49 6.98 5.85
N ALA D 418 31.71 6.47 4.63
CA ALA D 418 32.12 7.32 3.52
C ALA D 418 30.97 8.19 3.03
N GLN D 419 29.73 7.83 3.34
CA GLN D 419 28.60 8.71 3.07
C GLN D 419 28.58 9.93 3.98
N ILE D 420 29.35 9.92 5.06
CA ILE D 420 29.51 11.04 5.97
C ILE D 420 30.93 11.61 5.95
N GLY D 421 31.75 11.19 4.99
CA GLY D 421 32.99 11.89 4.70
C GLY D 421 34.25 11.29 5.28
N LEU D 422 34.17 10.19 6.03
CA LEU D 422 35.36 9.60 6.62
C LEU D 422 36.35 9.15 5.56
N LYS D 423 37.63 9.42 5.82
CA LYS D 423 38.71 9.02 4.93
C LYS D 423 39.73 8.20 5.72
N LYS D 424 40.57 7.49 4.97
CA LYS D 424 41.61 6.67 5.60
C LYS D 424 42.70 7.56 6.17
N GLY D 425 43.06 7.32 7.43
CA GLY D 425 44.12 8.05 8.09
C GLY D 425 43.66 9.10 9.09
N ASP D 426 42.35 9.36 9.18
CA ASP D 426 41.86 10.35 10.11
C ASP D 426 42.17 9.94 11.54
N VAL D 427 42.27 10.93 12.42
CA VAL D 427 42.61 10.71 13.82
C VAL D 427 41.53 11.41 14.66
N ILE D 428 40.60 10.64 15.21
CA ILE D 428 39.50 11.20 16.00
C ILE D 428 40.06 11.74 17.30
N ILE D 429 40.06 13.07 17.46
CA ILE D 429 40.55 13.67 18.70
C ILE D 429 39.43 13.75 19.73
N GLY D 430 38.22 14.11 19.31
CA GLY D 430 37.14 14.28 20.28
C GLY D 430 35.81 14.47 19.59
N ALA D 431 34.82 14.82 20.40
CA ALA D 431 33.45 15.01 19.91
C ALA D 431 32.65 15.76 20.96
N ASN D 432 31.91 16.77 20.52
CA ASN D 432 30.99 17.55 21.36
C ASN D 432 31.68 18.12 22.60
N GLN D 433 32.83 18.76 22.39
CA GLN D 433 33.59 19.43 23.44
C GLN D 433 34.10 18.45 24.49
N GLN D 434 34.17 17.16 24.17
CA GLN D 434 34.69 16.14 25.07
C GLN D 434 35.88 15.46 24.41
N ALA D 435 36.97 15.32 25.16
CA ALA D 435 38.17 14.69 24.62
C ALA D 435 37.95 13.19 24.43
N VAL D 436 38.59 12.64 23.40
CA VAL D 436 38.50 11.23 23.06
C VAL D 436 39.92 10.70 22.91
N LYS D 437 40.32 9.82 23.82
CA LYS D 437 41.65 9.19 23.77
C LYS D 437 41.62 7.79 23.19
N ASN D 438 40.51 7.09 23.30
CA ASN D 438 40.40 5.71 22.81
C ASN D 438 38.94 5.40 22.53
N ILE D 439 38.68 4.16 22.09
CA ILE D 439 37.33 3.70 21.81
C ILE D 439 36.48 3.69 23.07
N ALA D 440 37.11 3.56 24.25
CA ALA D 440 36.37 3.52 25.50
C ALA D 440 35.83 4.90 25.89
N GLU D 441 36.64 5.96 25.76
CA GLU D 441 36.14 7.30 26.04
C GLU D 441 35.14 7.74 24.99
N LEU D 442 35.27 7.24 23.76
CA LEU D 442 34.26 7.44 22.74
C LEU D 442 32.94 6.80 23.13
N ARG D 443 32.98 5.51 23.48
CA ARG D 443 31.77 4.78 23.85
C ARG D 443 31.14 5.27 25.14
N LYS D 444 31.84 6.11 25.92
CA LYS D 444 31.22 6.76 27.07
C LYS D 444 30.22 7.83 26.66
N VAL D 445 30.39 8.41 25.48
CA VAL D 445 29.52 9.47 24.99
C VAL D 445 28.47 8.95 24.02
N LEU D 446 28.77 7.86 23.31
CA LEU D 446 27.75 7.19 22.48
C LEU D 446 26.58 6.73 23.32
N ASP D 447 26.84 6.34 24.57
CA ASP D 447 25.79 5.95 25.51
C ASP D 447 25.00 7.15 26.00
N SER D 448 25.57 8.35 25.94
CA SER D 448 24.81 9.56 26.27
C SER D 448 23.76 9.86 25.22
N LYS D 449 23.88 9.26 24.03
CA LYS D 449 22.96 9.37 22.88
C LYS D 449 22.46 10.80 22.68
N PRO D 450 23.32 11.72 22.23
CA PRO D 450 22.84 13.06 21.89
C PRO D 450 22.17 13.09 20.53
N SER D 451 21.40 14.16 20.30
CA SER D 451 20.63 14.28 19.07
C SER D 451 21.54 14.49 17.86
N VAL D 452 22.61 15.26 18.01
CA VAL D 452 23.54 15.55 16.93
C VAL D 452 24.96 15.41 17.47
N LEU D 453 25.85 14.87 16.64
CA LEU D 453 27.22 14.57 17.04
C LEU D 453 28.19 15.38 16.18
N ALA D 454 29.29 15.82 16.80
CA ALA D 454 30.31 16.64 16.12
C ALA D 454 31.68 16.08 16.46
N LEU D 455 32.23 15.25 15.57
CA LEU D 455 33.55 14.68 15.77
C LEU D 455 34.63 15.71 15.51
N ASN D 456 35.61 15.79 16.40
CA ASN D 456 36.76 16.67 16.21
C ASN D 456 37.97 15.85 15.79
N ILE D 457 37.95 15.41 14.53
CA ILE D 457 39.03 14.58 14.00
C ILE D 457 40.09 15.47 13.37
N GLN D 458 41.17 14.85 12.88
CA GLN D 458 42.25 15.59 12.22
C GLN D 458 42.81 14.75 11.08
N ARG D 459 42.88 15.35 9.90
CA ARG D 459 43.46 14.72 8.72
C ARG D 459 44.75 15.45 8.37
N GLY D 460 45.88 14.81 8.64
CA GLY D 460 47.16 15.47 8.44
C GLY D 460 47.28 16.66 9.38
N ASP D 461 47.85 17.75 8.86
CA ASP D 461 48.02 18.97 9.63
C ASP D 461 46.71 19.73 9.85
N SER D 462 45.60 19.22 9.31
CA SER D 462 44.32 19.90 9.39
C SER D 462 43.51 19.42 10.59
N THR D 463 42.61 20.28 11.06
CA THR D 463 41.63 19.94 12.09
C THR D 463 40.24 20.19 11.50
N ILE D 464 39.47 19.12 11.32
CA ILE D 464 38.17 19.18 10.68
C ILE D 464 37.13 18.58 11.62
N TYR D 465 35.86 18.69 11.22
CA TYR D 465 34.72 18.22 11.98
C TYR D 465 33.83 17.35 11.12
N LEU D 466 33.16 16.39 11.75
CA LEU D 466 32.18 15.53 11.10
C LEU D 466 30.91 15.51 11.93
N LEU D 467 29.76 15.53 11.24
CA LEU D 467 28.46 15.57 11.90
C LEU D 467 27.67 14.31 11.62
N MET D 468 26.78 13.97 12.55
CA MET D 468 25.98 12.76 12.45
C MET D 468 24.59 13.02 13.01
N GLN D 469 23.62 12.23 12.53
CA GLN D 469 22.24 12.25 13.03
C GLN D 469 21.61 13.65 12.89
N GLN E 32 12.32 -60.99 12.60
CA GLN E 32 10.91 -60.70 12.77
C GLN E 32 10.71 -59.21 13.05
N MET E 33 9.96 -58.52 12.19
CA MET E 33 9.86 -57.06 12.15
C MET E 33 8.56 -56.56 12.76
N PRO E 34 8.61 -55.53 13.60
CA PRO E 34 7.38 -54.88 14.06
C PRO E 34 6.66 -54.20 12.90
N SER E 35 5.36 -54.38 12.85
CA SER E 35 4.57 -53.81 11.78
C SER E 35 3.16 -53.52 12.27
N LEU E 36 2.48 -52.64 11.56
CA LEU E 36 1.09 -52.30 11.84
C LEU E 36 0.12 -53.00 10.92
N ALA E 37 0.63 -53.67 9.88
CA ALA E 37 -0.21 -54.46 8.98
C ALA E 37 -1.11 -55.48 9.68
N PRO E 38 -0.66 -56.22 10.71
CA PRO E 38 -1.57 -57.19 11.35
C PRO E 38 -2.84 -56.55 11.90
N MET E 39 -2.73 -55.38 12.52
CA MET E 39 -3.90 -54.70 13.04
C MET E 39 -4.74 -54.09 11.92
N LEU E 40 -4.07 -53.59 10.87
CA LEU E 40 -4.79 -52.82 9.85
C LEU E 40 -5.67 -53.72 8.99
N GLU E 41 -5.21 -54.93 8.67
CA GLU E 41 -6.07 -55.85 7.91
C GLU E 41 -7.36 -56.18 8.65
N LYS E 42 -7.40 -55.94 9.97
CA LYS E 42 -8.62 -56.16 10.74
C LYS E 42 -9.58 -54.98 10.64
N VAL E 43 -9.05 -53.76 10.69
CA VAL E 43 -9.86 -52.57 10.93
C VAL E 43 -10.20 -51.86 9.63
N MET E 44 -9.27 -51.90 8.66
CA MET E 44 -9.44 -51.15 7.42
C MET E 44 -10.79 -51.35 6.73
N PRO E 45 -11.36 -52.55 6.61
CA PRO E 45 -12.72 -52.64 6.05
C PRO E 45 -13.74 -51.79 6.78
N SER E 46 -13.55 -51.54 8.07
CA SER E 46 -14.47 -50.69 8.82
C SER E 46 -14.36 -49.22 8.42
N VAL E 47 -13.32 -48.81 7.71
CA VAL E 47 -13.20 -47.45 7.21
C VAL E 47 -13.67 -47.43 5.76
N VAL E 48 -14.54 -46.48 5.44
CA VAL E 48 -15.15 -46.36 4.13
C VAL E 48 -14.86 -44.97 3.57
N SER E 49 -15.10 -44.82 2.27
CA SER E 49 -15.07 -43.52 1.61
C SER E 49 -16.48 -43.17 1.15
N ILE E 50 -16.75 -41.88 1.07
CA ILE E 50 -18.11 -41.37 0.83
C ILE E 50 -18.12 -40.51 -0.42
N ASN E 51 -18.95 -40.89 -1.39
CA ASN E 51 -19.19 -40.11 -2.59
C ASN E 51 -20.59 -39.50 -2.50
N VAL E 52 -20.68 -38.18 -2.66
CA VAL E 52 -21.94 -37.47 -2.48
C VAL E 52 -22.12 -36.44 -3.58
N GLU E 53 -23.35 -36.34 -4.10
CA GLU E 53 -23.72 -35.34 -5.09
C GLU E 53 -24.91 -34.53 -4.57
N GLY E 54 -24.85 -33.22 -4.74
CA GLY E 54 -25.90 -32.35 -4.26
C GLY E 54 -25.91 -31.03 -5.02
N SER E 55 -26.45 -30.00 -4.37
CA SER E 55 -26.53 -28.67 -4.96
C SER E 55 -26.91 -27.67 -3.87
N THR E 56 -27.01 -26.40 -4.26
CA THR E 56 -27.47 -25.34 -3.36
C THR E 56 -27.99 -24.13 -4.13
N GLN E 103 -27.05 -24.15 -8.61
CA GLN E 103 -25.61 -24.25 -8.37
C GLN E 103 -25.25 -25.63 -7.82
N LYS E 104 -24.94 -26.56 -8.73
CA LYS E 104 -24.64 -27.94 -8.36
C LYS E 104 -23.15 -28.13 -8.15
N PHE E 105 -22.81 -28.91 -7.12
CA PHE E 105 -21.43 -29.17 -6.74
C PHE E 105 -21.27 -30.65 -6.38
N MET E 106 -20.02 -31.09 -6.27
CA MET E 106 -19.69 -32.45 -5.90
C MET E 106 -18.46 -32.46 -5.00
N ALA E 107 -18.50 -33.28 -3.95
CA ALA E 107 -17.41 -33.39 -3.00
C ALA E 107 -17.42 -34.79 -2.41
N LEU E 108 -16.41 -35.08 -1.58
CA LEU E 108 -16.21 -36.43 -1.07
C LEU E 108 -15.46 -36.40 0.25
N GLY E 109 -15.76 -37.38 1.11
CA GLY E 109 -15.13 -37.49 2.41
C GLY E 109 -14.93 -38.94 2.82
N SER E 110 -14.83 -39.20 4.12
CA SER E 110 -14.65 -40.54 4.65
C SER E 110 -15.63 -40.79 5.79
N GLY E 111 -15.71 -42.05 6.22
CA GLY E 111 -16.64 -42.46 7.26
C GLY E 111 -16.22 -43.77 7.87
N VAL E 112 -16.74 -44.03 9.07
CA VAL E 112 -16.37 -45.18 9.88
C VAL E 112 -17.63 -45.97 10.22
N ILE E 113 -17.59 -47.28 9.95
CA ILE E 113 -18.71 -48.15 10.27
C ILE E 113 -18.85 -48.25 11.79
N ILE E 114 -20.00 -47.81 12.30
CA ILE E 114 -20.25 -47.83 13.74
C ILE E 114 -20.99 -49.09 14.16
N ASP E 115 -22.08 -49.40 13.47
CA ASP E 115 -22.87 -50.60 13.71
C ASP E 115 -22.87 -51.41 12.43
N ALA E 116 -22.12 -52.52 12.42
CA ALA E 116 -21.97 -53.31 11.20
C ALA E 116 -23.30 -53.90 10.75
N ASP E 117 -24.18 -54.21 11.70
CA ASP E 117 -25.46 -54.82 11.35
C ASP E 117 -26.43 -53.80 10.77
N LYS E 118 -26.68 -52.70 11.50
CA LYS E 118 -27.62 -51.70 11.03
C LYS E 118 -27.08 -50.86 9.90
N GLY E 119 -25.75 -50.75 9.78
CA GLY E 119 -25.14 -49.99 8.72
C GLY E 119 -24.87 -48.54 9.10
N TYR E 120 -24.55 -48.30 10.36
CA TYR E 120 -24.34 -46.94 10.86
C TYR E 120 -22.90 -46.51 10.57
N VAL E 121 -22.75 -45.38 9.88
CA VAL E 121 -21.46 -44.82 9.53
C VAL E 121 -21.42 -43.39 10.03
N VAL E 122 -20.40 -43.07 10.82
CA VAL E 122 -20.21 -41.71 11.33
C VAL E 122 -19.34 -40.94 10.34
N THR E 123 -19.56 -39.64 10.25
CA THR E 123 -18.75 -38.74 9.45
C THR E 123 -18.92 -37.34 10.01
N ASN E 124 -18.34 -36.36 9.33
CA ASN E 124 -18.46 -34.97 9.76
C ASN E 124 -19.71 -34.35 9.15
N ASN E 125 -20.38 -33.50 9.92
CA ASN E 125 -21.61 -32.90 9.43
C ASN E 125 -21.35 -32.02 8.21
N HIS E 126 -20.21 -31.32 8.19
CA HIS E 126 -19.83 -30.53 7.04
C HIS E 126 -19.51 -31.39 5.81
N VAL E 127 -19.49 -32.71 5.96
CA VAL E 127 -19.38 -33.61 4.82
C VAL E 127 -20.75 -33.92 4.22
N VAL E 128 -21.82 -33.86 5.02
CA VAL E 128 -23.16 -34.23 4.59
C VAL E 128 -24.12 -33.05 4.60
N ASP E 129 -23.59 -31.84 4.77
CA ASP E 129 -24.42 -30.63 4.72
C ASP E 129 -24.92 -30.40 3.30
N ASN E 130 -26.23 -30.20 3.16
CA ASN E 130 -26.88 -29.95 1.87
C ASN E 130 -26.61 -31.09 0.89
N ALA E 131 -27.01 -32.29 1.29
CA ALA E 131 -26.69 -33.51 0.55
C ALA E 131 -27.97 -34.15 0.02
N THR E 132 -27.99 -34.43 -1.28
CA THR E 132 -29.13 -35.07 -1.93
C THR E 132 -28.95 -36.59 -2.04
N VAL E 133 -27.80 -37.03 -2.55
CA VAL E 133 -27.52 -38.44 -2.80
C VAL E 133 -26.26 -38.82 -2.03
N ILE E 134 -26.30 -39.98 -1.36
CA ILE E 134 -25.20 -40.44 -0.53
C ILE E 134 -24.76 -41.82 -1.02
N LYS E 135 -23.53 -41.90 -1.53
CA LYS E 135 -22.95 -43.15 -1.99
C LYS E 135 -21.68 -43.44 -1.21
N VAL E 136 -21.52 -44.69 -0.77
CA VAL E 136 -20.36 -45.12 -0.01
C VAL E 136 -19.68 -46.25 -0.76
N GLN E 137 -18.35 -46.24 -0.76
CA GLN E 137 -17.54 -47.30 -1.36
C GLN E 137 -16.69 -47.93 -0.28
N LEU E 138 -16.86 -49.24 -0.07
CA LEU E 138 -16.11 -49.95 0.95
C LEU E 138 -14.64 -50.06 0.55
N SER E 139 -13.83 -50.64 1.45
CA SER E 139 -12.43 -50.91 1.12
C SER E 139 -12.31 -51.87 -0.05
N ASP E 140 -13.23 -52.82 -0.17
CA ASP E 140 -13.20 -53.84 -1.21
C ASP E 140 -13.85 -53.40 -2.52
N GLY E 141 -14.31 -52.15 -2.61
CA GLY E 141 -14.90 -51.65 -3.83
C GLY E 141 -16.40 -51.80 -3.93
N ARG E 142 -17.04 -52.50 -2.99
CA ARG E 142 -18.50 -52.63 -3.00
C ARG E 142 -19.17 -51.27 -2.81
N LYS E 143 -20.19 -51.02 -3.62
CA LYS E 143 -20.97 -49.79 -3.52
C LYS E 143 -22.31 -50.06 -2.86
N PHE E 144 -22.77 -49.10 -2.06
CA PHE E 144 -24.08 -49.16 -1.44
C PHE E 144 -24.67 -47.76 -1.44
N ASP E 145 -25.89 -47.64 -0.93
CA ASP E 145 -26.58 -46.37 -0.79
C ASP E 145 -26.86 -46.11 0.68
N ALA E 146 -26.86 -44.83 1.06
CA ALA E 146 -27.03 -44.45 2.45
C ALA E 146 -27.96 -43.26 2.57
N LYS E 147 -28.62 -43.15 3.72
CA LYS E 147 -29.55 -42.08 4.02
C LYS E 147 -29.12 -41.37 5.29
N MET E 148 -29.45 -40.07 5.35
CA MET E 148 -29.12 -39.28 6.53
C MET E 148 -29.82 -39.82 7.76
N VAL E 149 -29.16 -39.74 8.90
CA VAL E 149 -29.73 -40.11 10.19
C VAL E 149 -29.72 -38.93 11.16
N GLY E 150 -28.56 -38.32 11.36
CA GLY E 150 -28.45 -37.15 12.22
C GLY E 150 -27.37 -36.23 11.73
N LYS E 151 -27.38 -35.01 12.25
CA LYS E 151 -26.40 -34.01 11.89
C LYS E 151 -26.30 -33.00 13.04
N ASP E 152 -25.09 -32.51 13.29
CA ASP E 152 -24.83 -31.62 14.42
C ASP E 152 -23.72 -30.66 14.05
N PRO E 153 -24.05 -29.52 13.44
CA PRO E 153 -22.99 -28.58 13.03
C PRO E 153 -22.22 -27.99 14.19
N ARG E 154 -22.75 -28.08 15.42
CA ARG E 154 -22.04 -27.53 16.57
C ARG E 154 -20.81 -28.36 16.91
N SER E 155 -20.87 -29.67 16.69
CA SER E 155 -19.76 -30.57 16.94
C SER E 155 -19.21 -31.19 15.67
N ASP E 156 -19.85 -30.95 14.52
CA ASP E 156 -19.37 -31.44 13.22
C ASP E 156 -19.32 -32.96 13.18
N ILE E 157 -20.32 -33.60 13.77
CA ILE E 157 -20.48 -35.05 13.76
C ILE E 157 -21.81 -35.39 13.10
N ALA E 158 -21.76 -36.23 12.08
CA ALA E 158 -22.95 -36.69 11.38
C ALA E 158 -22.99 -38.21 11.41
N LEU E 159 -24.20 -38.76 11.37
CA LEU E 159 -24.40 -40.20 11.32
C LEU E 159 -25.31 -40.53 10.14
N ILE E 160 -24.93 -41.53 9.35
CA ILE E 160 -25.72 -42.01 8.23
C ILE E 160 -25.93 -43.51 8.42
N GLN E 161 -26.88 -44.05 7.66
CA GLN E 161 -27.16 -45.48 7.72
C GLN E 161 -27.20 -46.06 6.31
N ILE E 162 -26.54 -47.21 6.13
CA ILE E 162 -26.44 -47.84 4.84
C ILE E 162 -27.75 -48.50 4.47
N GLN E 163 -28.18 -48.32 3.22
CA GLN E 163 -29.33 -49.03 2.70
C GLN E 163 -28.89 -50.41 2.21
N ASN E 164 -29.64 -51.45 2.61
CA ASN E 164 -29.30 -52.85 2.36
C ASN E 164 -27.92 -53.19 2.90
N PRO E 165 -27.72 -53.15 4.22
CA PRO E 165 -26.40 -53.50 4.78
C PRO E 165 -26.15 -55.00 4.63
N LYS E 166 -25.07 -55.34 3.94
CA LYS E 166 -24.73 -56.73 3.64
C LYS E 166 -23.24 -56.91 3.81
N ASN E 167 -22.83 -57.68 4.82
CA ASN E 167 -21.46 -58.14 5.01
C ASN E 167 -20.52 -56.96 5.31
N LEU E 168 -20.62 -56.47 6.53
CA LEU E 168 -19.83 -55.35 7.00
C LEU E 168 -18.99 -55.77 8.18
N THR E 169 -18.05 -54.90 8.55
CA THR E 169 -17.16 -55.11 9.68
C THR E 169 -17.15 -53.85 10.51
N ALA E 170 -17.57 -53.96 11.77
CA ALA E 170 -17.61 -52.82 12.67
C ALA E 170 -16.23 -52.59 13.28
N ILE E 171 -16.07 -51.41 13.87
CA ILE E 171 -14.82 -51.01 14.50
C ILE E 171 -15.03 -50.95 16.01
N LYS E 172 -13.98 -51.29 16.74
CA LYS E 172 -13.96 -51.18 18.19
C LYS E 172 -13.69 -49.74 18.58
N MET E 173 -14.35 -49.28 19.63
CA MET E 173 -14.12 -47.94 20.17
C MET E 173 -13.35 -48.02 21.48
N ALA E 174 -12.53 -47.01 21.72
CA ALA E 174 -11.74 -46.90 22.94
C ALA E 174 -12.24 -45.72 23.77
N ASP E 175 -11.72 -45.62 24.98
CA ASP E 175 -12.10 -44.57 25.93
C ASP E 175 -11.10 -43.43 25.79
N SER E 176 -11.52 -42.35 25.12
CA SER E 176 -10.61 -41.25 24.82
C SER E 176 -10.20 -40.47 26.07
N ASP E 177 -10.98 -40.57 27.16
CA ASP E 177 -10.60 -39.89 28.40
C ASP E 177 -9.37 -40.49 29.05
N ALA E 178 -8.90 -41.64 28.58
CA ALA E 178 -7.65 -42.23 29.04
C ALA E 178 -6.49 -41.94 28.10
N LEU E 179 -6.72 -41.19 27.02
CA LEU E 179 -5.66 -40.88 26.08
C LEU E 179 -4.59 -40.01 26.73
N ARG E 180 -3.36 -40.20 26.29
CA ARG E 180 -2.21 -39.46 26.81
C ARG E 180 -1.36 -38.95 25.65
N VAL E 181 -0.87 -37.72 25.78
CA VAL E 181 0.03 -37.19 24.76
C VAL E 181 1.31 -38.02 24.77
N GLY E 182 1.67 -38.54 23.61
CA GLY E 182 2.77 -39.47 23.46
C GLY E 182 2.35 -40.83 22.91
N ASP E 183 1.07 -41.17 23.00
CA ASP E 183 0.59 -42.41 22.41
C ASP E 183 0.66 -42.34 20.90
N TYR E 184 0.89 -43.49 20.28
CA TYR E 184 0.96 -43.58 18.83
C TYR E 184 -0.44 -43.61 18.23
N THR E 185 -0.61 -42.94 17.08
CA THR E 185 -1.90 -42.88 16.41
C THR E 185 -1.76 -43.26 14.95
N VAL E 186 -2.84 -43.84 14.42
CA VAL E 186 -2.93 -44.23 13.01
C VAL E 186 -4.18 -43.59 12.42
N ALA E 187 -3.99 -42.80 11.37
CA ALA E 187 -5.10 -42.12 10.70
C ALA E 187 -5.47 -42.88 9.44
N ILE E 188 -6.78 -43.10 9.25
CA ILE E 188 -7.30 -43.83 8.10
C ILE E 188 -8.39 -42.98 7.47
N GLY E 189 -8.24 -42.68 6.19
CA GLY E 189 -9.24 -41.95 5.46
C GLY E 189 -9.06 -42.13 3.97
N ASN E 190 -9.68 -41.24 3.19
CA ASN E 190 -9.53 -41.22 1.74
C ASN E 190 -9.06 -39.85 1.30
N PRO E 191 -7.78 -39.52 1.50
CA PRO E 191 -7.25 -38.24 1.00
C PRO E 191 -7.25 -38.20 -0.52
N PHE E 192 -7.84 -37.13 -1.07
CA PHE E 192 -7.90 -36.87 -2.51
C PHE E 192 -8.64 -37.96 -3.29
N GLY E 193 -9.56 -38.67 -2.65
CA GLY E 193 -10.31 -39.72 -3.32
C GLY E 193 -9.50 -40.88 -3.83
N LEU E 194 -8.21 -40.98 -3.47
CA LEU E 194 -7.36 -42.05 -3.96
C LEU E 194 -7.80 -43.41 -3.47
N GLY E 195 -8.61 -43.47 -2.42
CA GLY E 195 -8.95 -44.69 -1.73
C GLY E 195 -8.50 -44.63 -0.28
N GLU E 196 -8.74 -45.74 0.41
CA GLU E 196 -8.35 -45.84 1.80
C GLU E 196 -6.84 -45.67 1.96
N THR E 197 -6.42 -44.57 2.58
CA THR E 197 -5.00 -44.28 2.79
C THR E 197 -4.70 -44.26 4.27
N VAL E 198 -3.59 -44.89 4.65
CA VAL E 198 -3.18 -45.06 6.04
C VAL E 198 -1.99 -44.16 6.31
N THR E 199 -2.06 -43.41 7.40
CA THR E 199 -0.94 -42.60 7.87
C THR E 199 -0.77 -42.83 9.37
N SER E 200 0.41 -42.49 9.86
CA SER E 200 0.79 -42.73 11.25
C SER E 200 1.13 -41.40 11.92
N GLY E 201 1.26 -41.46 13.23
CA GLY E 201 1.64 -40.28 13.97
C GLY E 201 1.63 -40.54 15.46
N ILE E 202 1.52 -39.47 16.23
CA ILE E 202 1.39 -39.52 17.68
C ILE E 202 0.37 -38.47 18.11
N VAL E 203 -0.08 -38.58 19.36
CA VAL E 203 -0.96 -37.58 19.94
C VAL E 203 -0.13 -36.31 20.16
N SER E 204 -0.40 -35.27 19.36
CA SER E 204 0.31 -34.01 19.55
C SER E 204 -0.16 -33.30 20.82
N ALA E 205 -1.47 -33.24 21.02
CA ALA E 205 -2.03 -32.62 22.21
C ALA E 205 -3.50 -33.00 22.31
N LEU E 206 -4.09 -32.68 23.46
CA LEU E 206 -5.49 -32.92 23.74
C LEU E 206 -6.15 -31.60 24.14
N GLY E 207 -7.47 -31.54 23.94
CA GLY E 207 -8.20 -30.35 24.33
C GLY E 207 -7.92 -29.11 23.51
N ARG E 208 -7.25 -29.24 22.37
CA ARG E 208 -7.00 -28.09 21.52
C ARG E 208 -8.30 -27.53 20.96
N SER E 209 -8.39 -26.21 20.94
CA SER E 209 -9.60 -25.53 20.49
C SER E 209 -9.25 -24.07 20.18
N GLY E 210 -10.12 -23.44 19.40
CA GLY E 210 -9.91 -22.04 19.05
C GLY E 210 -10.08 -21.76 17.57
N LEU E 211 -10.32 -22.81 16.78
CA LEU E 211 -10.56 -22.61 15.36
C LEU E 211 -11.89 -21.92 15.10
N ASN E 212 -12.92 -22.26 15.87
CA ASN E 212 -14.23 -21.62 15.76
C ASN E 212 -14.84 -21.59 17.15
N ALA E 213 -14.90 -20.40 17.76
CA ALA E 213 -15.25 -20.27 19.17
C ALA E 213 -16.68 -20.70 19.47
N GLU E 214 -17.55 -20.81 18.46
CA GLU E 214 -18.94 -21.20 18.68
C GLU E 214 -19.15 -22.70 18.70
N ASN E 215 -18.18 -23.48 18.23
CA ASN E 215 -18.33 -24.93 18.16
C ASN E 215 -17.94 -25.59 19.48
N TYR E 216 -18.51 -26.76 19.72
CA TYR E 216 -18.13 -27.60 20.85
C TYR E 216 -16.91 -28.40 20.41
N GLU E 217 -15.72 -27.83 20.64
CA GLU E 217 -14.47 -28.36 20.11
C GLU E 217 -13.54 -28.77 21.25
N ASN E 218 -13.16 -30.04 21.27
CA ASN E 218 -12.23 -30.62 22.21
C ASN E 218 -11.22 -31.46 21.46
N PHE E 219 -10.74 -30.92 20.33
CA PHE E 219 -10.02 -31.70 19.33
C PHE E 219 -8.81 -32.39 19.92
N ILE E 220 -8.42 -33.48 19.26
CA ILE E 220 -7.15 -34.15 19.49
C ILE E 220 -6.21 -33.77 18.37
N GLN E 221 -5.04 -33.26 18.72
CA GLN E 221 -4.05 -32.86 17.74
C GLN E 221 -3.09 -34.03 17.47
N THR E 222 -2.72 -34.19 16.20
CA THR E 222 -1.82 -35.28 15.82
C THR E 222 -0.98 -34.84 14.64
N ASP E 223 0.26 -35.33 14.61
CA ASP E 223 1.13 -35.17 13.45
C ASP E 223 0.84 -36.18 12.35
N ALA E 224 -0.25 -36.95 12.49
CA ALA E 224 -0.65 -37.87 11.44
C ALA E 224 -1.05 -37.09 10.20
N ALA E 225 -0.49 -37.48 9.07
CA ALA E 225 -0.81 -36.81 7.81
C ALA E 225 -2.30 -36.92 7.52
N ILE E 226 -2.96 -35.77 7.43
CA ILE E 226 -4.40 -35.69 7.22
C ILE E 226 -4.67 -34.54 6.27
N ASN E 227 -5.37 -34.83 5.17
CA ASN E 227 -5.69 -33.83 4.16
C ASN E 227 -7.18 -33.88 3.86
N ARG E 228 -7.61 -33.05 2.91
CA ARG E 228 -8.99 -33.07 2.43
C ARG E 228 -9.36 -34.48 2.00
N GLY E 229 -10.44 -35.00 2.59
CA GLY E 229 -10.89 -36.36 2.38
C GLY E 229 -10.77 -37.24 3.60
N ASN E 230 -9.75 -37.02 4.43
CA ASN E 230 -9.66 -37.71 5.71
C ASN E 230 -10.82 -37.38 6.63
N ALA E 231 -11.62 -36.36 6.29
CA ALA E 231 -12.76 -35.98 7.11
C ALA E 231 -13.71 -37.16 7.27
N GLY E 232 -14.22 -37.34 8.48
CA GLY E 232 -14.96 -38.54 8.82
C GLY E 232 -14.13 -39.78 8.95
N GLY E 233 -12.83 -39.72 8.66
CA GLY E 233 -11.96 -40.86 8.81
C GLY E 233 -11.72 -41.20 10.27
N ALA E 234 -10.99 -42.30 10.46
CA ALA E 234 -10.74 -42.82 11.79
C ALA E 234 -9.34 -42.47 12.25
N LEU E 235 -9.23 -42.08 13.51
CA LEU E 235 -7.95 -42.03 14.21
C LEU E 235 -8.00 -43.14 15.24
N VAL E 236 -7.03 -44.05 15.18
CA VAL E 236 -7.06 -45.27 15.98
C VAL E 236 -5.73 -45.44 16.71
N ASN E 237 -5.75 -46.34 17.69
CA ASN E 237 -4.54 -46.74 18.41
C ASN E 237 -3.97 -47.99 17.75
N LEU E 238 -2.96 -48.60 18.38
CA LEU E 238 -2.25 -49.72 17.77
C LEU E 238 -3.01 -51.04 17.86
N ASN E 239 -4.01 -51.14 18.74
CA ASN E 239 -4.82 -52.35 18.84
C ASN E 239 -6.08 -52.29 17.99
N GLY E 240 -6.19 -51.30 17.10
CA GLY E 240 -7.32 -51.19 16.20
C GLY E 240 -8.55 -50.55 16.79
N GLU E 241 -8.43 -49.86 17.92
CA GLU E 241 -9.56 -49.26 18.60
C GLU E 241 -9.69 -47.81 18.19
N LEU E 242 -10.92 -47.40 17.85
CA LEU E 242 -11.15 -46.04 17.38
C LEU E 242 -11.02 -45.06 18.54
N ILE E 243 -10.18 -44.05 18.35
CA ILE E 243 -10.00 -43.01 19.35
C ILE E 243 -10.59 -41.67 18.90
N GLY E 244 -10.69 -41.42 17.60
CA GLY E 244 -11.21 -40.15 17.15
C GLY E 244 -11.59 -40.17 15.68
N ILE E 245 -12.42 -39.22 15.31
CA ILE E 245 -12.85 -39.02 13.93
C ILE E 245 -12.10 -37.81 13.39
N ASN E 246 -11.16 -38.06 12.47
CA ASN E 246 -10.42 -36.98 11.82
C ASN E 246 -11.38 -35.93 11.26
N THR E 247 -11.14 -34.68 11.62
CA THR E 247 -12.08 -33.60 11.33
C THR E 247 -11.45 -32.47 10.51
N ALA E 248 -10.46 -31.76 11.06
CA ALA E 248 -9.91 -30.59 10.38
C ALA E 248 -8.42 -30.48 10.68
N ILE E 249 -7.75 -29.60 9.92
CA ILE E 249 -6.32 -29.40 10.03
C ILE E 249 -6.01 -27.91 10.06
N LEU E 250 -4.77 -27.61 10.42
CA LEU E 250 -4.23 -26.25 10.37
C LEU E 250 -3.21 -26.22 9.24
N ALA E 251 -3.61 -25.68 8.09
CA ALA E 251 -2.73 -25.65 6.93
C ALA E 251 -2.81 -24.30 6.23
N PRO E 252 -1.73 -23.52 6.25
CA PRO E 252 -1.71 -22.25 5.51
C PRO E 252 -1.74 -22.43 4.00
N ASP E 253 -1.55 -23.65 3.50
CA ASP E 253 -1.44 -23.88 2.06
C ASP E 253 -2.42 -24.94 1.55
N GLY E 254 -3.39 -25.37 2.37
CA GLY E 254 -4.27 -26.44 1.94
C GLY E 254 -3.65 -27.80 1.88
N GLY E 255 -2.42 -27.95 2.33
CA GLY E 255 -1.77 -29.25 2.42
C GLY E 255 -1.23 -29.47 3.82
N ASN E 256 -1.35 -30.71 4.29
CA ASN E 256 -1.02 -31.02 5.68
C ASN E 256 0.43 -30.65 6.00
N ILE E 257 0.61 -29.96 7.12
CA ILE E 257 1.93 -29.63 7.66
C ILE E 257 2.17 -30.34 9.00
N GLY E 258 1.46 -31.44 9.27
CA GLY E 258 1.66 -32.17 10.49
C GLY E 258 0.77 -31.75 11.64
N ILE E 259 -0.37 -31.12 11.38
CA ILE E 259 -1.31 -30.70 12.42
C ILE E 259 -2.70 -31.08 11.94
N GLY E 260 -3.23 -32.20 12.45
CA GLY E 260 -4.60 -32.59 12.21
C GLY E 260 -5.41 -32.64 13.49
N PHE E 261 -6.73 -32.52 13.39
CA PHE E 261 -7.60 -32.53 14.55
C PHE E 261 -8.71 -33.55 14.37
N ALA E 262 -9.00 -34.28 15.45
CA ALA E 262 -10.03 -35.31 15.44
C ALA E 262 -10.89 -35.19 16.69
N ILE E 263 -12.15 -35.60 16.56
CA ILE E 263 -13.11 -35.50 17.65
C ILE E 263 -13.04 -36.79 18.46
N PRO E 264 -12.78 -36.73 19.76
CA PRO E 264 -12.54 -37.95 20.53
C PRO E 264 -13.74 -38.88 20.50
N SER E 265 -13.47 -40.16 20.77
CA SER E 265 -14.50 -41.19 20.65
C SER E 265 -15.60 -40.98 21.67
N ASN E 266 -15.23 -40.69 22.93
CA ASN E 266 -16.23 -40.51 23.98
C ASN E 266 -17.25 -39.45 23.62
N MET E 267 -16.80 -38.36 22.99
CA MET E 267 -17.72 -37.38 22.45
C MET E 267 -18.61 -38.01 21.38
N VAL E 268 -18.00 -38.63 20.37
CA VAL E 268 -18.76 -39.23 19.28
C VAL E 268 -19.62 -40.37 19.81
N LYS E 269 -19.14 -41.08 20.84
CA LYS E 269 -19.94 -42.15 21.44
C LYS E 269 -21.26 -41.60 21.96
N ASN E 270 -21.22 -40.48 22.68
CA ASN E 270 -22.43 -39.89 23.25
C ASN E 270 -23.30 -39.27 22.15
N LEU E 271 -22.67 -38.62 21.16
CA LEU E 271 -23.42 -37.95 20.10
C LEU E 271 -24.19 -38.95 19.25
N THR E 272 -23.54 -40.02 18.81
CA THR E 272 -24.21 -41.01 17.96
C THR E 272 -25.38 -41.66 18.69
N SER E 273 -25.16 -42.10 19.93
CA SER E 273 -26.21 -42.76 20.70
C SER E 273 -27.47 -41.91 20.78
N GLN E 274 -27.33 -40.58 20.80
CA GLN E 274 -28.50 -39.72 20.75
C GLN E 274 -29.11 -39.71 19.36
N MET E 275 -28.27 -39.66 18.32
CA MET E 275 -28.77 -39.67 16.96
C MET E 275 -29.42 -41.00 16.58
N VAL E 276 -29.10 -42.08 17.31
CA VAL E 276 -29.71 -43.37 17.02
C VAL E 276 -31.18 -43.37 17.39
N GLU E 277 -31.51 -42.84 18.58
CA GLU E 277 -32.89 -42.88 19.08
C GLU E 277 -33.77 -41.77 18.53
N TYR E 278 -33.24 -40.54 18.46
CA TYR E 278 -34.05 -39.38 18.13
C TYR E 278 -33.74 -38.77 16.77
N GLY E 279 -32.62 -39.14 16.14
CA GLY E 279 -32.18 -38.44 14.94
C GLY E 279 -31.64 -37.05 15.20
N GLN E 280 -31.64 -36.60 16.45
CA GLN E 280 -31.05 -35.34 16.84
C GLN E 280 -30.50 -35.49 18.25
N VAL E 281 -29.75 -34.50 18.70
CA VAL E 281 -29.11 -34.52 20.01
C VAL E 281 -29.92 -33.65 20.96
N LYS E 282 -30.33 -34.22 22.09
CA LYS E 282 -31.06 -33.49 23.13
C LYS E 282 -30.03 -32.72 23.96
N ARG E 283 -29.89 -31.42 23.66
CA ARG E 283 -28.89 -30.58 24.31
C ARG E 283 -29.36 -30.20 25.71
N GLY E 284 -28.70 -30.72 26.72
CA GLY E 284 -28.97 -30.36 28.10
C GLY E 284 -27.90 -29.41 28.62
N GLU E 285 -28.29 -28.55 29.57
CA GLU E 285 -27.36 -27.56 30.10
C GLU E 285 -27.41 -27.57 31.63
N LEU E 286 -26.38 -26.99 32.22
CA LEU E 286 -26.25 -26.86 33.67
C LEU E 286 -26.73 -25.52 34.19
N GLY E 287 -26.68 -24.48 33.35
CA GLY E 287 -27.14 -23.16 33.73
C GLY E 287 -26.09 -22.32 34.44
N ILE E 288 -24.88 -22.28 33.90
CA ILE E 288 -23.79 -21.49 34.47
C ILE E 288 -23.07 -20.73 33.36
N MET E 289 -22.51 -19.58 33.73
CA MET E 289 -21.67 -18.77 32.86
C MET E 289 -20.24 -18.80 33.38
N GLY E 290 -19.29 -18.52 32.49
CA GLY E 290 -17.90 -18.56 32.91
C GLY E 290 -16.97 -18.15 31.79
N THR E 291 -15.68 -18.28 32.09
CA THR E 291 -14.64 -17.91 31.13
C THR E 291 -13.34 -18.59 31.54
N GLU E 292 -12.35 -18.52 30.65
CA GLU E 292 -11.10 -19.24 30.84
C GLU E 292 -10.30 -18.65 31.99
N LEU E 293 -9.60 -19.52 32.71
CA LEU E 293 -8.73 -19.13 33.80
C LEU E 293 -7.30 -19.06 33.29
N ASN E 294 -6.76 -17.86 33.17
CA ASN E 294 -5.35 -17.65 32.91
C ASN E 294 -4.63 -17.29 34.21
N SER E 295 -3.29 -17.33 34.17
CA SER E 295 -2.52 -17.02 35.36
C SER E 295 -2.74 -15.59 35.84
N GLU E 296 -3.17 -14.69 34.95
CA GLU E 296 -3.43 -13.32 35.35
C GLU E 296 -4.65 -13.23 36.26
N LEU E 297 -5.77 -13.83 35.84
CA LEU E 297 -6.96 -13.81 36.67
C LEU E 297 -6.80 -14.70 37.89
N ALA E 298 -6.03 -15.79 37.76
CA ALA E 298 -5.78 -16.67 38.90
C ALA E 298 -5.16 -15.90 40.06
N LYS E 299 -4.21 -15.00 39.75
CA LYS E 299 -3.62 -14.16 40.78
C LYS E 299 -4.65 -13.19 41.37
N ALA E 300 -5.60 -12.74 40.55
CA ALA E 300 -6.57 -11.76 41.02
C ALA E 300 -7.51 -12.34 42.07
N MET E 301 -7.92 -13.59 41.90
CA MET E 301 -8.83 -14.24 42.83
C MET E 301 -8.11 -14.97 43.96
N LYS E 302 -6.78 -14.80 44.09
CA LYS E 302 -5.98 -15.48 45.11
C LYS E 302 -6.21 -16.99 45.08
N VAL E 303 -6.43 -17.52 43.87
CA VAL E 303 -6.66 -18.93 43.65
C VAL E 303 -5.39 -19.54 43.05
N ASP E 304 -5.01 -20.72 43.55
CA ASP E 304 -3.73 -21.29 43.16
C ASP E 304 -3.75 -21.81 41.73
N ALA E 305 -4.83 -22.47 41.32
CA ALA E 305 -4.90 -23.08 39.99
C ALA E 305 -4.75 -22.01 38.91
N GLN E 306 -3.82 -22.25 37.98
CA GLN E 306 -3.57 -21.31 36.90
C GLN E 306 -4.39 -21.60 35.65
N ARG E 307 -5.26 -22.60 35.68
CA ARG E 307 -6.10 -22.89 34.54
C ARG E 307 -7.33 -23.66 35.02
N GLY E 308 -8.41 -23.53 34.26
CA GLY E 308 -9.65 -24.19 34.58
C GLY E 308 -10.83 -23.34 34.20
N ALA E 309 -12.00 -23.74 34.68
CA ALA E 309 -13.24 -23.03 34.45
C ALA E 309 -13.56 -22.15 35.65
N PHE E 310 -13.83 -20.88 35.38
CA PHE E 310 -14.14 -19.90 36.42
C PHE E 310 -15.65 -19.64 36.42
N VAL E 311 -16.25 -19.70 37.61
CA VAL E 311 -17.69 -19.58 37.77
C VAL E 311 -18.05 -18.10 37.80
N SER E 312 -18.73 -17.63 36.75
CA SER E 312 -19.21 -16.26 36.73
C SER E 312 -20.49 -16.09 37.53
N GLN E 313 -21.50 -16.91 37.24
CA GLN E 313 -22.79 -16.83 37.91
C GLN E 313 -23.54 -18.12 37.67
N VAL E 314 -24.50 -18.39 38.55
CA VAL E 314 -25.40 -19.54 38.42
C VAL E 314 -26.80 -19.01 38.13
N LEU E 315 -27.47 -19.62 37.16
CA LEU E 315 -28.83 -19.19 36.84
C LEU E 315 -29.80 -19.74 37.88
N PRO E 316 -30.91 -19.03 38.11
CA PRO E 316 -31.90 -19.52 39.08
C PRO E 316 -32.54 -20.82 38.61
N ASN E 317 -32.89 -21.66 39.59
CA ASN E 317 -33.51 -22.96 39.35
C ASN E 317 -32.66 -23.87 38.47
N SER E 318 -31.34 -23.65 38.46
CA SER E 318 -30.44 -24.48 37.68
C SER E 318 -29.92 -25.63 38.54
N SER E 319 -29.42 -26.67 37.85
CA SER E 319 -28.88 -27.82 38.56
C SER E 319 -27.72 -27.41 39.47
N ALA E 320 -26.89 -26.47 39.01
CA ALA E 320 -25.82 -25.97 39.86
C ALA E 320 -26.37 -25.27 41.09
N ALA E 321 -27.39 -24.43 40.90
CA ALA E 321 -28.04 -23.79 42.04
C ALA E 321 -28.66 -24.84 42.96
N LYS E 322 -29.29 -25.88 42.38
CA LYS E 322 -29.84 -26.96 43.18
C LYS E 322 -28.76 -27.83 43.81
N ALA E 323 -27.54 -27.82 43.25
CA ALA E 323 -26.43 -28.59 43.81
C ALA E 323 -25.65 -27.82 44.86
N GLY E 324 -25.60 -26.49 44.75
CA GLY E 324 -24.91 -25.68 45.74
C GLY E 324 -23.67 -24.99 45.21
N ILE E 325 -23.62 -24.72 43.90
CA ILE E 325 -22.49 -24.05 43.28
C ILE E 325 -22.75 -22.56 43.28
N LYS E 326 -21.77 -21.78 43.73
CA LYS E 326 -21.89 -20.34 43.82
C LYS E 326 -20.85 -19.67 42.92
N ALA E 327 -21.06 -18.38 42.69
CA ALA E 327 -20.08 -17.59 41.94
C ALA E 327 -18.78 -17.47 42.72
N GLY E 328 -17.69 -17.34 41.99
CA GLY E 328 -16.37 -17.30 42.58
C GLY E 328 -15.67 -18.63 42.68
N ASP E 329 -16.31 -19.72 42.25
CA ASP E 329 -15.69 -21.03 42.27
C ASP E 329 -14.88 -21.26 41.00
N VAL E 330 -13.91 -22.16 41.08
CA VAL E 330 -13.05 -22.51 39.96
C VAL E 330 -13.16 -24.02 39.74
N ILE E 331 -13.61 -24.41 38.56
CA ILE E 331 -13.73 -25.83 38.21
C ILE E 331 -12.36 -26.35 37.82
N THR E 332 -11.97 -27.50 38.39
CA THR E 332 -10.67 -28.08 38.15
C THR E 332 -10.71 -29.48 37.53
N SER E 333 -11.76 -30.26 37.80
CA SER E 333 -11.81 -31.64 37.32
C SER E 333 -13.22 -31.99 36.87
N LEU E 334 -13.31 -33.05 36.08
CA LEU E 334 -14.58 -33.62 35.64
C LEU E 334 -14.53 -35.12 35.90
N ASN E 335 -15.30 -35.59 36.90
CA ASN E 335 -15.32 -36.99 37.30
C ASN E 335 -13.95 -37.44 37.79
N GLY E 336 -13.18 -36.54 38.39
CA GLY E 336 -11.81 -36.78 38.76
C GLY E 336 -10.81 -36.49 37.65
N LYS E 337 -11.20 -36.70 36.40
CA LYS E 337 -10.39 -36.35 35.25
C LYS E 337 -10.11 -34.85 35.26
N PRO E 338 -8.85 -34.42 35.29
CA PRO E 338 -8.56 -32.98 35.34
C PRO E 338 -9.17 -32.24 34.15
N ILE E 339 -9.42 -30.96 34.36
CA ILE E 339 -9.98 -30.13 33.30
C ILE E 339 -8.82 -29.46 32.57
N SER E 340 -8.84 -29.55 31.23
CA SER E 340 -7.80 -28.94 30.40
C SER E 340 -8.09 -27.48 30.13
N SER E 341 -9.34 -27.14 29.85
CA SER E 341 -9.75 -25.77 29.67
C SER E 341 -11.26 -25.69 29.82
N PHE E 342 -11.78 -24.46 29.82
CA PHE E 342 -13.22 -24.25 29.75
C PHE E 342 -13.76 -24.69 28.39
N ALA E 343 -12.98 -24.44 27.33
CA ALA E 343 -13.46 -24.74 25.98
C ALA E 343 -13.68 -26.23 25.78
N ALA E 344 -12.81 -27.06 26.37
CA ALA E 344 -13.03 -28.50 26.32
C ALA E 344 -14.20 -28.90 27.21
N LEU E 345 -14.23 -28.38 28.44
CA LEU E 345 -15.31 -28.70 29.37
C LEU E 345 -16.68 -28.36 28.79
N ARG E 346 -16.77 -27.27 28.02
CA ARG E 346 -18.04 -26.93 27.38
C ARG E 346 -18.44 -28.00 26.37
N ALA E 347 -17.47 -28.52 25.61
CA ALA E 347 -17.77 -29.54 24.62
C ALA E 347 -18.05 -30.89 25.27
N GLN E 348 -17.34 -31.20 26.37
CA GLN E 348 -17.55 -32.43 27.12
C GLN E 348 -19.03 -32.65 27.44
N VAL E 349 -19.58 -31.77 28.29
CA VAL E 349 -20.96 -31.92 28.71
C VAL E 349 -21.95 -31.44 27.65
N GLY E 350 -21.52 -30.56 26.74
CA GLY E 350 -22.39 -30.15 25.64
C GLY E 350 -22.77 -31.28 24.71
N THR E 351 -22.17 -32.46 24.88
CA THR E 351 -22.51 -33.64 24.10
C THR E 351 -23.08 -34.77 24.94
N MET E 352 -22.90 -34.75 26.25
CA MET E 352 -23.44 -35.80 27.11
C MET E 352 -24.98 -35.74 27.10
N PRO E 353 -25.64 -36.89 27.07
CA PRO E 353 -27.11 -36.88 27.06
C PRO E 353 -27.68 -36.29 28.34
N VAL E 354 -28.94 -35.86 28.24
CA VAL E 354 -29.60 -35.21 29.37
C VAL E 354 -29.72 -36.18 30.53
N GLY E 355 -29.40 -35.70 31.73
CA GLY E 355 -29.45 -36.50 32.93
C GLY E 355 -28.15 -37.16 33.33
N SER E 356 -27.08 -36.93 32.58
CA SER E 356 -25.81 -37.60 32.84
C SER E 356 -25.26 -37.22 34.21
N LYS E 357 -25.13 -38.21 35.09
CA LYS E 357 -24.60 -37.98 36.43
C LYS E 357 -23.09 -37.91 36.37
N LEU E 358 -22.54 -36.76 36.76
CA LEU E 358 -21.10 -36.55 36.75
C LEU E 358 -20.69 -35.81 38.02
N THR E 359 -19.40 -35.88 38.35
CA THR E 359 -18.84 -35.21 39.51
C THR E 359 -17.82 -34.18 39.06
N LEU E 360 -17.73 -33.07 39.80
CA LEU E 360 -16.84 -31.98 39.46
C LEU E 360 -15.99 -31.59 40.66
N GLY E 361 -14.80 -31.10 40.38
CA GLY E 361 -13.92 -30.57 41.40
C GLY E 361 -13.85 -29.06 41.34
N LEU E 362 -14.22 -28.40 42.42
CA LEU E 362 -14.26 -26.94 42.49
C LEU E 362 -13.22 -26.42 43.47
N LEU E 363 -12.96 -25.12 43.38
CA LEU E 363 -11.95 -24.47 44.21
C LEU E 363 -12.42 -23.06 44.53
N ARG E 364 -13.00 -22.88 45.71
CA ARG E 364 -13.43 -21.58 46.20
C ARG E 364 -12.66 -21.25 47.47
N ASP E 365 -12.04 -20.07 47.49
CA ASP E 365 -11.26 -19.60 48.65
C ASP E 365 -10.13 -20.58 48.99
N GLY E 366 -9.54 -21.19 47.96
CA GLY E 366 -8.44 -22.11 48.18
C GLY E 366 -8.80 -23.38 48.92
N LYS E 367 -10.08 -23.77 48.91
CA LYS E 367 -10.54 -24.98 49.57
C LYS E 367 -11.22 -25.88 48.55
N GLN E 368 -10.79 -27.14 48.51
CA GLN E 368 -11.28 -28.09 47.52
C GLN E 368 -12.67 -28.61 47.90
N VAL E 369 -13.59 -28.62 46.93
CA VAL E 369 -14.94 -29.11 47.14
C VAL E 369 -15.32 -30.00 45.95
N ASN E 370 -16.04 -31.08 46.23
CA ASN E 370 -16.60 -31.94 45.19
C ASN E 370 -18.13 -31.88 45.24
N VAL E 371 -18.75 -31.86 44.07
CA VAL E 371 -20.19 -31.82 43.94
C VAL E 371 -20.62 -32.82 42.86
N ASN E 372 -21.77 -33.45 43.07
CA ASN E 372 -22.35 -34.37 42.11
C ASN E 372 -23.56 -33.72 41.45
N LEU E 373 -23.72 -33.95 40.16
CA LEU E 373 -24.72 -33.21 39.38
C LEU E 373 -25.43 -34.12 38.40
N GLU E 374 -26.55 -33.60 37.89
CA GLU E 374 -27.37 -34.26 36.89
C GLU E 374 -27.85 -33.20 35.91
N LEU E 375 -27.63 -33.45 34.62
CA LEU E 375 -27.98 -32.46 33.60
C LEU E 375 -29.49 -32.27 33.54
N GLN E 376 -29.90 -31.07 33.12
CA GLN E 376 -31.29 -30.73 32.96
C GLN E 376 -31.56 -30.35 31.51
N GLN E 377 -32.85 -30.35 31.16
CA GLN E 377 -33.25 -29.85 29.85
C GLN E 377 -32.98 -28.36 29.75
N SER E 378 -32.71 -27.89 28.52
CA SER E 378 -32.47 -26.49 28.26
C SER E 378 -33.55 -25.80 27.43
N SER E 379 -34.45 -26.56 26.80
CA SER E 379 -35.52 -26.01 25.96
C SER E 379 -34.95 -25.04 24.92
N GLN E 380 -34.10 -25.59 24.05
CA GLN E 380 -33.45 -24.84 22.98
C GLN E 380 -32.60 -23.70 23.54
N SER E 385 -34.65 -25.08 10.89
CA SER E 385 -35.35 -25.48 9.66
C SER E 385 -34.55 -26.52 8.87
N SER E 386 -33.22 -26.41 8.97
CA SER E 386 -32.35 -27.24 8.13
C SER E 386 -32.58 -28.73 8.36
N SER E 387 -32.77 -29.13 9.62
CA SER E 387 -32.91 -30.54 9.95
C SER E 387 -34.13 -31.18 9.32
N ILE E 388 -35.10 -30.37 8.87
CA ILE E 388 -36.38 -30.86 8.40
C ILE E 388 -36.49 -30.77 6.88
N PHE E 389 -36.07 -29.64 6.30
CA PHE E 389 -36.02 -29.55 4.84
C PHE E 389 -34.89 -30.37 4.26
N ASN E 390 -33.79 -30.51 5.00
CA ASN E 390 -32.49 -31.07 4.58
C ASN E 390 -31.79 -30.18 3.55
N GLY E 391 -32.35 -29.01 3.22
CA GLY E 391 -31.76 -28.17 2.19
C GLY E 391 -32.05 -26.68 2.32
N ILE E 392 -32.90 -26.31 3.29
CA ILE E 392 -33.27 -24.92 3.52
C ILE E 392 -32.90 -24.59 4.96
N GLU E 393 -31.84 -23.82 5.14
CA GLU E 393 -31.30 -23.46 6.45
C GLU E 393 -31.61 -21.99 6.75
N GLY E 394 -31.18 -21.55 7.93
CA GLY E 394 -31.33 -20.16 8.32
C GLY E 394 -32.57 -19.84 9.13
N ALA E 395 -33.22 -20.84 9.72
CA ALA E 395 -34.42 -20.61 10.52
C ALA E 395 -34.49 -21.67 11.62
N GLU E 396 -34.38 -21.25 12.87
CA GLU E 396 -34.59 -22.15 13.98
C GLU E 396 -36.08 -22.25 14.26
N MET E 397 -36.61 -23.47 14.30
CA MET E 397 -38.03 -23.66 14.53
C MET E 397 -38.25 -24.85 15.46
N SER E 398 -39.39 -24.82 16.14
CA SER E 398 -39.77 -25.82 17.13
C SER E 398 -41.28 -25.92 17.15
N ASN E 399 -41.79 -26.77 18.04
CA ASN E 399 -43.23 -26.85 18.23
C ASN E 399 -43.72 -25.68 19.08
N LYS E 400 -45.03 -25.48 19.09
CA LYS E 400 -45.65 -24.40 19.83
C LYS E 400 -46.70 -24.98 20.78
N GLY E 401 -46.68 -24.51 22.03
CA GLY E 401 -47.65 -24.88 23.05
C GLY E 401 -48.07 -26.34 23.06
N LYS E 402 -49.37 -26.58 23.00
CA LYS E 402 -49.94 -27.92 22.94
C LYS E 402 -50.69 -28.05 21.61
N ASP E 403 -50.07 -28.73 20.66
CA ASP E 403 -50.64 -28.94 19.32
C ASP E 403 -50.95 -27.61 18.63
N GLN E 404 -50.05 -26.65 18.78
CA GLN E 404 -50.27 -25.29 18.28
C GLN E 404 -49.46 -24.98 17.03
N GLY E 405 -48.95 -25.99 16.34
CA GLY E 405 -48.22 -25.77 15.12
C GLY E 405 -46.72 -25.65 15.30
N VAL E 406 -46.08 -25.19 14.20
CA VAL E 406 -44.63 -25.09 14.14
C VAL E 406 -44.29 -23.62 14.07
N VAL E 407 -43.96 -23.03 15.21
CA VAL E 407 -43.52 -21.64 15.27
C VAL E 407 -42.02 -21.59 14.95
N VAL E 408 -41.62 -20.54 14.24
CA VAL E 408 -40.23 -20.33 13.86
C VAL E 408 -39.60 -19.35 14.84
N ASN E 409 -38.52 -19.77 15.49
CA ASN E 409 -37.92 -18.98 16.56
C ASN E 409 -37.25 -17.72 16.01
N ASN E 410 -36.23 -17.90 15.18
CA ASN E 410 -35.50 -16.76 14.62
C ASN E 410 -35.00 -17.10 13.23
N VAL E 411 -34.81 -16.07 12.42
CA VAL E 411 -34.36 -16.21 11.03
C VAL E 411 -33.11 -15.37 10.83
N LYS E 412 -32.17 -15.90 10.04
CA LYS E 412 -30.96 -15.19 9.65
C LYS E 412 -31.13 -14.57 8.27
N THR E 413 -30.59 -13.37 8.09
CA THR E 413 -30.76 -12.63 6.85
C THR E 413 -29.87 -13.19 5.74
N GLY E 414 -30.45 -13.36 4.56
CA GLY E 414 -29.71 -13.85 3.40
C GLY E 414 -29.58 -15.35 3.29
N THR E 415 -30.37 -16.12 4.03
CA THR E 415 -30.29 -17.58 4.06
C THR E 415 -31.45 -18.19 3.27
N PRO E 416 -31.35 -19.48 2.88
CA PRO E 416 -32.44 -20.10 2.09
C PRO E 416 -33.82 -20.04 2.75
N ALA E 417 -33.92 -19.71 4.04
CA ALA E 417 -35.21 -19.57 4.70
C ALA E 417 -35.83 -18.19 4.47
N ALA E 418 -35.06 -17.12 4.73
CA ALA E 418 -35.55 -15.76 4.52
C ALA E 418 -35.69 -15.41 3.04
N GLN E 419 -35.22 -16.26 2.13
CA GLN E 419 -35.38 -16.03 0.70
C GLN E 419 -36.79 -16.35 0.20
N ILE E 420 -37.62 -16.98 1.03
CA ILE E 420 -39.00 -17.30 0.66
C ILE E 420 -40.01 -16.46 1.41
N GLY E 421 -39.57 -15.59 2.32
CA GLY E 421 -40.43 -14.63 2.98
C GLY E 421 -40.64 -14.89 4.46
N LEU E 422 -40.50 -16.14 4.91
CA LEU E 422 -40.74 -16.48 6.30
C LEU E 422 -39.88 -15.62 7.23
N LYS E 423 -40.47 -15.13 8.31
CA LYS E 423 -39.82 -14.26 9.26
C LYS E 423 -39.91 -14.84 10.66
N LYS E 424 -39.17 -14.23 11.59
CA LYS E 424 -39.25 -14.67 12.98
C LYS E 424 -40.63 -14.37 13.55
N GLY E 425 -41.18 -15.34 14.28
CA GLY E 425 -42.50 -15.23 14.83
C GLY E 425 -43.58 -15.95 14.05
N ASP E 426 -43.29 -16.38 12.83
CA ASP E 426 -44.27 -17.11 12.04
C ASP E 426 -44.58 -18.46 12.68
N VAL E 427 -45.83 -18.88 12.53
CA VAL E 427 -46.33 -20.11 13.14
C VAL E 427 -46.94 -20.95 12.02
N ILE E 428 -46.21 -21.95 11.53
CA ILE E 428 -46.70 -22.81 10.46
C ILE E 428 -47.82 -23.69 11.01
N ILE E 429 -49.05 -23.45 10.56
CA ILE E 429 -50.20 -24.20 11.06
C ILE E 429 -50.51 -25.41 10.16
N GLY E 430 -50.31 -25.30 8.85
CA GLY E 430 -50.66 -26.39 7.96
C GLY E 430 -50.02 -26.18 6.61
N ALA E 431 -50.28 -27.14 5.71
CA ALA E 431 -49.70 -27.11 4.39
C ALA E 431 -50.44 -28.09 3.48
N ASN E 432 -50.83 -27.61 2.30
CA ASN E 432 -51.39 -28.45 1.24
C ASN E 432 -52.62 -29.23 1.71
N GLN E 433 -53.55 -28.51 2.32
CA GLN E 433 -54.84 -29.04 2.76
C GLN E 433 -54.71 -30.09 3.85
N GLN E 434 -53.61 -30.08 4.60
CA GLN E 434 -53.38 -30.99 5.71
C GLN E 434 -52.84 -30.21 6.89
N ALA E 435 -53.51 -30.34 8.04
CA ALA E 435 -53.14 -29.58 9.22
C ALA E 435 -51.83 -30.09 9.81
N VAL E 436 -51.10 -29.19 10.46
CA VAL E 436 -49.78 -29.46 11.04
C VAL E 436 -49.81 -29.03 12.50
N LYS E 437 -49.89 -30.00 13.41
CA LYS E 437 -49.87 -29.71 14.84
C LYS E 437 -48.46 -29.60 15.41
N ASN E 438 -47.49 -30.30 14.81
CA ASN E 438 -46.13 -30.36 15.32
C ASN E 438 -45.17 -30.55 14.16
N ILE E 439 -43.88 -30.70 14.48
CA ILE E 439 -42.87 -30.90 13.44
C ILE E 439 -43.00 -32.30 12.83
N ALA E 440 -43.57 -33.25 13.56
CA ALA E 440 -43.77 -34.60 13.03
C ALA E 440 -44.90 -34.65 12.01
N GLU E 441 -46.00 -33.93 12.27
CA GLU E 441 -47.10 -33.88 11.32
C GLU E 441 -46.67 -33.18 10.02
N LEU E 442 -45.71 -32.25 10.11
CA LEU E 442 -45.28 -31.48 8.95
C LEU E 442 -44.44 -32.32 8.01
N ARG E 443 -43.43 -33.03 8.56
CA ARG E 443 -42.54 -33.82 7.71
C ARG E 443 -43.28 -34.94 7.00
N LYS E 444 -44.48 -35.30 7.45
CA LYS E 444 -45.31 -36.25 6.73
C LYS E 444 -45.64 -35.76 5.33
N VAL E 445 -45.56 -34.45 5.10
CA VAL E 445 -45.74 -33.89 3.77
C VAL E 445 -44.40 -33.74 3.05
N LEU E 446 -43.35 -33.37 3.78
CA LEU E 446 -42.01 -33.35 3.18
C LEU E 446 -41.59 -34.72 2.69
N ASP E 447 -42.10 -35.79 3.32
CA ASP E 447 -41.85 -37.14 2.83
C ASP E 447 -42.81 -37.51 1.71
N SER E 448 -43.98 -36.88 1.67
CA SER E 448 -44.88 -37.03 0.53
C SER E 448 -44.30 -36.41 -0.75
N LYS E 449 -43.34 -35.49 -0.60
CA LYS E 449 -42.62 -34.79 -1.66
C LYS E 449 -43.53 -34.41 -2.82
N PRO E 450 -44.42 -33.43 -2.64
CA PRO E 450 -45.24 -32.96 -3.75
C PRO E 450 -44.47 -31.95 -4.61
N SER E 451 -45.05 -31.66 -5.78
CA SER E 451 -44.39 -30.75 -6.71
C SER E 451 -44.33 -29.34 -6.16
N VAL E 452 -45.41 -28.88 -5.53
CA VAL E 452 -45.50 -27.52 -5.02
C VAL E 452 -46.07 -27.56 -3.61
N LEU E 453 -45.53 -26.73 -2.72
CA LEU E 453 -45.93 -26.69 -1.32
C LEU E 453 -46.55 -25.35 -1.00
N ALA E 454 -47.60 -25.36 -0.16
CA ALA E 454 -48.31 -24.15 0.26
C ALA E 454 -48.34 -24.13 1.79
N LEU E 455 -47.47 -23.34 2.39
CA LEU E 455 -47.38 -23.24 3.85
C LEU E 455 -48.40 -22.23 4.37
N ASN E 456 -49.34 -22.71 5.17
CA ASN E 456 -50.39 -21.86 5.76
C ASN E 456 -49.96 -21.41 7.15
N ILE E 457 -48.99 -20.50 7.17
CA ILE E 457 -48.53 -19.91 8.43
C ILE E 457 -49.53 -18.84 8.84
N GLN E 458 -49.38 -18.32 10.06
CA GLN E 458 -50.10 -17.12 10.46
C GLN E 458 -49.13 -16.19 11.16
N ARG E 459 -49.11 -14.93 10.74
CA ARG E 459 -48.31 -13.90 11.38
C ARG E 459 -49.24 -13.02 12.21
N GLY E 460 -49.08 -13.10 13.53
CA GLY E 460 -50.07 -12.47 14.40
C GLY E 460 -51.40 -13.20 14.27
N ASP E 461 -52.48 -12.41 14.34
CA ASP E 461 -53.82 -12.95 14.13
C ASP E 461 -54.21 -13.04 12.67
N SER E 462 -53.27 -12.82 11.76
CA SER E 462 -53.53 -12.79 10.33
C SER E 462 -53.25 -14.15 9.71
N THR E 463 -53.94 -14.42 8.60
CA THR E 463 -53.80 -15.69 7.87
C THR E 463 -53.20 -15.40 6.51
N ILE E 464 -52.01 -15.95 6.26
CA ILE E 464 -51.30 -15.77 5.01
C ILE E 464 -50.80 -17.13 4.51
N TYR E 465 -50.19 -17.12 3.32
CA TYR E 465 -49.61 -18.29 2.68
C TYR E 465 -48.21 -17.95 2.17
N LEU E 466 -47.36 -18.98 2.09
CA LEU E 466 -46.10 -18.90 1.40
C LEU E 466 -45.92 -20.14 0.54
N LEU E 467 -45.45 -19.94 -0.68
CA LEU E 467 -45.31 -21.02 -1.64
C LEU E 467 -43.83 -21.32 -1.90
N MET E 468 -43.55 -22.56 -2.29
CA MET E 468 -42.20 -23.00 -2.55
C MET E 468 -42.20 -23.97 -3.74
N GLN E 469 -41.06 -24.03 -4.42
CA GLN E 469 -40.86 -24.93 -5.55
C GLN E 469 -41.92 -24.71 -6.64
N GLN F 32 17.56 -49.16 27.08
CA GLN F 32 17.85 -49.59 25.72
C GLN F 32 16.84 -49.00 24.74
N MET F 33 17.32 -48.13 23.83
CA MET F 33 16.49 -47.36 22.91
C MET F 33 16.50 -47.99 21.53
N PRO F 34 15.35 -48.21 20.91
CA PRO F 34 15.35 -48.64 19.51
C PRO F 34 15.84 -47.54 18.59
N SER F 35 16.49 -47.95 17.50
CA SER F 35 16.99 -46.99 16.53
C SER F 35 17.19 -47.67 15.18
N LEU F 36 17.37 -46.85 14.16
CA LEU F 36 17.56 -47.32 12.79
C LEU F 36 19.01 -47.21 12.33
N ALA F 37 19.87 -46.59 13.13
CA ALA F 37 21.29 -46.49 12.80
C ALA F 37 21.94 -47.84 12.47
N PRO F 38 21.61 -48.95 13.12
CA PRO F 38 22.17 -50.24 12.67
C PRO F 38 21.87 -50.54 11.21
N MET F 39 20.62 -50.40 10.79
CA MET F 39 20.27 -50.65 9.40
C MET F 39 20.82 -49.55 8.48
N LEU F 40 20.85 -48.31 8.96
CA LEU F 40 21.13 -47.19 8.06
C LEU F 40 22.62 -47.09 7.73
N GLU F 41 23.49 -47.25 8.73
CA GLU F 41 24.92 -47.15 8.44
C GLU F 41 25.39 -48.27 7.51
N LYS F 42 24.59 -49.32 7.35
CA LYS F 42 24.91 -50.37 6.39
C LYS F 42 24.34 -50.08 5.00
N VAL F 43 23.20 -49.41 4.92
CA VAL F 43 22.51 -49.23 3.64
C VAL F 43 22.92 -47.92 2.96
N MET F 44 23.07 -46.84 3.73
CA MET F 44 23.30 -45.52 3.15
C MET F 44 24.46 -45.45 2.16
N PRO F 45 25.60 -46.14 2.36
CA PRO F 45 26.62 -46.16 1.30
C PRO F 45 26.12 -46.68 -0.04
N SER F 46 25.06 -47.49 -0.05
CA SER F 46 24.55 -48.04 -1.30
C SER F 46 23.66 -47.07 -2.06
N VAL F 47 23.23 -45.97 -1.44
CA VAL F 47 22.40 -44.96 -2.09
C VAL F 47 23.28 -43.75 -2.37
N VAL F 48 23.19 -43.22 -3.59
CA VAL F 48 24.05 -42.15 -4.05
C VAL F 48 23.23 -40.88 -4.26
N SER F 49 23.94 -39.78 -4.49
CA SER F 49 23.35 -38.53 -4.91
C SER F 49 23.87 -38.18 -6.30
N ILE F 50 22.98 -37.69 -7.16
CA ILE F 50 23.30 -37.45 -8.57
C ILE F 50 23.31 -35.95 -8.83
N ASN F 51 24.32 -35.50 -9.56
CA ASN F 51 24.34 -34.19 -10.19
C ASN F 51 24.40 -34.36 -11.69
N VAL F 52 23.56 -33.62 -12.41
CA VAL F 52 23.39 -33.77 -13.85
C VAL F 52 23.57 -32.41 -14.51
N GLU F 53 24.23 -32.40 -15.66
CA GLU F 53 24.46 -31.17 -16.41
C GLU F 53 24.05 -31.34 -17.88
N GLN F 103 19.02 -24.60 -24.60
CA GLN F 103 18.57 -24.50 -23.23
C GLN F 103 19.20 -25.58 -22.35
N LYS F 104 20.42 -25.31 -21.87
CA LYS F 104 21.14 -26.24 -21.00
C LYS F 104 20.74 -26.03 -19.55
N PHE F 105 20.65 -27.14 -18.82
CA PHE F 105 20.20 -27.11 -17.43
C PHE F 105 21.04 -28.03 -16.58
N MET F 106 20.94 -27.83 -15.27
CA MET F 106 21.64 -28.62 -14.27
C MET F 106 20.62 -29.08 -13.23
N ALA F 107 20.60 -30.38 -12.93
CA ALA F 107 19.64 -30.96 -12.02
C ALA F 107 20.32 -31.92 -11.05
N LEU F 108 19.54 -32.42 -10.10
CA LEU F 108 20.04 -33.35 -9.10
C LEU F 108 18.93 -34.32 -8.72
N GLY F 109 19.34 -35.52 -8.33
CA GLY F 109 18.42 -36.55 -7.93
C GLY F 109 19.12 -37.54 -7.03
N SER F 110 18.66 -38.80 -7.09
CA SER F 110 19.25 -39.86 -6.29
C SER F 110 19.24 -41.16 -7.08
N GLY F 111 20.09 -42.09 -6.65
CA GLY F 111 20.18 -43.39 -7.26
C GLY F 111 20.63 -44.40 -6.22
N VAL F 112 20.55 -45.68 -6.59
CA VAL F 112 20.92 -46.77 -5.70
C VAL F 112 21.79 -47.75 -6.45
N ILE F 113 22.94 -48.10 -5.87
CA ILE F 113 23.86 -49.05 -6.48
C ILE F 113 23.23 -50.44 -6.43
N ILE F 114 23.07 -51.06 -7.59
CA ILE F 114 22.48 -52.39 -7.70
C ILE F 114 23.54 -53.47 -7.80
N ASP F 115 24.58 -53.23 -8.60
CA ASP F 115 25.68 -54.17 -8.79
C ASP F 115 26.97 -53.45 -8.42
N ALA F 116 27.61 -53.90 -7.33
CA ALA F 116 28.77 -53.18 -6.81
C ALA F 116 29.95 -53.22 -7.77
N ASP F 117 30.15 -54.35 -8.43
CA ASP F 117 31.29 -54.49 -9.34
C ASP F 117 31.11 -53.62 -10.59
N LYS F 118 30.00 -53.80 -11.30
CA LYS F 118 29.76 -53.07 -12.54
C LYS F 118 29.38 -51.62 -12.30
N GLY F 119 29.16 -51.21 -11.05
CA GLY F 119 28.83 -49.83 -10.77
C GLY F 119 27.48 -49.40 -11.33
N TYR F 120 26.54 -50.33 -11.46
CA TYR F 120 25.23 -49.98 -11.97
C TYR F 120 24.43 -49.22 -10.91
N VAL F 121 23.89 -48.07 -11.29
CA VAL F 121 23.09 -47.24 -10.40
C VAL F 121 21.79 -46.92 -11.13
N VAL F 122 20.65 -47.26 -10.52
CA VAL F 122 19.35 -47.00 -11.09
C VAL F 122 18.79 -45.71 -10.51
N THR F 123 18.07 -44.95 -11.34
CA THR F 123 17.48 -43.69 -10.93
C THR F 123 16.26 -43.43 -11.81
N ASN F 124 15.63 -42.28 -11.60
CA ASN F 124 14.46 -41.91 -12.37
C ASN F 124 14.86 -41.31 -13.71
N ASN F 125 14.13 -41.69 -14.77
CA ASN F 125 14.48 -41.24 -16.11
C ASN F 125 14.32 -39.73 -16.24
N HIS F 126 13.33 -39.17 -15.57
CA HIS F 126 13.13 -37.72 -15.63
C HIS F 126 14.22 -36.95 -14.89
N VAL F 127 15.19 -37.63 -14.31
CA VAL F 127 16.34 -36.99 -13.68
C VAL F 127 17.54 -36.96 -14.62
N VAL F 128 17.71 -38.00 -15.43
CA VAL F 128 18.88 -38.14 -16.29
C VAL F 128 18.51 -38.01 -17.77
N ASP F 129 17.29 -37.62 -18.08
CA ASP F 129 16.94 -37.36 -19.47
C ASP F 129 17.56 -36.06 -19.94
N ASN F 130 17.98 -36.03 -21.21
CA ASN F 130 18.69 -34.89 -21.80
C ASN F 130 19.90 -34.50 -20.97
N ALA F 131 20.60 -35.52 -20.47
CA ALA F 131 21.80 -35.34 -19.66
C ALA F 131 23.02 -35.51 -20.56
N THR F 132 23.88 -34.51 -20.59
CA THR F 132 25.15 -34.62 -21.28
C THR F 132 26.26 -35.17 -20.38
N VAL F 133 26.31 -34.70 -19.13
CA VAL F 133 27.28 -35.16 -18.16
C VAL F 133 26.54 -35.68 -16.94
N ILE F 134 27.00 -36.79 -16.38
CA ILE F 134 26.36 -37.44 -15.24
C ILE F 134 27.43 -37.65 -14.18
N LYS F 135 27.34 -36.92 -13.07
CA LYS F 135 28.28 -37.04 -11.96
C LYS F 135 27.57 -37.57 -10.73
N VAL F 136 28.20 -38.52 -10.06
CA VAL F 136 27.63 -39.19 -8.89
C VAL F 136 28.49 -38.86 -7.67
N GLN F 137 27.83 -38.46 -6.58
CA GLN F 137 28.49 -38.23 -5.30
C GLN F 137 28.00 -39.29 -4.33
N LEU F 138 28.89 -40.18 -3.91
CA LEU F 138 28.53 -41.29 -3.04
C LEU F 138 28.20 -40.78 -1.64
N SER F 139 28.03 -41.72 -0.69
CA SER F 139 27.78 -41.34 0.69
C SER F 139 29.00 -40.66 1.31
N ASP F 140 30.20 -41.12 0.93
CA ASP F 140 31.44 -40.59 1.47
C ASP F 140 31.93 -39.34 0.74
N GLY F 141 31.25 -38.91 -0.32
CA GLY F 141 31.66 -37.75 -1.08
C GLY F 141 32.42 -38.07 -2.35
N ARG F 142 32.85 -39.31 -2.52
CA ARG F 142 33.59 -39.70 -3.73
C ARG F 142 32.76 -39.38 -4.98
N LYS F 143 33.41 -38.73 -5.94
CA LYS F 143 32.76 -38.40 -7.19
C LYS F 143 33.11 -39.42 -8.26
N PHE F 144 32.11 -39.76 -9.08
CA PHE F 144 32.30 -40.60 -10.25
C PHE F 144 31.53 -40.02 -11.41
N ASP F 145 31.84 -40.50 -12.60
CA ASP F 145 31.11 -40.14 -13.81
C ASP F 145 30.41 -41.38 -14.35
N ALA F 146 29.17 -41.20 -14.81
CA ALA F 146 28.35 -42.30 -15.28
C ALA F 146 27.82 -42.00 -16.67
N LYS F 147 27.54 -43.05 -17.43
CA LYS F 147 26.99 -42.92 -18.77
C LYS F 147 25.64 -43.62 -18.86
N MET F 148 24.83 -43.17 -19.80
CA MET F 148 23.51 -43.75 -19.99
C MET F 148 23.65 -45.21 -20.41
N VAL F 149 22.72 -46.05 -19.94
CA VAL F 149 22.71 -47.46 -20.29
C VAL F 149 21.36 -47.80 -20.91
N GLY F 150 20.29 -47.57 -20.16
CA GLY F 150 18.95 -47.75 -20.67
C GLY F 150 18.02 -46.67 -20.10
N LYS F 151 16.85 -46.55 -20.72
CA LYS F 151 15.88 -45.57 -20.26
C LYS F 151 14.49 -46.03 -20.68
N ASP F 152 13.50 -45.69 -19.85
CA ASP F 152 12.11 -46.06 -20.12
C ASP F 152 11.23 -44.96 -19.53
N PRO F 153 11.00 -43.89 -20.29
CA PRO F 153 10.19 -42.78 -19.75
C PRO F 153 8.76 -43.15 -19.48
N ARG F 154 8.23 -44.20 -20.12
CA ARG F 154 6.85 -44.61 -19.86
C ARG F 154 6.70 -45.11 -18.43
N SER F 155 7.77 -45.62 -17.83
CA SER F 155 7.77 -46.02 -16.43
C SER F 155 8.65 -45.12 -15.57
N ASP F 156 9.37 -44.18 -16.18
CA ASP F 156 10.17 -43.18 -15.47
C ASP F 156 11.30 -43.82 -14.70
N ILE F 157 11.93 -44.84 -15.29
CA ILE F 157 13.05 -45.54 -14.70
C ILE F 157 14.20 -45.55 -15.71
N ALA F 158 15.40 -45.22 -15.25
CA ALA F 158 16.58 -45.21 -16.09
C ALA F 158 17.75 -45.81 -15.33
N LEU F 159 18.73 -46.32 -16.08
CA LEU F 159 19.90 -46.96 -15.50
C LEU F 159 21.16 -46.29 -16.05
N ILE F 160 22.07 -45.94 -15.16
CA ILE F 160 23.37 -45.39 -15.53
C ILE F 160 24.45 -46.34 -14.98
N GLN F 161 25.67 -46.17 -15.49
CA GLN F 161 26.79 -47.04 -15.11
C GLN F 161 27.97 -46.18 -14.68
N ILE F 162 28.34 -46.29 -13.40
CA ILE F 162 29.52 -45.60 -12.90
C ILE F 162 30.75 -46.07 -13.66
N GLN F 163 31.54 -45.11 -14.14
CA GLN F 163 32.80 -45.41 -14.79
C GLN F 163 33.92 -45.40 -13.75
N ASN F 164 34.85 -46.34 -13.90
CA ASN F 164 35.92 -46.61 -12.94
C ASN F 164 35.37 -46.98 -11.57
N PRO F 165 34.60 -48.06 -11.45
CA PRO F 165 34.01 -48.40 -10.14
C PRO F 165 35.08 -48.92 -9.20
N LYS F 166 35.18 -48.30 -8.01
CA LYS F 166 36.18 -48.67 -7.02
C LYS F 166 35.51 -48.76 -5.66
N ASN F 167 35.45 -49.98 -5.12
CA ASN F 167 35.01 -50.25 -3.75
C ASN F 167 33.60 -49.70 -3.50
N LEU F 168 32.66 -50.29 -4.22
CA LEU F 168 31.25 -49.93 -4.11
C LEU F 168 30.51 -50.94 -3.25
N THR F 169 29.29 -50.58 -2.87
CA THR F 169 28.46 -51.41 -2.00
C THR F 169 27.08 -51.56 -2.63
N ALA F 170 26.75 -52.79 -3.03
CA ALA F 170 25.44 -53.06 -3.60
C ALA F 170 24.37 -53.09 -2.53
N ILE F 171 23.12 -52.96 -2.96
CA ILE F 171 21.97 -53.05 -2.07
C ILE F 171 21.27 -54.38 -2.32
N LYS F 172 20.76 -54.97 -1.25
CA LYS F 172 19.95 -56.18 -1.34
C LYS F 172 18.52 -55.80 -1.67
N MET F 173 17.95 -56.50 -2.66
CA MET F 173 16.57 -56.26 -3.05
C MET F 173 15.64 -57.29 -2.41
N ALA F 174 14.48 -56.82 -1.97
CA ALA F 174 13.42 -57.67 -1.49
C ALA F 174 12.34 -57.83 -2.55
N ASP F 175 11.48 -58.82 -2.33
CA ASP F 175 10.32 -59.03 -3.19
C ASP F 175 9.17 -58.18 -2.64
N SER F 176 8.76 -57.18 -3.40
CA SER F 176 7.72 -56.25 -2.95
C SER F 176 6.34 -56.89 -2.88
N ASP F 177 6.14 -58.01 -3.59
CA ASP F 177 4.84 -58.68 -3.58
C ASP F 177 4.40 -59.14 -2.20
N ALA F 178 5.30 -59.11 -1.21
CA ALA F 178 4.98 -59.45 0.16
C ALA F 178 4.69 -58.23 1.03
N LEU F 179 4.80 -57.03 0.47
CA LEU F 179 4.53 -55.83 1.24
C LEU F 179 3.06 -55.76 1.63
N ARG F 180 2.81 -55.25 2.83
CA ARG F 180 1.47 -55.16 3.38
C ARG F 180 1.24 -53.74 3.88
N VAL F 181 0.04 -53.22 3.64
CA VAL F 181 -0.28 -51.87 4.11
C VAL F 181 -0.22 -51.86 5.63
N GLY F 182 0.64 -51.01 6.17
CA GLY F 182 0.93 -50.97 7.59
C GLY F 182 2.37 -51.30 7.93
N ASP F 183 3.13 -51.82 6.97
CA ASP F 183 4.56 -52.04 7.16
C ASP F 183 5.28 -50.70 7.28
N TYR F 184 6.34 -50.68 8.08
CA TYR F 184 7.14 -49.47 8.25
C TYR F 184 8.10 -49.30 7.07
N THR F 185 8.26 -48.06 6.63
CA THR F 185 9.08 -47.74 5.46
C THR F 185 10.15 -46.72 5.81
N VAL F 186 11.20 -46.71 4.98
CA VAL F 186 12.35 -45.82 5.15
C VAL F 186 12.70 -45.20 3.81
N ALA F 187 12.82 -43.87 3.78
CA ALA F 187 13.05 -43.13 2.55
C ALA F 187 14.44 -42.51 2.60
N ILE F 188 15.26 -42.82 1.59
CA ILE F 188 16.61 -42.27 1.45
C ILE F 188 16.69 -41.52 0.14
N GLY F 189 17.22 -40.31 0.18
CA GLY F 189 17.35 -39.52 -1.03
C GLY F 189 18.25 -38.33 -0.83
N ASN F 190 18.17 -37.39 -1.77
CA ASN F 190 18.97 -36.16 -1.74
C ASN F 190 18.05 -34.95 -1.90
N PRO F 191 17.28 -34.61 -0.85
CA PRO F 191 16.33 -33.50 -0.95
C PRO F 191 17.04 -32.15 -1.10
N PHE F 192 16.75 -31.44 -2.19
CA PHE F 192 17.32 -30.13 -2.45
C PHE F 192 18.85 -30.15 -2.44
N GLY F 193 19.43 -31.30 -2.79
CA GLY F 193 20.87 -31.44 -2.83
C GLY F 193 21.55 -31.27 -1.49
N LEU F 194 20.76 -31.28 -0.40
CA LEU F 194 21.32 -31.08 0.94
C LEU F 194 22.25 -32.22 1.35
N GLY F 195 22.20 -33.34 0.64
CA GLY F 195 22.91 -34.54 1.04
C GLY F 195 21.95 -35.70 1.29
N GLU F 196 22.54 -36.87 1.51
CA GLU F 196 21.74 -38.06 1.76
C GLU F 196 20.91 -37.89 3.02
N THR F 197 19.60 -37.76 2.85
CA THR F 197 18.67 -37.51 3.94
C THR F 197 17.72 -38.69 4.10
N VAL F 198 17.51 -39.11 5.34
CA VAL F 198 16.71 -40.29 5.66
C VAL F 198 15.45 -39.84 6.39
N THR F 199 14.30 -40.35 5.96
CA THR F 199 13.01 -40.07 6.58
C THR F 199 12.20 -41.35 6.68
N SER F 200 11.25 -41.37 7.61
CA SER F 200 10.52 -42.57 7.98
C SER F 200 9.03 -42.44 7.64
N GLY F 201 8.37 -43.58 7.59
CA GLY F 201 6.94 -43.61 7.29
C GLY F 201 6.40 -45.01 7.37
N ILE F 202 5.23 -45.22 6.74
CA ILE F 202 4.58 -46.51 6.66
C ILE F 202 4.00 -46.69 5.27
N VAL F 203 3.59 -47.93 4.97
CA VAL F 203 2.91 -48.21 3.71
C VAL F 203 1.51 -47.64 3.76
N SER F 204 1.30 -46.48 3.13
CA SER F 204 -0.02 -45.88 3.12
C SER F 204 -1.00 -46.74 2.32
N ALA F 205 -0.61 -47.16 1.13
CA ALA F 205 -1.43 -48.01 0.27
C ALA F 205 -0.53 -48.56 -0.83
N LEU F 206 -1.11 -49.39 -1.69
CA LEU F 206 -0.39 -50.02 -2.77
C LEU F 206 -1.21 -49.93 -4.05
N GLY F 207 -0.51 -50.01 -5.18
CA GLY F 207 -1.17 -50.04 -6.47
C GLY F 207 -1.87 -48.77 -6.87
N ARG F 208 -1.60 -47.65 -6.19
CA ARG F 208 -2.23 -46.39 -6.54
C ARG F 208 -1.70 -45.87 -7.87
N SER F 209 -2.59 -45.23 -8.64
CA SER F 209 -2.24 -44.73 -9.95
C SER F 209 -3.28 -43.68 -10.36
N GLY F 210 -2.94 -42.89 -11.37
CA GLY F 210 -3.91 -41.98 -11.96
C GLY F 210 -3.40 -40.58 -12.26
N LEU F 211 -2.17 -40.26 -11.83
CA LEU F 211 -1.65 -38.92 -12.05
C LEU F 211 -1.21 -38.69 -13.50
N ASN F 212 -0.83 -39.75 -14.21
CA ASN F 212 -0.45 -39.65 -15.62
C ASN F 212 -0.91 -40.95 -16.29
N ALA F 213 -2.07 -40.89 -16.95
CA ALA F 213 -2.75 -42.10 -17.43
C ALA F 213 -1.94 -42.89 -18.45
N GLU F 214 -1.06 -42.24 -19.20
CA GLU F 214 -0.26 -42.93 -20.21
C GLU F 214 0.98 -43.60 -19.66
N ASN F 215 1.27 -43.44 -18.37
CA ASN F 215 2.44 -44.06 -17.75
C ASN F 215 2.06 -45.39 -17.11
N TYR F 216 3.00 -46.33 -17.14
CA TYR F 216 2.87 -47.59 -16.42
C TYR F 216 3.13 -47.31 -14.95
N GLU F 217 2.08 -47.21 -14.15
CA GLU F 217 2.21 -46.78 -12.76
C GLU F 217 1.47 -47.74 -11.85
N ASN F 218 2.21 -48.32 -10.90
CA ASN F 218 1.69 -49.24 -9.89
C ASN F 218 2.28 -48.85 -8.53
N PHE F 219 2.15 -47.57 -8.18
CA PHE F 219 2.99 -46.98 -7.14
C PHE F 219 2.70 -47.53 -5.75
N ILE F 220 3.74 -47.57 -4.94
CA ILE F 220 3.62 -47.71 -3.49
C ILE F 220 3.41 -46.32 -2.90
N GLN F 221 2.42 -46.17 -2.04
CA GLN F 221 2.16 -44.90 -1.39
C GLN F 221 2.66 -44.95 0.05
N THR F 222 3.34 -43.88 0.46
CA THR F 222 3.91 -43.80 1.79
C THR F 222 3.78 -42.38 2.32
N ASP F 223 3.62 -42.28 3.65
CA ASP F 223 3.66 -41.00 4.35
C ASP F 223 5.07 -40.59 4.73
N ALA F 224 6.08 -41.25 4.18
CA ALA F 224 7.46 -40.86 4.43
C ALA F 224 7.78 -39.57 3.69
N ALA F 225 8.52 -38.68 4.35
CA ALA F 225 8.84 -37.37 3.78
C ALA F 225 9.67 -37.52 2.51
N ILE F 226 9.16 -36.98 1.40
CA ILE F 226 9.81 -37.07 0.10
C ILE F 226 9.58 -35.75 -0.62
N ASN F 227 10.65 -35.14 -1.14
CA ASN F 227 10.55 -33.85 -1.80
C ASN F 227 11.40 -33.86 -3.06
N ARG F 228 11.58 -32.68 -3.64
CA ARG F 228 12.38 -32.52 -4.84
C ARG F 228 13.83 -32.91 -4.55
N GLY F 229 14.33 -33.90 -5.29
CA GLY F 229 15.65 -34.47 -5.06
C GLY F 229 15.62 -35.88 -4.54
N ASN F 230 14.54 -36.27 -3.86
CA ASN F 230 14.37 -37.67 -3.47
C ASN F 230 14.09 -38.57 -4.66
N ALA F 231 13.79 -37.98 -5.82
CA ALA F 231 13.55 -38.76 -7.03
C ALA F 231 14.72 -39.67 -7.34
N GLY F 232 14.42 -40.92 -7.67
CA GLY F 232 15.45 -41.93 -7.80
C GLY F 232 16.03 -42.40 -6.48
N GLY F 233 15.51 -41.94 -5.35
CA GLY F 233 15.99 -42.38 -4.06
C GLY F 233 15.48 -43.77 -3.71
N ALA F 234 15.87 -44.22 -2.53
CA ALA F 234 15.60 -45.58 -2.11
C ALA F 234 14.47 -45.64 -1.09
N LEU F 235 13.57 -46.59 -1.28
CA LEU F 235 12.56 -46.95 -0.29
C LEU F 235 12.87 -48.37 0.15
N VAL F 236 13.25 -48.52 1.41
CA VAL F 236 13.65 -49.80 1.96
C VAL F 236 12.73 -50.16 3.11
N ASN F 237 12.68 -51.44 3.45
CA ASN F 237 11.95 -51.90 4.63
C ASN F 237 12.86 -51.76 5.85
N LEU F 238 12.39 -52.27 7.00
CA LEU F 238 13.15 -52.11 8.24
C LEU F 238 14.45 -52.89 8.23
N ASN F 239 14.58 -53.92 7.38
CA ASN F 239 15.80 -54.69 7.26
C ASN F 239 16.72 -54.17 6.16
N GLY F 240 16.50 -52.95 5.68
CA GLY F 240 17.33 -52.37 4.65
C GLY F 240 17.20 -52.97 3.27
N GLU F 241 16.26 -53.89 3.06
CA GLU F 241 16.03 -54.46 1.74
C GLU F 241 15.27 -53.47 0.87
N LEU F 242 15.63 -53.41 -0.40
CA LEU F 242 15.02 -52.44 -1.32
C LEU F 242 13.60 -52.90 -1.67
N ILE F 243 12.62 -52.05 -1.36
CA ILE F 243 11.23 -52.36 -1.65
C ILE F 243 10.66 -51.48 -2.77
N GLY F 244 11.16 -50.26 -2.92
CA GLY F 244 10.64 -49.36 -3.93
C GLY F 244 11.60 -48.24 -4.20
N ILE F 245 11.31 -47.49 -5.26
CA ILE F 245 12.12 -46.36 -5.69
C ILE F 245 11.24 -45.13 -5.61
N ASN F 246 11.58 -44.23 -4.67
CA ASN F 246 10.86 -42.96 -4.55
C ASN F 246 10.86 -42.22 -5.88
N THR F 247 9.66 -41.89 -6.37
CA THR F 247 9.51 -41.35 -7.71
C THR F 247 8.77 -40.01 -7.71
N ALA F 248 7.56 -39.99 -7.15
CA ALA F 248 6.69 -38.83 -7.26
C ALA F 248 5.93 -38.62 -5.97
N ILE F 249 5.48 -37.38 -5.77
CA ILE F 249 4.62 -37.03 -4.65
C ILE F 249 3.40 -36.30 -5.19
N LEU F 250 2.35 -36.27 -4.36
CA LEU F 250 1.17 -35.47 -4.65
C LEU F 250 1.20 -34.26 -3.73
N ALA F 251 1.39 -33.09 -4.32
CA ALA F 251 1.51 -31.85 -3.55
C ALA F 251 0.84 -30.71 -4.30
N PRO F 252 -0.14 -30.05 -3.69
CA PRO F 252 -0.78 -28.90 -4.34
C PRO F 252 0.09 -27.66 -4.40
N ASP F 253 1.19 -27.60 -3.65
CA ASP F 253 2.03 -26.42 -3.57
C ASP F 253 3.50 -26.69 -3.90
N GLY F 254 3.86 -27.92 -4.23
CA GLY F 254 5.26 -28.26 -4.45
C GLY F 254 6.03 -28.65 -3.21
N GLY F 255 5.34 -28.87 -2.10
CA GLY F 255 5.97 -29.32 -0.87
C GLY F 255 5.21 -30.49 -0.28
N ASN F 256 5.96 -31.43 0.31
CA ASN F 256 5.39 -32.68 0.77
C ASN F 256 4.26 -32.44 1.77
N ILE F 257 3.17 -33.20 1.60
CA ILE F 257 2.03 -33.17 2.50
C ILE F 257 1.77 -34.55 3.11
N GLY F 258 2.78 -35.42 3.07
CA GLY F 258 2.62 -36.77 3.58
C GLY F 258 2.09 -37.75 2.58
N ILE F 259 2.28 -37.49 1.28
CA ILE F 259 1.82 -38.38 0.21
C ILE F 259 2.97 -38.51 -0.78
N GLY F 260 3.68 -39.62 -0.71
CA GLY F 260 4.75 -39.93 -1.64
C GLY F 260 4.50 -41.26 -2.31
N PHE F 261 5.01 -41.40 -3.53
CA PHE F 261 4.81 -42.60 -4.33
C PHE F 261 6.15 -43.19 -4.73
N ALA F 262 6.22 -44.52 -4.76
CA ALA F 262 7.43 -45.24 -5.10
C ALA F 262 7.12 -46.43 -5.99
N ILE F 263 8.01 -46.69 -6.95
CA ILE F 263 7.85 -47.81 -7.86
C ILE F 263 8.30 -49.09 -7.16
N PRO F 264 7.46 -50.12 -7.09
CA PRO F 264 7.86 -51.35 -6.39
C PRO F 264 9.17 -51.92 -6.93
N SER F 265 9.95 -52.52 -6.03
CA SER F 265 11.26 -53.02 -6.43
C SER F 265 11.15 -54.07 -7.52
N ASN F 266 10.13 -54.93 -7.43
CA ASN F 266 9.99 -56.03 -8.40
C ASN F 266 9.87 -55.51 -9.81
N MET F 267 9.14 -54.40 -10.00
CA MET F 267 9.09 -53.78 -11.31
C MET F 267 10.47 -53.28 -11.73
N VAL F 268 11.19 -52.63 -10.81
CA VAL F 268 12.54 -52.18 -11.11
C VAL F 268 13.47 -53.36 -11.37
N LYS F 269 13.23 -54.48 -10.66
CA LYS F 269 13.96 -55.71 -10.95
C LYS F 269 13.79 -56.12 -12.40
N ASN F 270 12.55 -56.19 -12.87
CA ASN F 270 12.30 -56.55 -14.27
C ASN F 270 12.78 -55.45 -15.22
N LEU F 271 12.59 -54.18 -14.83
CA LEU F 271 12.96 -53.08 -15.71
C LEU F 271 14.48 -52.97 -15.87
N THR F 272 15.23 -53.10 -14.78
CA THR F 272 16.67 -52.95 -14.86
C THR F 272 17.31 -54.12 -15.61
N SER F 273 16.82 -55.35 -15.36
CA SER F 273 17.44 -56.54 -15.95
C SER F 273 17.38 -56.50 -17.47
N GLN F 274 16.40 -55.80 -18.04
CA GLN F 274 16.35 -55.64 -19.48
C GLN F 274 17.38 -54.61 -19.96
N MET F 275 17.55 -53.53 -19.20
CA MET F 275 18.51 -52.51 -19.59
C MET F 275 19.94 -53.05 -19.59
N VAL F 276 20.24 -53.99 -18.70
CA VAL F 276 21.58 -54.57 -18.68
C VAL F 276 21.75 -55.54 -19.85
N GLU F 277 20.70 -56.28 -20.19
CA GLU F 277 20.83 -57.32 -21.21
C GLU F 277 20.54 -56.80 -22.61
N TYR F 278 19.63 -55.83 -22.76
CA TYR F 278 19.23 -55.36 -24.07
C TYR F 278 19.54 -53.89 -24.36
N GLY F 279 19.83 -53.08 -23.34
CA GLY F 279 20.08 -51.67 -23.55
C GLY F 279 18.84 -50.82 -23.72
N GLN F 280 17.71 -51.44 -24.09
CA GLN F 280 16.39 -50.82 -24.11
C GLN F 280 15.42 -51.81 -23.50
N VAL F 281 14.13 -51.51 -23.51
CA VAL F 281 13.13 -52.40 -22.91
C VAL F 281 12.36 -53.09 -24.04
N LYS F 282 12.40 -54.42 -24.03
CA LYS F 282 11.62 -55.23 -24.97
C LYS F 282 10.19 -55.31 -24.45
N ARG F 283 9.31 -54.49 -25.04
CA ARG F 283 7.95 -54.33 -24.55
C ARG F 283 7.05 -55.39 -25.15
N GLY F 284 6.39 -56.17 -24.29
CA GLY F 284 5.48 -57.20 -24.74
C GLY F 284 4.03 -56.80 -24.52
N GLU F 285 3.15 -57.42 -25.30
CA GLU F 285 1.71 -57.20 -25.16
C GLU F 285 0.99 -58.52 -25.32
N LEU F 286 -0.22 -58.59 -24.75
CA LEU F 286 -1.06 -59.76 -24.85
C LEU F 286 -2.10 -59.65 -25.96
N GLY F 287 -2.33 -58.44 -26.48
CA GLY F 287 -3.31 -58.25 -27.53
C GLY F 287 -4.74 -58.25 -27.04
N ILE F 288 -5.03 -57.52 -25.97
CA ILE F 288 -6.38 -57.35 -25.46
C ILE F 288 -6.62 -55.88 -25.15
N MET F 289 -7.85 -55.43 -25.37
CA MET F 289 -8.33 -54.15 -24.89
C MET F 289 -9.25 -54.37 -23.70
N GLY F 290 -9.41 -53.33 -22.90
CA GLY F 290 -10.25 -53.48 -21.73
C GLY F 290 -10.36 -52.19 -20.94
N THR F 291 -11.12 -52.27 -19.85
CA THR F 291 -11.29 -51.14 -18.95
C THR F 291 -11.56 -51.68 -17.56
N GLU F 292 -11.44 -50.80 -16.56
CA GLU F 292 -11.47 -51.22 -15.17
C GLU F 292 -12.87 -51.69 -14.78
N LEU F 293 -12.93 -52.40 -13.67
CA LEU F 293 -14.17 -53.01 -13.17
C LEU F 293 -14.71 -52.18 -12.00
N ASN F 294 -15.82 -51.46 -12.23
CA ASN F 294 -16.48 -50.71 -11.18
C ASN F 294 -17.66 -51.50 -10.61
N SER F 295 -18.19 -51.02 -9.48
CA SER F 295 -19.28 -51.72 -8.83
C SER F 295 -20.56 -51.65 -9.66
N GLU F 296 -20.71 -50.63 -10.49
CA GLU F 296 -21.93 -50.48 -11.28
C GLU F 296 -21.95 -51.41 -12.49
N LEU F 297 -20.78 -51.67 -13.10
CA LEU F 297 -20.74 -52.62 -14.20
C LEU F 297 -20.80 -54.06 -13.69
N ALA F 298 -20.35 -54.29 -12.45
CA ALA F 298 -20.52 -55.61 -11.84
C ALA F 298 -21.98 -55.97 -11.69
N LYS F 299 -22.84 -54.94 -11.53
CA LYS F 299 -24.27 -55.18 -11.44
C LYS F 299 -24.84 -55.71 -12.75
N ALA F 300 -24.48 -55.05 -13.87
CA ALA F 300 -25.11 -55.39 -15.15
C ALA F 300 -24.62 -56.73 -15.70
N MET F 301 -23.39 -57.10 -15.40
CA MET F 301 -22.78 -58.32 -15.95
C MET F 301 -22.80 -59.48 -14.97
N LYS F 302 -23.47 -59.33 -13.82
CA LYS F 302 -23.65 -60.42 -12.85
C LYS F 302 -22.30 -61.01 -12.43
N VAL F 303 -21.34 -60.13 -12.19
CA VAL F 303 -19.98 -60.50 -11.82
C VAL F 303 -19.81 -60.30 -10.32
N ASP F 304 -19.15 -61.26 -9.66
CA ASP F 304 -19.00 -61.20 -8.22
C ASP F 304 -18.03 -60.11 -7.79
N ALA F 305 -16.79 -60.18 -8.26
CA ALA F 305 -15.76 -59.25 -7.81
C ALA F 305 -16.09 -57.81 -8.22
N GLN F 306 -15.79 -56.87 -7.34
CA GLN F 306 -16.06 -55.46 -7.58
C GLN F 306 -14.88 -54.72 -8.17
N ARG F 307 -13.81 -55.42 -8.54
CA ARG F 307 -12.60 -54.73 -8.97
C ARG F 307 -11.75 -55.70 -9.78
N GLY F 308 -11.18 -55.20 -10.87
CA GLY F 308 -10.31 -56.02 -11.67
C GLY F 308 -10.24 -55.49 -13.10
N ALA F 309 -9.97 -56.42 -14.02
CA ALA F 309 -9.79 -56.11 -15.43
C ALA F 309 -10.92 -56.74 -16.23
N PHE F 310 -11.60 -55.92 -17.03
CA PHE F 310 -12.71 -56.33 -17.87
C PHE F 310 -12.23 -56.47 -19.32
N VAL F 311 -12.46 -57.63 -19.91
CA VAL F 311 -12.02 -57.91 -21.28
C VAL F 311 -13.00 -57.26 -22.25
N SER F 312 -12.61 -56.14 -22.84
CA SER F 312 -13.44 -55.52 -23.87
C SER F 312 -13.45 -56.37 -25.14
N GLN F 313 -12.26 -56.78 -25.60
CA GLN F 313 -12.12 -57.57 -26.81
C GLN F 313 -10.73 -58.20 -26.80
N VAL F 314 -10.58 -59.29 -27.55
CA VAL F 314 -9.28 -59.91 -27.76
C VAL F 314 -8.89 -59.70 -29.21
N LEU F 315 -7.69 -59.17 -29.42
CA LEU F 315 -7.20 -59.00 -30.78
C LEU F 315 -6.86 -60.36 -31.37
N PRO F 316 -7.22 -60.63 -32.62
CA PRO F 316 -6.80 -61.89 -33.25
C PRO F 316 -5.29 -61.93 -33.40
N ASN F 317 -4.77 -63.16 -33.49
CA ASN F 317 -3.33 -63.42 -33.56
C ASN F 317 -2.58 -62.92 -32.33
N SER F 318 -3.29 -62.73 -31.23
CA SER F 318 -2.68 -62.37 -29.96
C SER F 318 -2.51 -63.61 -29.10
N SER F 319 -1.51 -63.59 -28.23
CA SER F 319 -1.29 -64.71 -27.33
C SER F 319 -2.54 -65.01 -26.53
N ALA F 320 -3.25 -63.96 -26.09
CA ALA F 320 -4.49 -64.15 -25.36
C ALA F 320 -5.57 -64.80 -26.23
N ALA F 321 -5.64 -64.39 -27.50
CA ALA F 321 -6.58 -65.02 -28.42
C ALA F 321 -6.21 -66.48 -28.66
N LYS F 322 -4.94 -66.74 -28.94
CA LYS F 322 -4.48 -68.12 -29.09
C LYS F 322 -4.63 -68.92 -27.81
N ALA F 323 -4.62 -68.26 -26.65
CA ALA F 323 -4.78 -68.94 -25.37
C ALA F 323 -6.23 -69.24 -25.03
N GLY F 324 -7.19 -68.63 -25.71
CA GLY F 324 -8.59 -68.89 -25.45
C GLY F 324 -9.28 -67.88 -24.56
N ILE F 325 -8.75 -66.67 -24.46
CA ILE F 325 -9.47 -65.60 -23.78
C ILE F 325 -10.48 -65.00 -24.75
N LYS F 326 -11.73 -64.90 -24.31
CA LYS F 326 -12.78 -64.26 -25.07
C LYS F 326 -13.23 -62.99 -24.36
N ALA F 327 -13.96 -62.15 -25.08
CA ALA F 327 -14.50 -60.93 -24.50
C ALA F 327 -15.50 -61.27 -23.40
N GLY F 328 -15.72 -60.30 -22.51
CA GLY F 328 -16.60 -60.49 -21.38
C GLY F 328 -15.99 -61.20 -20.19
N ASP F 329 -14.72 -61.58 -20.26
CA ASP F 329 -14.05 -62.18 -19.13
C ASP F 329 -13.61 -61.11 -18.14
N VAL F 330 -13.44 -61.51 -16.89
CA VAL F 330 -12.99 -60.63 -15.82
C VAL F 330 -11.73 -61.22 -15.21
N ILE F 331 -10.65 -60.45 -15.24
CA ILE F 331 -9.38 -60.89 -14.67
C ILE F 331 -9.34 -60.51 -13.20
N THR F 332 -9.03 -61.49 -12.35
CA THR F 332 -8.99 -61.27 -10.91
C THR F 332 -7.59 -61.40 -10.30
N SER F 333 -6.69 -62.19 -10.90
CA SER F 333 -5.39 -62.44 -10.31
C SER F 333 -4.32 -62.53 -11.38
N LEU F 334 -3.08 -62.33 -10.96
CA LEU F 334 -1.90 -62.46 -11.82
C LEU F 334 -0.90 -63.35 -11.08
N ASN F 335 -0.69 -64.56 -11.58
CA ASN F 335 0.20 -65.53 -10.97
C ASN F 335 -0.21 -65.86 -9.53
N GLY F 336 -1.50 -65.72 -9.21
CA GLY F 336 -1.97 -65.98 -7.88
C GLY F 336 -2.26 -64.72 -7.09
N LYS F 337 -1.46 -63.68 -7.30
CA LYS F 337 -1.68 -62.42 -6.60
C LYS F 337 -2.94 -61.76 -7.12
N PRO F 338 -3.90 -61.41 -6.26
CA PRO F 338 -5.11 -60.72 -6.73
C PRO F 338 -4.76 -59.39 -7.37
N ILE F 339 -5.73 -58.86 -8.12
CA ILE F 339 -5.53 -57.64 -8.89
C ILE F 339 -6.30 -56.50 -8.24
N SER F 340 -5.68 -55.32 -8.24
CA SER F 340 -6.25 -54.13 -7.62
C SER F 340 -7.06 -53.30 -8.60
N SER F 341 -6.57 -53.15 -9.83
CA SER F 341 -7.30 -52.44 -10.87
C SER F 341 -6.73 -52.87 -12.21
N PHE F 342 -7.40 -52.46 -13.28
CA PHE F 342 -6.81 -52.64 -14.61
C PHE F 342 -5.53 -51.84 -14.73
N ALA F 343 -5.55 -50.58 -14.31
CA ALA F 343 -4.39 -49.71 -14.52
C ALA F 343 -3.15 -50.26 -13.82
N ALA F 344 -3.33 -50.87 -12.65
CA ALA F 344 -2.19 -51.46 -11.95
C ALA F 344 -1.69 -52.71 -12.67
N LEU F 345 -2.61 -53.59 -13.09
CA LEU F 345 -2.24 -54.77 -13.85
C LEU F 345 -1.51 -54.40 -15.14
N ARG F 346 -1.91 -53.28 -15.75
CA ARG F 346 -1.26 -52.83 -16.97
C ARG F 346 0.21 -52.52 -16.74
N ALA F 347 0.54 -51.93 -15.58
CA ALA F 347 1.92 -51.56 -15.31
C ALA F 347 2.80 -52.78 -15.04
N GLN F 348 2.23 -53.82 -14.44
CA GLN F 348 2.96 -55.05 -14.13
C GLN F 348 3.61 -55.64 -15.37
N VAL F 349 2.78 -56.12 -16.30
CA VAL F 349 3.29 -56.78 -17.50
C VAL F 349 3.97 -55.80 -18.46
N GLY F 350 3.65 -54.51 -18.39
CA GLY F 350 4.39 -53.51 -19.12
C GLY F 350 5.86 -53.48 -18.78
N THR F 351 6.28 -54.13 -17.69
CA THR F 351 7.68 -54.22 -17.31
C THR F 351 8.26 -55.61 -17.51
N MET F 352 7.41 -56.63 -17.72
CA MET F 352 7.91 -57.99 -17.88
C MET F 352 8.61 -58.13 -19.23
N PRO F 353 9.70 -58.89 -19.29
CA PRO F 353 10.36 -59.12 -20.57
C PRO F 353 9.48 -59.95 -21.50
N VAL F 354 9.70 -59.78 -22.80
CA VAL F 354 8.93 -60.51 -23.80
C VAL F 354 9.07 -62.01 -23.58
N GLY F 355 7.97 -62.74 -23.77
CA GLY F 355 7.96 -64.17 -23.60
C GLY F 355 7.72 -64.66 -22.20
N SER F 356 7.60 -63.75 -21.22
CA SER F 356 7.39 -64.13 -19.83
C SER F 356 6.15 -65.01 -19.69
N LYS F 357 6.34 -66.28 -19.35
CA LYS F 357 5.22 -67.19 -19.15
C LYS F 357 4.58 -66.90 -17.80
N LEU F 358 3.26 -66.66 -17.82
CA LEU F 358 2.53 -66.28 -16.62
C LEU F 358 1.20 -67.03 -16.56
N THR F 359 0.57 -66.97 -15.41
CA THR F 359 -0.74 -67.57 -15.17
C THR F 359 -1.71 -66.48 -14.69
N LEU F 360 -2.92 -66.49 -15.24
CA LEU F 360 -3.91 -65.48 -14.90
C LEU F 360 -5.15 -66.13 -14.30
N GLY F 361 -5.84 -65.37 -13.44
CA GLY F 361 -7.11 -65.81 -12.90
C GLY F 361 -8.26 -65.05 -13.52
N LEU F 362 -9.10 -65.75 -14.27
CA LEU F 362 -10.21 -65.13 -14.99
C LEU F 362 -11.53 -65.43 -14.31
N LEU F 363 -12.56 -64.72 -14.76
CA LEU F 363 -13.93 -64.92 -14.25
C LEU F 363 -14.86 -64.68 -15.43
N ARG F 364 -15.34 -65.75 -16.04
CA ARG F 364 -16.37 -65.68 -17.06
C ARG F 364 -17.57 -66.49 -16.61
N ASP F 365 -18.75 -65.88 -16.69
CA ASP F 365 -20.01 -66.52 -16.31
C ASP F 365 -19.93 -67.10 -14.90
N GLY F 366 -19.35 -66.32 -13.98
CA GLY F 366 -19.20 -66.75 -12.61
C GLY F 366 -18.46 -68.05 -12.43
N LYS F 367 -17.50 -68.33 -13.31
CA LYS F 367 -16.70 -69.55 -13.22
C LYS F 367 -15.23 -69.19 -13.27
N GLN F 368 -14.47 -69.72 -12.31
CA GLN F 368 -13.06 -69.39 -12.17
C GLN F 368 -12.26 -70.02 -13.31
N VAL F 369 -11.41 -69.22 -13.95
CA VAL F 369 -10.62 -69.66 -15.09
C VAL F 369 -9.15 -69.34 -14.86
N ASN F 370 -8.28 -70.29 -15.17
CA ASN F 370 -6.83 -70.10 -15.14
C ASN F 370 -6.29 -70.32 -16.54
N VAL F 371 -5.31 -69.52 -16.93
CA VAL F 371 -4.71 -69.60 -18.26
C VAL F 371 -3.22 -69.33 -18.17
N ASN F 372 -2.44 -70.07 -18.95
CA ASN F 372 -1.02 -69.82 -19.10
C ASN F 372 -0.81 -69.00 -20.38
N LEU F 373 0.04 -67.98 -20.30
CA LEU F 373 0.22 -67.05 -21.41
C LEU F 373 1.69 -66.77 -21.62
N GLU F 374 1.97 -66.11 -22.75
CA GLU F 374 3.34 -65.78 -23.16
C GLU F 374 3.29 -64.50 -23.96
N LEU F 375 3.97 -63.46 -23.48
CA LEU F 375 3.91 -62.15 -24.13
C LEU F 375 4.43 -62.23 -25.56
N GLN F 376 4.06 -61.24 -26.36
CA GLN F 376 4.47 -61.17 -27.75
C GLN F 376 4.91 -59.75 -28.07
N GLN F 377 5.41 -59.56 -29.29
CA GLN F 377 5.87 -58.26 -29.74
C GLN F 377 4.68 -57.40 -30.17
N SER F 378 4.90 -56.08 -30.21
CA SER F 378 3.90 -55.12 -30.66
C SER F 378 4.10 -54.75 -32.14
N PHE F 389 14.98 -67.79 -43.79
CA PHE F 389 14.28 -66.60 -44.29
C PHE F 389 14.72 -65.35 -43.55
N ASN F 390 14.34 -64.19 -44.09
CA ASN F 390 14.68 -62.89 -43.49
C ASN F 390 13.90 -61.76 -44.15
N GLY F 391 13.07 -61.08 -43.36
CA GLY F 391 12.33 -59.93 -43.85
C GLY F 391 13.06 -58.64 -43.54
N ILE F 392 13.17 -57.77 -44.54
CA ILE F 392 13.97 -56.56 -44.46
C ILE F 392 13.04 -55.36 -44.61
N GLU F 393 12.85 -54.63 -43.51
CA GLU F 393 12.21 -53.31 -43.51
C GLU F 393 10.74 -53.38 -43.90
N GLY F 394 10.01 -54.24 -43.20
CA GLY F 394 8.57 -54.31 -43.35
C GLY F 394 8.08 -55.12 -44.53
N ALA F 395 8.91 -56.02 -45.05
CA ALA F 395 8.51 -56.94 -46.11
C ALA F 395 8.97 -58.34 -45.74
N GLU F 396 8.03 -59.29 -45.74
CA GLU F 396 8.38 -60.69 -45.55
C GLU F 396 8.90 -61.25 -46.87
N MET F 397 10.10 -61.83 -46.85
CA MET F 397 10.70 -62.40 -48.04
C MET F 397 11.37 -63.72 -47.72
N SER F 398 11.65 -64.48 -48.78
CA SER F 398 12.34 -65.76 -48.69
C SER F 398 13.02 -66.02 -50.03
N ASN F 399 13.75 -67.12 -50.11
CA ASN F 399 14.42 -67.48 -51.35
C ASN F 399 13.50 -68.32 -52.23
N LYS F 400 13.83 -68.36 -53.51
CA LYS F 400 13.06 -69.11 -54.49
C LYS F 400 13.98 -70.00 -55.31
N GLY F 401 13.53 -71.23 -55.56
CA GLY F 401 14.28 -72.16 -56.40
C GLY F 401 15.68 -72.42 -55.88
N LYS F 402 16.63 -72.56 -56.79
CA LYS F 402 18.03 -72.80 -56.46
C LYS F 402 18.83 -71.56 -56.86
N ASP F 403 19.09 -70.68 -55.89
CA ASP F 403 19.78 -69.41 -56.13
C ASP F 403 19.09 -68.61 -57.24
N GLN F 404 17.76 -68.58 -57.19
CA GLN F 404 16.96 -67.84 -58.15
C GLN F 404 16.44 -66.52 -57.60
N GLY F 405 17.04 -66.04 -56.51
CA GLY F 405 16.69 -64.75 -55.95
C GLY F 405 15.86 -64.84 -54.68
N VAL F 406 15.45 -63.67 -54.22
CA VAL F 406 14.68 -63.52 -52.98
C VAL F 406 13.28 -63.09 -53.36
N VAL F 407 12.34 -64.04 -53.40
CA VAL F 407 10.96 -63.71 -53.69
C VAL F 407 10.33 -63.03 -52.48
N VAL F 408 9.56 -61.98 -52.74
CA VAL F 408 8.83 -61.29 -51.68
C VAL F 408 7.54 -62.03 -51.43
N ASN F 409 7.36 -62.56 -50.22
CA ASN F 409 6.18 -63.35 -49.89
C ASN F 409 4.96 -62.46 -49.70
N ASN F 410 5.03 -61.47 -48.82
CA ASN F 410 3.92 -60.58 -48.56
C ASN F 410 4.44 -59.22 -48.14
N VAL F 411 3.67 -58.19 -48.50
CA VAL F 411 3.92 -56.81 -48.06
C VAL F 411 2.62 -56.24 -47.53
N LYS F 412 2.65 -55.73 -46.30
CA LYS F 412 1.50 -55.09 -45.71
C LYS F 412 1.39 -53.65 -46.22
N THR F 413 0.20 -53.28 -46.68
CA THR F 413 -0.01 -51.92 -47.16
C THR F 413 0.22 -50.91 -46.05
N GLY F 414 1.07 -49.93 -46.30
CA GLY F 414 1.40 -48.91 -45.32
C GLY F 414 2.71 -49.09 -44.60
N THR F 415 3.49 -50.08 -44.98
CA THR F 415 4.80 -50.34 -44.37
C THR F 415 5.90 -49.63 -45.15
N PRO F 416 7.08 -49.44 -44.56
CA PRO F 416 8.21 -48.90 -45.34
C PRO F 416 8.52 -49.71 -46.59
N ALA F 417 8.09 -50.96 -46.65
CA ALA F 417 8.33 -51.77 -47.84
C ALA F 417 7.17 -51.77 -48.81
N ALA F 418 6.02 -51.20 -48.42
CA ALA F 418 4.92 -50.92 -49.33
C ALA F 418 4.91 -49.47 -49.77
N GLN F 419 5.76 -48.64 -49.17
CA GLN F 419 5.90 -47.27 -49.64
C GLN F 419 6.64 -47.23 -50.97
N ILE F 420 7.48 -48.22 -51.23
CA ILE F 420 8.22 -48.31 -52.47
C ILE F 420 7.68 -49.49 -53.27
N GLY F 421 6.34 -49.53 -53.45
CA GLY F 421 5.64 -50.56 -54.20
C GLY F 421 5.91 -51.95 -53.64
N LEU F 422 6.73 -52.71 -54.36
CA LEU F 422 7.10 -54.08 -53.99
C LEU F 422 5.86 -54.93 -53.75
N LYS F 423 4.94 -54.88 -54.72
CA LYS F 423 3.75 -55.71 -54.69
C LYS F 423 4.12 -57.16 -54.39
N LYS F 424 3.23 -57.84 -53.68
CA LYS F 424 3.47 -59.21 -53.25
C LYS F 424 3.79 -60.09 -54.45
N GLY F 425 4.90 -60.82 -54.36
CA GLY F 425 5.30 -61.75 -55.39
C GLY F 425 6.54 -61.36 -56.16
N ASP F 426 7.15 -60.22 -55.86
CA ASP F 426 8.34 -59.79 -56.60
C ASP F 426 9.50 -60.76 -56.39
N VAL F 427 10.36 -60.85 -57.39
CA VAL F 427 11.49 -61.78 -57.38
C VAL F 427 12.75 -61.00 -57.71
N ILE F 428 13.62 -60.83 -56.73
CA ILE F 428 14.85 -60.05 -56.86
C ILE F 428 15.94 -60.95 -57.43
N ILE F 429 16.35 -60.70 -58.67
CA ILE F 429 17.50 -61.42 -59.22
C ILE F 429 18.81 -60.74 -58.86
N GLY F 430 18.82 -59.40 -58.77
CA GLY F 430 20.02 -58.67 -58.42
C GLY F 430 19.66 -57.29 -57.92
N ALA F 431 20.70 -56.49 -57.65
CA ALA F 431 20.54 -55.12 -57.19
C ALA F 431 21.91 -54.44 -57.18
N ASN F 432 21.95 -53.19 -57.64
CA ASN F 432 23.17 -52.39 -57.69
C ASN F 432 24.28 -53.09 -58.49
N GLN F 433 23.89 -53.70 -59.61
CA GLN F 433 24.76 -54.39 -60.55
C GLN F 433 25.41 -55.63 -59.95
N GLN F 434 24.93 -56.11 -58.79
CA GLN F 434 25.38 -57.35 -58.18
C GLN F 434 24.24 -58.35 -58.15
N ALA F 435 24.55 -59.60 -58.48
CA ALA F 435 23.52 -60.64 -58.56
C ALA F 435 23.15 -61.14 -57.17
N VAL F 436 21.87 -61.32 -56.93
CA VAL F 436 21.34 -61.76 -55.64
C VAL F 436 20.82 -63.18 -55.83
N LYS F 437 21.51 -64.14 -55.22
CA LYS F 437 21.06 -65.52 -55.22
C LYS F 437 20.20 -65.85 -54.01
N ASN F 438 20.36 -65.10 -52.93
CA ASN F 438 19.80 -65.45 -51.63
C ASN F 438 19.74 -64.19 -50.78
N ILE F 439 19.16 -64.32 -49.58
CA ILE F 439 19.12 -63.20 -48.65
C ILE F 439 20.52 -62.91 -48.11
N ALA F 440 21.41 -63.90 -48.16
CA ALA F 440 22.77 -63.71 -47.64
C ALA F 440 23.60 -62.81 -48.54
N GLU F 441 23.61 -63.07 -49.85
CA GLU F 441 24.26 -62.15 -50.78
C GLU F 441 23.54 -60.82 -50.82
N LEU F 442 22.24 -60.80 -50.52
CA LEU F 442 21.51 -59.55 -50.34
C LEU F 442 21.96 -58.83 -49.07
N ARG F 443 21.91 -59.53 -47.93
CA ARG F 443 22.26 -58.90 -46.66
C ARG F 443 23.73 -58.52 -46.61
N LYS F 444 24.59 -59.24 -47.33
CA LYS F 444 25.98 -58.82 -47.45
C LYS F 444 26.12 -57.53 -48.24
N VAL F 445 25.13 -57.20 -49.07
CA VAL F 445 25.07 -55.87 -49.67
C VAL F 445 24.32 -54.89 -48.78
N LEU F 446 23.33 -55.36 -48.03
CA LEU F 446 22.69 -54.53 -47.02
C LEU F 446 23.68 -54.16 -45.92
N ASP F 447 24.57 -55.09 -45.56
CA ASP F 447 25.60 -54.81 -44.57
C ASP F 447 26.54 -53.70 -45.03
N SER F 448 26.69 -53.53 -46.35
CA SER F 448 27.44 -52.40 -46.88
C SER F 448 26.77 -51.07 -46.56
N LYS F 449 25.47 -51.08 -46.22
CA LYS F 449 24.70 -49.89 -45.89
C LYS F 449 24.85 -48.79 -46.94
N PRO F 450 24.33 -48.98 -48.15
CA PRO F 450 24.46 -47.96 -49.18
C PRO F 450 23.46 -46.82 -48.99
N SER F 451 23.85 -45.65 -49.51
CA SER F 451 22.98 -44.48 -49.39
C SER F 451 21.74 -44.60 -50.26
N VAL F 452 21.83 -45.30 -51.39
CA VAL F 452 20.72 -45.47 -52.33
C VAL F 452 20.78 -46.90 -52.85
N LEU F 453 19.60 -47.49 -53.05
CA LEU F 453 19.49 -48.91 -53.39
C LEU F 453 18.66 -49.06 -54.65
N ALA F 454 19.22 -49.72 -55.65
CA ALA F 454 18.53 -49.96 -56.91
C ALA F 454 18.32 -51.46 -57.06
N LEU F 455 17.07 -51.90 -56.95
CA LEU F 455 16.73 -53.31 -56.97
C LEU F 455 16.43 -53.79 -58.38
N ASN F 456 17.04 -54.91 -58.77
CA ASN F 456 16.80 -55.49 -60.10
C ASN F 456 15.85 -56.68 -59.99
N ILE F 457 14.61 -56.35 -59.63
CA ILE F 457 13.55 -57.35 -59.42
C ILE F 457 12.88 -57.67 -60.75
N GLN F 458 11.95 -58.62 -60.74
CA GLN F 458 11.10 -58.88 -61.90
C GLN F 458 9.68 -59.10 -61.43
N ARG F 459 8.78 -58.23 -61.88
CA ARG F 459 7.35 -58.33 -61.60
C ARG F 459 6.64 -58.84 -62.84
N GLY F 460 5.98 -59.99 -62.73
CA GLY F 460 5.43 -60.61 -63.91
C GLY F 460 6.55 -61.15 -64.78
N ASP F 461 6.34 -61.04 -66.10
CA ASP F 461 7.35 -61.46 -67.06
C ASP F 461 8.33 -60.34 -67.41
N SER F 462 8.23 -59.19 -66.73
CA SER F 462 9.03 -58.02 -67.03
C SER F 462 10.11 -57.81 -65.98
N THR F 463 11.13 -57.04 -66.35
CA THR F 463 12.26 -56.72 -65.48
C THR F 463 12.22 -55.23 -65.15
N ILE F 464 12.10 -54.89 -63.87
CA ILE F 464 11.99 -53.49 -63.46
C ILE F 464 13.07 -53.16 -62.42
N TYR F 465 13.09 -51.91 -61.96
CA TYR F 465 13.97 -51.48 -60.90
C TYR F 465 13.17 -50.71 -59.84
N LEU F 466 13.61 -50.80 -58.60
CA LEU F 466 13.02 -50.07 -57.49
C LEU F 466 14.12 -49.44 -56.66
N LEU F 467 13.81 -48.31 -56.03
CA LEU F 467 14.81 -47.48 -55.40
C LEU F 467 14.50 -47.26 -53.92
N MET F 468 15.55 -47.16 -53.12
CA MET F 468 15.44 -47.02 -51.68
C MET F 468 16.42 -45.98 -51.18
N GLN F 469 16.03 -45.29 -50.11
CA GLN F 469 16.94 -44.45 -49.32
C GLN F 469 17.63 -43.37 -50.17
N CYS G 1 -15.77 19.92 0.11
CA CYS G 1 -16.07 21.19 0.75
C CYS G 1 -14.80 21.85 1.30
N TYR G 2 -14.85 22.31 2.56
CA TYR G 2 -13.76 23.03 3.19
C TYR G 2 -12.68 22.09 3.70
N ARG G 3 -11.46 22.59 3.75
CA ARG G 3 -10.28 21.84 4.17
C ARG G 3 -9.55 22.58 5.27
N LYS G 4 -8.84 21.82 6.11
CA LYS G 4 -8.09 22.39 7.20
C LYS G 4 -6.66 22.75 6.74
N LEU G 5 -5.87 23.27 7.66
CA LEU G 5 -4.51 23.67 7.33
C LEU G 5 -3.52 23.06 8.32
N CYS H 1 -34.37 22.06 9.86
CA CYS H 1 -33.48 21.44 10.83
C CYS H 1 -33.37 22.31 12.09
N TYR H 2 -33.91 21.79 13.20
CA TYR H 2 -33.84 22.48 14.48
C TYR H 2 -32.57 22.06 15.21
N ARG H 3 -31.80 23.04 15.67
CA ARG H 3 -30.52 22.78 16.34
C ARG H 3 -30.59 23.23 17.80
N LYS H 4 -29.62 22.75 18.59
CA LYS H 4 -29.64 22.92 20.03
C LYS H 4 -28.67 24.01 20.47
N LEU H 5 -29.02 24.66 21.58
CA LEU H 5 -28.14 25.65 22.20
C LEU H 5 -27.46 25.04 23.42
N CYS I 1 5.57 19.27 -4.84
CA CYS I 1 6.54 20.06 -4.09
C CYS I 1 6.76 21.44 -4.72
N TYR I 2 7.95 21.66 -5.28
CA TYR I 2 8.34 22.95 -5.83
C TYR I 2 8.09 22.98 -7.34
N ARG I 3 7.98 24.20 -7.87
CA ARG I 3 7.75 24.41 -9.29
C ARG I 3 8.49 25.66 -9.74
N LYS I 4 8.58 25.82 -11.05
CA LYS I 4 9.23 26.97 -11.68
C LYS I 4 8.18 27.90 -12.28
N LEU I 5 8.67 28.95 -12.94
CA LEU I 5 7.79 29.91 -13.59
C LEU I 5 8.25 30.18 -15.02
N CYS J 1 25.56 18.19 5.47
CA CYS J 1 26.13 18.35 4.13
C CYS J 1 26.79 19.71 3.97
N TYR J 2 28.12 19.73 3.97
CA TYR J 2 28.87 20.98 3.89
C TYR J 2 29.23 21.30 2.45
N ARG J 3 28.95 22.53 2.02
CA ARG J 3 29.23 22.98 0.67
C ARG J 3 30.23 24.13 0.69
N LYS J 4 30.87 24.36 -0.45
CA LYS J 4 32.05 25.23 -0.56
C LYS J 4 31.65 26.63 -1.03
N LEU J 5 31.31 27.48 -0.06
CA LEU J 5 31.14 28.93 -0.27
C LEU J 5 30.54 29.32 -1.62
N CYS K 1 -8.00 25.35 -21.01
CA CYS K 1 -7.50 26.72 -21.11
C CYS K 1 -8.29 27.66 -20.20
N TYR K 2 -9.44 28.12 -20.68
CA TYR K 2 -10.22 29.17 -20.03
C TYR K 2 -11.31 28.58 -19.15
N ARG K 3 -11.72 29.37 -18.16
CA ARG K 3 -12.75 28.97 -17.20
C ARG K 3 -13.69 30.15 -16.97
N LYS K 4 -14.87 29.83 -16.43
CA LYS K 4 -15.91 30.82 -16.15
C LYS K 4 -16.04 31.02 -14.64
N LEU K 5 -17.06 31.79 -14.25
CA LEU K 5 -17.33 32.01 -12.83
C LEU K 5 -18.84 31.92 -12.58
N CYS L 1 -8.89 35.16 -38.53
CA CYS L 1 -8.39 36.46 -38.98
C CYS L 1 -9.52 37.25 -39.63
N TYR L 2 -10.61 36.58 -39.96
CA TYR L 2 -11.79 37.21 -40.55
C TYR L 2 -12.85 37.40 -39.47
N ARG L 3 -13.31 38.65 -39.30
CA ARG L 3 -14.31 38.96 -38.30
C ARG L 3 -14.97 40.29 -38.59
N LYS L 4 -16.30 40.33 -38.53
CA LYS L 4 -17.04 41.45 -39.09
C LYS L 4 -16.78 42.72 -38.30
N LEU L 5 -17.00 43.84 -38.99
CA LEU L 5 -17.13 45.18 -38.42
C LEU L 5 -16.66 45.32 -36.97
N CYS M 1 13.88 -20.33 -0.29
CA CYS M 1 14.86 -21.28 0.23
C CYS M 1 14.65 -21.59 1.71
N TYR M 2 15.64 -21.27 2.54
CA TYR M 2 15.60 -21.61 3.95
C TYR M 2 14.73 -20.62 4.73
N ARG M 3 14.01 -21.14 5.72
CA ARG M 3 13.09 -20.36 6.54
C ARG M 3 13.42 -20.56 8.02
N LYS M 4 12.93 -19.64 8.84
CA LYS M 4 13.08 -19.73 10.28
C LYS M 4 11.77 -20.20 10.90
N LEU M 5 11.72 -20.20 12.23
CA LEU M 5 10.52 -20.66 12.93
C LEU M 5 10.09 -19.64 13.98
N CYS N 1 34.56 -18.86 -0.82
CA CYS N 1 35.05 -17.71 -0.06
C CYS N 1 36.05 -18.15 1.01
N TYR N 2 36.94 -17.24 1.39
CA TYR N 2 37.91 -17.50 2.43
C TYR N 2 37.27 -17.27 3.79
N ARG N 3 37.25 -18.31 4.62
CA ARG N 3 36.71 -18.24 5.97
C ARG N 3 37.84 -18.45 6.98
N LYS N 4 37.65 -17.89 8.17
CA LYS N 4 38.72 -17.79 9.16
C LYS N 4 38.45 -18.70 10.35
N LEU N 5 39.53 -19.24 10.91
CA LEU N 5 39.46 -19.97 12.16
C LEU N 5 40.38 -19.32 13.19
N CYS O 1 -4.09 -20.67 7.60
CA CYS O 1 -4.84 -20.63 8.85
C CYS O 1 -5.68 -21.90 9.03
N TYR O 2 -6.64 -21.84 9.95
CA TYR O 2 -7.47 -23.01 10.23
C TYR O 2 -8.30 -23.37 9.01
N ARG O 3 -8.42 -24.67 8.76
CA ARG O 3 -9.11 -25.16 7.57
C ARG O 3 -9.79 -26.48 7.91
N LYS O 4 -10.84 -26.78 7.14
CA LYS O 4 -11.62 -27.98 7.34
C LYS O 4 -11.08 -29.10 6.44
N LEU O 5 -11.80 -30.22 6.40
CA LEU O 5 -11.46 -31.31 5.48
C LEU O 5 -12.73 -31.88 4.86
N CYS P 1 -15.67 -12.56 26.85
CA CYS P 1 -16.72 -13.36 26.26
C CYS P 1 -17.16 -14.49 27.19
N TYR P 2 -18.37 -14.35 27.75
CA TYR P 2 -18.93 -15.35 28.63
C TYR P 2 -19.88 -16.24 27.85
N ARG P 3 -19.69 -17.56 27.97
CA ARG P 3 -20.49 -18.54 27.25
C ARG P 3 -21.27 -19.39 28.24
N LYS P 4 -22.35 -19.98 27.76
CA LYS P 4 -23.31 -20.66 28.62
C LYS P 4 -23.14 -22.18 28.55
N LEU P 5 -23.43 -22.82 29.67
CA LEU P 5 -23.48 -24.27 29.72
C LEU P 5 -24.75 -24.70 30.44
N CYS Q 1 -2.82 -31.32 -13.73
CA CYS Q 1 -3.69 -31.57 -12.58
C CYS Q 1 -2.93 -32.26 -11.46
N TYR Q 2 -1.93 -33.05 -11.81
CA TYR Q 2 -1.15 -33.77 -10.83
C TYR Q 2 0.32 -33.73 -11.25
N ARG Q 3 1.22 -33.77 -10.27
CA ARG Q 3 2.63 -33.52 -10.49
C ARG Q 3 3.46 -34.69 -9.95
N LYS Q 4 4.74 -34.71 -10.33
CA LYS Q 4 5.69 -35.72 -9.87
C LYS Q 4 6.80 -35.10 -9.01
N LEU Q 5 7.95 -35.76 -8.95
CA LEU Q 5 9.11 -35.23 -8.24
C LEU Q 5 10.33 -35.09 -9.15
N CYS R 1 -12.81 -44.60 -22.80
CA CYS R 1 -11.40 -44.77 -23.11
C CYS R 1 -10.99 -46.23 -22.98
N TYR R 2 -10.71 -46.87 -24.12
CA TYR R 2 -10.26 -48.25 -24.13
C TYR R 2 -8.74 -48.29 -24.12
N ARG R 3 -8.17 -49.02 -23.17
CA ARG R 3 -6.74 -49.17 -23.03
C ARG R 3 -6.29 -50.48 -23.66
N LYS R 4 -5.04 -50.51 -24.11
CA LYS R 4 -4.49 -51.65 -24.82
C LYS R 4 -3.59 -52.47 -23.90
N LEU R 5 -3.60 -53.77 -24.11
CA LEU R 5 -2.71 -54.68 -23.40
C LEU R 5 -2.70 -56.03 -24.11
#